data_2CQY
#
_entry.id   2CQY
#
_entity_poly.entity_id   1
_entity_poly.type   'polypeptide(L)'
_entity_poly.pdbx_seq_one_letter_code
;GSSGSSGDKIESKLLAKKAEVNTIPGFDGVVKDAEEAVRIAREIGYPVMIKASAGGGGKGMRIAWDDEETRDGFRLSSQE
AASSFGDDRLLIEKFIDNPRHISGPSSG
;
_entity_poly.pdbx_strand_id   A
#
# COMPACT_ATOMS: atom_id res chain seq x y z
N GLY A 1 -13.76 -3.24 50.52
CA GLY A 1 -13.04 -4.50 50.60
C GLY A 1 -13.05 -5.27 49.30
N SER A 2 -11.88 -5.77 48.90
CA SER A 2 -11.77 -6.53 47.65
C SER A 2 -10.85 -7.73 47.83
N SER A 3 -11.00 -8.71 46.95
CA SER A 3 -10.19 -9.93 47.02
C SER A 3 -10.30 -10.73 45.73
N GLY A 4 -9.24 -11.44 45.38
CA GLY A 4 -9.24 -12.24 44.17
C GLY A 4 -8.43 -11.61 43.05
N SER A 5 -7.56 -12.40 42.43
CA SER A 5 -6.72 -11.91 41.35
C SER A 5 -6.29 -13.05 40.44
N SER A 6 -5.84 -12.71 39.23
CA SER A 6 -5.40 -13.71 38.27
C SER A 6 -4.53 -13.07 37.18
N GLY A 7 -3.65 -13.87 36.58
CA GLY A 7 -2.79 -13.37 35.54
C GLY A 7 -2.18 -14.47 34.71
N ASP A 8 -2.72 -14.70 33.52
CA ASP A 8 -2.22 -15.74 32.63
C ASP A 8 -0.77 -15.49 32.27
N LYS A 9 -0.49 -14.33 31.68
CA LYS A 9 0.87 -13.98 31.29
C LYS A 9 1.44 -15.00 30.33
N ILE A 10 0.61 -15.46 29.38
CA ILE A 10 1.04 -16.44 28.40
C ILE A 10 1.03 -15.84 26.99
N GLU A 11 2.21 -15.56 26.46
CA GLU A 11 2.34 -14.99 25.13
C GLU A 11 3.79 -14.99 24.66
N SER A 12 3.99 -15.01 23.36
CA SER A 12 5.33 -15.02 22.78
C SER A 12 6.15 -16.19 23.33
N LYS A 13 5.56 -17.38 23.29
CA LYS A 13 6.23 -18.58 23.77
C LYS A 13 7.26 -19.08 22.76
N LEU A 14 8.53 -19.05 23.16
CA LEU A 14 9.61 -19.49 22.29
C LEU A 14 9.77 -18.55 21.09
N LEU A 15 9.39 -17.30 21.28
CA LEU A 15 9.50 -16.30 20.21
C LEU A 15 10.18 -15.03 20.72
N ALA A 16 11.23 -14.62 20.02
CA ALA A 16 11.97 -13.42 20.40
C ALA A 16 12.17 -12.50 19.21
N LYS A 17 11.70 -11.26 19.33
CA LYS A 17 11.82 -10.28 18.26
C LYS A 17 12.58 -9.05 18.73
N LYS A 18 13.20 -8.35 17.80
CA LYS A 18 13.96 -7.15 18.12
C LYS A 18 13.07 -5.91 18.07
N ALA A 19 12.17 -5.88 17.09
CA ALA A 19 11.25 -4.75 16.93
C ALA A 19 9.84 -5.24 16.61
N GLU A 20 8.84 -4.56 17.17
CA GLU A 20 7.45 -4.92 16.96
C GLU A 20 7.19 -5.22 15.48
N VAL A 21 7.10 -6.51 15.16
CA VAL A 21 6.85 -6.93 13.78
C VAL A 21 5.40 -7.35 13.59
N ASN A 22 4.49 -6.62 14.21
CA ASN A 22 3.06 -6.92 14.10
C ASN A 22 2.43 -6.13 12.96
N THR A 23 2.46 -6.71 11.77
CA THR A 23 1.89 -6.07 10.58
C THR A 23 1.52 -7.09 9.52
N ILE A 24 0.76 -6.66 8.53
CA ILE A 24 0.33 -7.55 7.45
C ILE A 24 1.21 -7.36 6.21
N PRO A 25 1.59 -8.49 5.59
CA PRO A 25 2.44 -8.48 4.39
C PRO A 25 1.70 -7.93 3.17
N GLY A 26 0.42 -7.63 3.34
CA GLY A 26 -0.38 -7.11 2.25
C GLY A 26 -1.87 -7.14 2.54
N PHE A 27 -2.50 -5.97 2.52
CA PHE A 27 -3.93 -5.88 2.79
C PHE A 27 -4.74 -6.16 1.52
N ASP A 28 -5.51 -7.24 1.54
CA ASP A 28 -6.33 -7.62 0.40
C ASP A 28 -7.81 -7.37 0.69
N GLY A 29 -8.08 -6.69 1.80
CA GLY A 29 -9.45 -6.40 2.17
C GLY A 29 -10.13 -5.45 1.20
N VAL A 30 -10.82 -4.45 1.74
CA VAL A 30 -11.51 -3.47 0.92
C VAL A 30 -11.77 -2.18 1.69
N VAL A 31 -11.68 -1.04 0.99
CA VAL A 31 -11.90 0.25 1.62
C VAL A 31 -13.32 0.73 1.39
N LYS A 32 -13.93 1.30 2.44
CA LYS A 32 -15.29 1.80 2.35
C LYS A 32 -15.30 3.29 1.98
N ASP A 33 -14.41 4.05 2.60
CA ASP A 33 -14.32 5.48 2.34
C ASP A 33 -12.86 5.95 2.36
N ALA A 34 -12.61 7.10 1.76
CA ALA A 34 -11.26 7.67 1.73
C ALA A 34 -10.60 7.60 3.10
N GLU A 35 -11.32 8.10 4.12
CA GLU A 35 -10.80 8.11 5.47
C GLU A 35 -10.26 6.74 5.87
N GLU A 36 -11.04 5.70 5.59
CA GLU A 36 -10.65 4.33 5.92
C GLU A 36 -9.41 3.93 5.12
N ALA A 37 -9.32 4.41 3.89
CA ALA A 37 -8.19 4.10 3.02
C ALA A 37 -6.88 4.62 3.62
N VAL A 38 -6.96 5.73 4.33
CA VAL A 38 -5.79 6.33 4.96
C VAL A 38 -5.33 5.51 6.16
N ARG A 39 -6.28 5.12 7.00
CA ARG A 39 -5.97 4.33 8.19
C ARG A 39 -5.27 3.02 7.80
N ILE A 40 -5.85 2.31 6.85
CA ILE A 40 -5.28 1.05 6.38
C ILE A 40 -3.89 1.25 5.80
N ALA A 41 -3.75 2.26 4.94
CA ALA A 41 -2.48 2.56 4.31
C ALA A 41 -1.37 2.70 5.36
N ARG A 42 -1.57 3.63 6.30
CA ARG A 42 -0.60 3.87 7.35
C ARG A 42 -0.10 2.55 7.94
N GLU A 43 -1.03 1.64 8.21
CA GLU A 43 -0.68 0.34 8.78
C GLU A 43 0.25 -0.43 7.85
N ILE A 44 -0.02 -0.35 6.55
CA ILE A 44 0.79 -1.04 5.56
C ILE A 44 2.15 -0.37 5.40
N GLY A 45 2.18 0.95 5.54
CA GLY A 45 3.42 1.69 5.41
C GLY A 45 3.61 2.26 4.02
N TYR A 46 3.54 3.58 3.92
CA TYR A 46 3.71 4.26 2.63
C TYR A 46 5.10 4.00 2.06
N PRO A 47 5.20 4.05 0.72
CA PRO A 47 4.06 4.34 -0.15
C PRO A 47 3.05 3.19 -0.18
N VAL A 48 1.83 3.50 -0.61
CA VAL A 48 0.77 2.50 -0.68
C VAL A 48 0.03 2.58 -2.00
N MET A 49 -0.01 1.46 -2.74
CA MET A 49 -0.70 1.41 -4.02
C MET A 49 -2.19 1.21 -3.83
N ILE A 50 -2.98 1.91 -4.65
CA ILE A 50 -4.44 1.80 -4.57
C ILE A 50 -5.03 1.37 -5.91
N LYS A 51 -5.70 0.21 -5.91
CA LYS A 51 -6.30 -0.31 -7.12
C LYS A 51 -7.80 -0.54 -6.91
N ALA A 52 -8.51 -0.83 -8.00
CA ALA A 52 -9.94 -1.08 -7.93
C ALA A 52 -10.23 -2.56 -7.70
N SER A 53 -10.84 -2.87 -6.56
CA SER A 53 -11.16 -4.25 -6.22
C SER A 53 -11.86 -4.95 -7.38
N ALA A 54 -12.86 -4.28 -7.95
CA ALA A 54 -13.60 -4.83 -9.07
C ALA A 54 -12.67 -5.27 -10.19
N GLY A 55 -11.58 -4.53 -10.37
CA GLY A 55 -10.63 -4.87 -11.41
C GLY A 55 -9.19 -4.68 -10.95
N GLY A 56 -8.71 -3.44 -10.99
CA GLY A 56 -7.35 -3.16 -10.58
C GLY A 56 -6.44 -2.84 -11.75
N GLY A 57 -5.35 -3.60 -11.88
CA GLY A 57 -4.42 -3.37 -12.96
C GLY A 57 -3.50 -2.19 -12.71
N GLY A 58 -2.23 -2.47 -12.43
CA GLY A 58 -1.27 -1.42 -12.17
C GLY A 58 -1.38 -0.28 -13.16
N LYS A 59 -1.58 -0.63 -14.43
CA LYS A 59 -1.69 0.37 -15.49
C LYS A 59 -3.08 1.00 -15.50
N GLY A 60 -3.20 2.18 -14.90
CA GLY A 60 -4.47 2.87 -14.85
C GLY A 60 -4.80 3.38 -13.46
N MET A 61 -4.45 2.61 -12.45
CA MET A 61 -4.70 2.99 -11.07
C MET A 61 -3.75 4.10 -10.62
N ARG A 62 -3.85 4.48 -9.36
CA ARG A 62 -3.01 5.52 -8.81
C ARG A 62 -2.37 5.08 -7.49
N ILE A 63 -1.27 5.72 -7.11
CA ILE A 63 -0.57 5.40 -5.88
C ILE A 63 -0.50 6.60 -4.95
N ALA A 64 -0.55 6.35 -3.65
CA ALA A 64 -0.48 7.41 -2.66
C ALA A 64 0.75 7.27 -1.77
N TRP A 65 1.27 8.39 -1.29
CA TRP A 65 2.44 8.38 -0.43
C TRP A 65 2.14 8.99 0.93
N ASP A 66 1.02 9.71 1.02
CA ASP A 66 0.61 10.34 2.26
C ASP A 66 -0.91 10.43 2.35
N ASP A 67 -1.43 10.46 3.57
CA ASP A 67 -2.87 10.54 3.79
C ASP A 67 -3.53 11.42 2.74
N GLU A 68 -2.93 12.56 2.46
CA GLU A 68 -3.47 13.49 1.46
C GLU A 68 -3.63 12.79 0.11
N GLU A 69 -2.57 12.13 -0.34
CA GLU A 69 -2.60 11.43 -1.62
C GLU A 69 -3.59 10.26 -1.58
N THR A 70 -3.59 9.53 -0.48
CA THR A 70 -4.49 8.40 -0.32
C THR A 70 -5.93 8.80 -0.59
N ARG A 71 -6.30 10.00 -0.16
CA ARG A 71 -7.65 10.50 -0.36
C ARG A 71 -7.87 10.93 -1.80
N ASP A 72 -7.02 11.82 -2.29
CA ASP A 72 -7.12 12.32 -3.66
C ASP A 72 -7.19 11.15 -4.64
N GLY A 73 -6.41 10.11 -4.39
CA GLY A 73 -6.40 8.96 -5.26
C GLY A 73 -7.59 8.05 -5.04
N PHE A 74 -8.05 7.98 -3.79
CA PHE A 74 -9.19 7.14 -3.44
C PHE A 74 -10.48 7.68 -4.07
N ARG A 75 -10.65 8.99 -4.00
CA ARG A 75 -11.83 9.64 -4.56
C ARG A 75 -11.99 9.31 -6.04
N LEU A 76 -10.88 9.33 -6.78
CA LEU A 76 -10.89 9.04 -8.20
C LEU A 76 -10.93 7.54 -8.44
N SER A 77 -9.97 6.82 -7.86
CA SER A 77 -9.88 5.38 -8.02
C SER A 77 -11.24 4.73 -7.75
N SER A 78 -11.91 5.18 -6.69
CA SER A 78 -13.21 4.64 -6.32
C SER A 78 -14.26 4.99 -7.38
N GLN A 79 -14.25 6.24 -7.81
CA GLN A 79 -15.20 6.71 -8.81
C GLN A 79 -15.05 5.92 -10.12
N GLU A 80 -13.81 5.56 -10.44
CA GLU A 80 -13.53 4.80 -11.65
C GLU A 80 -14.21 3.43 -11.61
N ALA A 81 -13.93 2.67 -10.56
CA ALA A 81 -14.51 1.35 -10.40
C ALA A 81 -16.04 1.40 -10.42
N ALA A 82 -16.59 2.52 -9.96
CA ALA A 82 -18.03 2.70 -9.93
C ALA A 82 -18.60 2.78 -11.35
N SER A 83 -17.73 3.02 -12.32
CA SER A 83 -18.14 3.12 -13.71
C SER A 83 -17.61 1.95 -14.54
N SER A 84 -16.43 1.46 -14.15
CA SER A 84 -15.81 0.33 -14.84
C SER A 84 -16.60 -0.95 -14.65
N PHE A 85 -16.71 -1.39 -13.40
CA PHE A 85 -17.45 -2.60 -13.07
C PHE A 85 -18.82 -2.27 -12.50
N GLY A 86 -18.92 -1.08 -11.90
CA GLY A 86 -20.18 -0.66 -11.30
C GLY A 86 -20.05 -0.31 -9.84
N ASP A 87 -19.28 -1.11 -9.11
CA ASP A 87 -19.07 -0.88 -7.69
C ASP A 87 -17.88 0.06 -7.46
N ASP A 88 -17.75 0.55 -6.24
CA ASP A 88 -16.67 1.45 -5.88
C ASP A 88 -15.63 0.75 -5.01
N ARG A 89 -15.66 -0.58 -5.02
CA ARG A 89 -14.74 -1.37 -4.23
C ARG A 89 -13.30 -1.07 -4.62
N LEU A 90 -12.50 -0.61 -3.66
CA LEU A 90 -11.10 -0.27 -3.89
C LEU A 90 -10.18 -1.28 -3.21
N LEU A 91 -8.88 -1.10 -3.40
CA LEU A 91 -7.89 -1.99 -2.80
C LEU A 91 -6.64 -1.20 -2.39
N ILE A 92 -5.87 -1.78 -1.46
CA ILE A 92 -4.66 -1.13 -0.99
C ILE A 92 -3.55 -2.16 -0.76
N GLU A 93 -2.46 -2.02 -1.50
CA GLU A 93 -1.33 -2.93 -1.37
C GLU A 93 -0.04 -2.17 -1.09
N LYS A 94 0.94 -2.87 -0.52
CA LYS A 94 2.22 -2.26 -0.20
C LYS A 94 3.05 -2.03 -1.47
N PHE A 95 3.54 -0.80 -1.63
CA PHE A 95 4.35 -0.46 -2.80
C PHE A 95 5.82 -0.34 -2.42
N ILE A 96 6.66 -1.17 -3.05
CA ILE A 96 8.09 -1.15 -2.78
C ILE A 96 8.89 -1.04 -4.07
N ASP A 97 9.48 0.12 -4.30
CA ASP A 97 10.28 0.35 -5.51
C ASP A 97 11.36 -0.71 -5.64
N ASN A 98 12.13 -0.91 -4.58
CA ASN A 98 13.20 -1.90 -4.58
C ASN A 98 12.65 -3.30 -4.39
N PRO A 99 13.30 -4.30 -5.01
CA PRO A 99 12.90 -5.70 -4.92
C PRO A 99 13.14 -6.29 -3.53
N ARG A 100 13.73 -5.48 -2.65
CA ARG A 100 14.01 -5.91 -1.29
C ARG A 100 12.94 -5.43 -0.32
N HIS A 101 12.61 -6.26 0.66
CA HIS A 101 11.60 -5.92 1.66
C HIS A 101 12.25 -5.42 2.95
N ILE A 102 12.29 -4.11 3.10
CA ILE A 102 12.89 -3.51 4.30
C ILE A 102 11.81 -3.06 5.28
N SER A 103 10.83 -3.92 5.50
CA SER A 103 9.74 -3.61 6.43
C SER A 103 10.26 -2.89 7.66
N GLY A 104 9.81 -1.65 7.85
CA GLY A 104 10.24 -0.88 9.00
C GLY A 104 10.19 0.62 8.74
N PRO A 105 10.94 1.39 9.54
CA PRO A 105 11.00 2.85 9.40
C PRO A 105 11.70 3.30 8.13
N SER A 106 11.53 4.57 7.78
CA SER A 106 12.16 5.12 6.58
C SER A 106 12.28 6.64 6.69
N SER A 107 13.18 7.20 5.89
CA SER A 107 13.41 8.65 5.89
C SER A 107 12.15 9.38 5.44
N GLY A 108 12.05 10.66 5.82
CA GLY A 108 10.90 11.45 5.45
C GLY A 108 11.14 12.94 5.65
N GLY A 1 26.27 -38.61 -39.67
CA GLY A 1 25.73 -37.74 -38.64
C GLY A 1 26.81 -36.99 -37.89
N SER A 2 26.40 -35.97 -37.13
CA SER A 2 27.34 -35.17 -36.36
C SER A 2 26.66 -34.54 -35.16
N SER A 3 27.44 -34.27 -34.11
CA SER A 3 26.90 -33.67 -32.89
C SER A 3 27.90 -32.68 -32.30
N GLY A 4 27.38 -31.70 -31.55
CA GLY A 4 28.23 -30.71 -30.94
C GLY A 4 27.47 -29.77 -30.01
N SER A 5 28.12 -29.36 -28.93
CA SER A 5 27.49 -28.47 -27.97
C SER A 5 27.69 -27.01 -28.36
N SER A 6 27.04 -26.10 -27.63
CA SER A 6 27.14 -24.68 -27.91
C SER A 6 27.49 -23.90 -26.64
N GLY A 7 28.09 -24.59 -25.69
CA GLY A 7 28.46 -23.95 -24.44
C GLY A 7 27.26 -23.51 -23.63
N ASP A 8 27.24 -23.87 -22.34
CA ASP A 8 26.14 -23.51 -21.47
C ASP A 8 26.52 -23.70 -20.00
N LYS A 9 26.07 -22.79 -19.15
CA LYS A 9 26.37 -22.86 -17.72
C LYS A 9 25.53 -21.85 -16.94
N ILE A 10 24.85 -22.33 -15.91
CA ILE A 10 24.02 -21.46 -15.09
C ILE A 10 24.19 -21.78 -13.60
N GLU A 11 24.31 -20.73 -12.79
CA GLU A 11 24.50 -20.90 -11.35
C GLU A 11 24.21 -19.58 -10.62
N SER A 12 23.87 -19.70 -9.34
CA SER A 12 23.56 -18.53 -8.53
C SER A 12 23.61 -18.88 -7.04
N LYS A 13 23.64 -17.85 -6.20
CA LYS A 13 23.68 -18.04 -4.76
C LYS A 13 22.73 -17.08 -4.05
N LEU A 14 22.37 -17.42 -2.81
CA LEU A 14 21.46 -16.59 -2.03
C LEU A 14 21.39 -17.07 -0.58
N LEU A 15 21.97 -16.29 0.33
CA LEU A 15 21.98 -16.64 1.74
C LEU A 15 21.20 -15.60 2.56
N ALA A 16 19.93 -15.87 2.80
CA ALA A 16 19.09 -14.97 3.58
C ALA A 16 19.00 -15.42 5.02
N LYS A 17 19.95 -14.96 5.84
CA LYS A 17 19.97 -15.32 7.26
C LYS A 17 18.70 -14.84 7.96
N LYS A 18 18.12 -13.76 7.44
CA LYS A 18 16.90 -13.21 8.02
C LYS A 18 15.70 -13.53 7.14
N ALA A 19 14.70 -14.18 7.74
CA ALA A 19 13.48 -14.54 7.01
C ALA A 19 12.24 -14.10 7.77
N GLU A 20 11.84 -12.85 7.57
CA GLU A 20 10.66 -12.30 8.24
C GLU A 20 10.34 -10.90 7.74
N VAL A 21 9.06 -10.60 7.61
CA VAL A 21 8.62 -9.30 7.13
C VAL A 21 8.47 -8.31 8.29
N ASN A 22 8.51 -7.02 7.96
CA ASN A 22 8.39 -5.97 8.97
C ASN A 22 6.93 -5.54 9.14
N THR A 23 6.25 -5.31 8.01
CA THR A 23 4.85 -4.90 8.04
C THR A 23 3.98 -5.91 7.30
N ILE A 24 2.68 -5.62 7.24
CA ILE A 24 1.73 -6.49 6.57
C ILE A 24 2.20 -6.82 5.16
N PRO A 25 2.08 -8.11 4.78
CA PRO A 25 2.48 -8.58 3.45
C PRO A 25 1.56 -8.07 2.35
N GLY A 26 0.53 -7.32 2.74
CA GLY A 26 -0.41 -6.78 1.78
C GLY A 26 -1.76 -6.47 2.40
N PHE A 27 -2.78 -6.36 1.56
CA PHE A 27 -4.13 -6.06 2.02
C PHE A 27 -5.15 -6.25 0.90
N ASP A 28 -6.33 -6.73 1.27
CA ASP A 28 -7.40 -6.95 0.29
C ASP A 28 -8.70 -6.33 0.76
N GLY A 29 -8.93 -6.36 2.07
CA GLY A 29 -10.15 -5.79 2.63
C GLY A 29 -10.54 -4.50 1.95
N VAL A 30 -11.45 -4.59 0.98
CA VAL A 30 -11.92 -3.42 0.25
C VAL A 30 -12.18 -2.25 1.21
N VAL A 31 -11.77 -1.05 0.80
CA VAL A 31 -11.96 0.14 1.60
C VAL A 31 -13.43 0.55 1.64
N LYS A 32 -13.82 1.25 2.70
CA LYS A 32 -15.19 1.72 2.85
C LYS A 32 -15.30 3.21 2.57
N ASP A 33 -14.27 3.95 2.95
CA ASP A 33 -14.25 5.40 2.72
C ASP A 33 -12.82 5.93 2.77
N ALA A 34 -12.59 7.07 2.13
CA ALA A 34 -11.28 7.70 2.11
C ALA A 34 -10.60 7.59 3.47
N GLU A 35 -11.32 8.00 4.52
CA GLU A 35 -10.77 7.96 5.87
C GLU A 35 -10.25 6.57 6.20
N GLU A 36 -11.01 5.54 5.82
CA GLU A 36 -10.62 4.17 6.07
C GLU A 36 -9.36 3.80 5.29
N ALA A 37 -9.29 4.29 4.06
CA ALA A 37 -8.15 4.01 3.19
C ALA A 37 -6.87 4.60 3.78
N VAL A 38 -7.00 5.73 4.46
CA VAL A 38 -5.86 6.40 5.07
C VAL A 38 -5.28 5.57 6.21
N ARG A 39 -6.14 5.12 7.12
CA ARG A 39 -5.72 4.32 8.25
C ARG A 39 -5.03 3.04 7.78
N ILE A 40 -5.70 2.30 6.90
CA ILE A 40 -5.15 1.06 6.39
C ILE A 40 -3.78 1.28 5.75
N ALA A 41 -3.68 2.30 4.91
CA ALA A 41 -2.43 2.63 4.25
C ALA A 41 -1.30 2.81 5.26
N ARG A 42 -1.52 3.69 6.23
CA ARG A 42 -0.53 3.95 7.26
C ARG A 42 0.01 2.65 7.85
N GLU A 43 -0.86 1.67 7.99
CA GLU A 43 -0.48 0.37 8.54
C GLU A 43 0.45 -0.37 7.58
N ILE A 44 0.10 -0.35 6.29
CA ILE A 44 0.90 -1.02 5.28
C ILE A 44 2.26 -0.37 5.13
N GLY A 45 2.29 0.96 5.21
CA GLY A 45 3.54 1.68 5.09
C GLY A 45 3.71 2.31 3.72
N TYR A 46 3.65 3.63 3.66
CA TYR A 46 3.80 4.35 2.40
C TYR A 46 5.20 4.15 1.81
N PRO A 47 5.31 4.25 0.48
CA PRO A 47 4.16 4.56 -0.38
C PRO A 47 3.17 3.40 -0.45
N VAL A 48 1.92 3.70 -0.79
CA VAL A 48 0.89 2.69 -0.91
C VAL A 48 0.11 2.84 -2.20
N MET A 49 0.02 1.76 -2.97
CA MET A 49 -0.70 1.76 -4.24
C MET A 49 -2.18 1.50 -4.01
N ILE A 50 -3.01 2.12 -4.85
CA ILE A 50 -4.46 1.96 -4.75
C ILE A 50 -5.05 1.48 -6.07
N LYS A 51 -5.71 0.32 -6.03
CA LYS A 51 -6.32 -0.24 -7.23
C LYS A 51 -7.83 -0.36 -7.06
N ALA A 52 -8.51 -0.78 -8.11
CA ALA A 52 -9.97 -0.95 -8.08
C ALA A 52 -10.34 -2.41 -7.85
N SER A 53 -10.92 -2.69 -6.69
CA SER A 53 -11.33 -4.04 -6.35
C SER A 53 -12.09 -4.69 -7.49
N ALA A 54 -13.07 -3.96 -8.04
CA ALA A 54 -13.86 -4.46 -9.14
C ALA A 54 -12.98 -4.98 -10.27
N GLY A 55 -11.84 -4.34 -10.47
CA GLY A 55 -10.92 -4.74 -11.51
C GLY A 55 -9.48 -4.85 -11.03
N GLY A 56 -8.85 -3.70 -10.80
CA GLY A 56 -7.48 -3.70 -10.32
C GLY A 56 -6.53 -4.37 -11.30
N GLY A 57 -5.35 -3.77 -11.48
CA GLY A 57 -4.37 -4.33 -12.39
C GLY A 57 -2.94 -3.99 -11.98
N GLY A 58 -2.54 -2.75 -12.24
CA GLY A 58 -1.20 -2.32 -11.90
C GLY A 58 -0.68 -1.21 -12.80
N LYS A 59 -1.16 -1.21 -14.04
CA LYS A 59 -0.75 -0.21 -15.02
C LYS A 59 -1.91 0.71 -15.39
N GLY A 60 -2.17 1.70 -14.54
CA GLY A 60 -3.25 2.63 -14.78
C GLY A 60 -3.84 3.20 -13.50
N MET A 61 -3.90 2.37 -12.47
CA MET A 61 -4.45 2.79 -11.19
C MET A 61 -3.69 4.00 -10.64
N ARG A 62 -4.04 4.42 -9.44
CA ARG A 62 -3.40 5.57 -8.80
C ARG A 62 -2.59 5.13 -7.58
N ILE A 63 -1.60 5.93 -7.22
CA ILE A 63 -0.75 5.63 -6.07
C ILE A 63 -0.67 6.84 -5.13
N ALA A 64 -0.56 6.56 -3.83
CA ALA A 64 -0.46 7.61 -2.83
C ALA A 64 0.77 7.42 -1.96
N TRP A 65 1.28 8.53 -1.41
CA TRP A 65 2.46 8.48 -0.56
C TRP A 65 2.14 9.01 0.84
N ASP A 66 1.02 9.72 0.96
CA ASP A 66 0.60 10.28 2.24
C ASP A 66 -0.91 10.31 2.34
N ASP A 67 -1.41 10.46 3.57
CA ASP A 67 -2.85 10.51 3.81
C ASP A 67 -3.55 11.39 2.78
N GLU A 68 -3.03 12.60 2.60
CA GLU A 68 -3.61 13.53 1.64
C GLU A 68 -3.77 12.88 0.27
N GLU A 69 -2.72 12.19 -0.18
CA GLU A 69 -2.74 11.52 -1.47
C GLU A 69 -3.72 10.35 -1.47
N THR A 70 -3.67 9.56 -0.40
CA THR A 70 -4.56 8.41 -0.27
C THR A 70 -6.00 8.78 -0.56
N ARG A 71 -6.51 9.77 0.17
CA ARG A 71 -7.88 10.23 -0.01
C ARG A 71 -8.11 10.74 -1.43
N ASP A 72 -7.40 11.81 -1.79
CA ASP A 72 -7.52 12.39 -3.11
C ASP A 72 -7.53 11.31 -4.18
N GLY A 73 -6.75 10.26 -3.97
CA GLY A 73 -6.68 9.18 -4.93
C GLY A 73 -7.83 8.20 -4.78
N PHE A 74 -8.28 8.01 -3.55
CA PHE A 74 -9.38 7.09 -3.26
C PHE A 74 -10.69 7.62 -3.85
N ARG A 75 -10.87 8.94 -3.80
CA ARG A 75 -12.07 9.56 -4.32
C ARG A 75 -12.15 9.41 -5.84
N LEU A 76 -10.99 9.41 -6.48
CA LEU A 76 -10.93 9.28 -7.93
C LEU A 76 -10.97 7.81 -8.35
N SER A 77 -10.01 7.03 -7.86
CA SER A 77 -9.94 5.61 -8.18
C SER A 77 -11.27 4.93 -7.92
N SER A 78 -12.08 5.52 -7.04
CA SER A 78 -13.39 4.97 -6.71
C SER A 78 -14.36 5.14 -7.86
N GLN A 79 -14.44 6.35 -8.39
CA GLN A 79 -15.35 6.64 -9.50
C GLN A 79 -15.05 5.74 -10.70
N GLU A 80 -13.76 5.49 -10.94
CA GLU A 80 -13.35 4.64 -12.04
C GLU A 80 -14.01 3.26 -11.95
N ALA A 81 -13.95 2.66 -10.77
CA ALA A 81 -14.53 1.35 -10.55
C ALA A 81 -16.06 1.43 -10.53
N ALA A 82 -16.58 2.56 -10.08
CA ALA A 82 -18.03 2.76 -10.01
C ALA A 82 -18.65 2.70 -11.40
N SER A 83 -17.94 3.25 -12.38
CA SER A 83 -18.44 3.27 -13.76
C SER A 83 -17.94 2.05 -14.52
N SER A 84 -16.65 1.78 -14.42
CA SER A 84 -16.04 0.63 -15.11
C SER A 84 -16.87 -0.63 -14.88
N PHE A 85 -16.78 -1.18 -13.67
CA PHE A 85 -17.52 -2.39 -13.33
C PHE A 85 -18.90 -2.05 -12.77
N GLY A 86 -18.92 -1.15 -11.78
CA GLY A 86 -20.18 -0.76 -11.17
C GLY A 86 -20.02 -0.39 -9.72
N ASP A 87 -19.13 -1.08 -9.02
CA ASP A 87 -18.88 -0.83 -7.60
C ASP A 87 -17.65 0.03 -7.42
N ASP A 88 -17.55 0.68 -6.26
CA ASP A 88 -16.41 1.53 -5.95
C ASP A 88 -15.35 0.78 -5.15
N ARG A 89 -15.64 -0.48 -4.84
CA ARG A 89 -14.73 -1.31 -4.08
C ARG A 89 -13.29 -1.06 -4.52
N LEU A 90 -12.51 -0.43 -3.64
CA LEU A 90 -11.12 -0.14 -3.94
C LEU A 90 -10.19 -1.11 -3.22
N LEU A 91 -8.88 -0.99 -3.49
CA LEU A 91 -7.89 -1.86 -2.86
C LEU A 91 -6.61 -1.09 -2.56
N ILE A 92 -5.82 -1.61 -1.63
CA ILE A 92 -4.56 -0.98 -1.25
C ILE A 92 -3.47 -2.02 -1.03
N GLU A 93 -2.36 -1.86 -1.74
CA GLU A 93 -1.24 -2.78 -1.62
C GLU A 93 0.08 -2.01 -1.45
N LYS A 94 1.03 -2.63 -0.74
CA LYS A 94 2.33 -2.01 -0.51
C LYS A 94 3.05 -1.75 -1.82
N PHE A 95 3.59 -0.55 -1.96
CA PHE A 95 4.32 -0.17 -3.18
C PHE A 95 5.82 -0.14 -2.92
N ILE A 96 6.54 -1.10 -3.48
CA ILE A 96 7.99 -1.18 -3.31
C ILE A 96 8.70 -1.20 -4.67
N ASP A 97 9.45 -0.14 -4.94
CA ASP A 97 10.18 -0.03 -6.20
C ASP A 97 11.33 -1.03 -6.25
N ASN A 98 11.89 -1.34 -5.07
CA ASN A 98 13.00 -2.28 -4.98
C ASN A 98 12.50 -3.68 -4.64
N PRO A 99 13.16 -4.70 -5.20
CA PRO A 99 12.80 -6.11 -4.97
C PRO A 99 13.12 -6.56 -3.55
N ARG A 100 12.59 -7.71 -3.17
CA ARG A 100 12.82 -8.26 -1.84
C ARG A 100 12.61 -9.77 -1.82
N HIS A 101 12.86 -10.38 -0.67
CA HIS A 101 12.70 -11.83 -0.53
C HIS A 101 11.25 -12.18 -0.19
N ILE A 102 10.93 -13.47 -0.24
CA ILE A 102 9.58 -13.94 0.05
C ILE A 102 9.59 -14.98 1.16
N SER A 103 8.71 -14.81 2.14
CA SER A 103 8.62 -15.74 3.26
C SER A 103 7.93 -17.03 2.84
N GLY A 104 6.68 -16.92 2.42
CA GLY A 104 5.93 -18.09 1.98
C GLY A 104 4.50 -17.75 1.58
N PRO A 105 3.74 -18.77 1.16
CA PRO A 105 2.36 -18.60 0.73
C PRO A 105 1.43 -18.27 1.90
N SER A 106 2.01 -18.12 3.08
CA SER A 106 1.24 -17.81 4.27
C SER A 106 0.72 -16.36 4.22
N SER A 107 -0.59 -16.21 4.41
CA SER A 107 -1.22 -14.89 4.37
C SER A 107 -0.77 -14.06 5.58
N GLY A 108 -0.73 -14.69 6.74
CA GLY A 108 -0.31 -13.98 7.95
C GLY A 108 1.11 -13.50 7.88
N GLY A 1 1.40 -24.92 -27.73
CA GLY A 1 1.49 -25.05 -26.29
C GLY A 1 2.33 -23.95 -25.65
N SER A 2 2.54 -24.05 -24.35
CA SER A 2 3.32 -23.05 -23.62
C SER A 2 4.66 -23.64 -23.18
N SER A 3 5.74 -23.16 -23.80
CA SER A 3 7.08 -23.64 -23.48
C SER A 3 7.59 -22.99 -22.20
N GLY A 4 7.60 -21.65 -22.18
CA GLY A 4 8.06 -20.93 -21.02
C GLY A 4 9.55 -21.14 -20.76
N SER A 5 10.27 -20.03 -20.59
CA SER A 5 11.71 -20.10 -20.34
C SER A 5 12.13 -19.03 -19.35
N SER A 6 12.58 -19.45 -18.17
CA SER A 6 13.02 -18.52 -17.14
C SER A 6 13.70 -19.26 -15.99
N GLY A 7 14.71 -18.63 -15.41
CA GLY A 7 15.42 -19.25 -14.30
C GLY A 7 16.59 -18.40 -13.82
N ASP A 8 17.13 -18.74 -12.66
CA ASP A 8 18.24 -18.00 -12.08
C ASP A 8 18.82 -18.73 -10.88
N LYS A 9 20.04 -18.37 -10.49
CA LYS A 9 20.70 -19.00 -9.35
C LYS A 9 21.10 -17.95 -8.32
N ILE A 10 20.56 -18.09 -7.11
CA ILE A 10 20.86 -17.15 -6.03
C ILE A 10 20.57 -17.77 -4.67
N GLU A 11 21.51 -17.61 -3.74
CA GLU A 11 21.34 -18.16 -2.40
C GLU A 11 20.44 -17.27 -1.55
N SER A 12 20.47 -15.97 -1.83
CA SER A 12 19.66 -15.00 -1.10
C SER A 12 19.55 -15.39 0.37
N LYS A 13 20.70 -15.68 0.99
CA LYS A 13 20.74 -16.07 2.39
C LYS A 13 21.03 -14.86 3.28
N LEU A 14 20.42 -13.72 2.95
CA LEU A 14 20.62 -12.50 3.72
C LEU A 14 19.31 -12.01 4.33
N LEU A 15 18.95 -12.58 5.48
CA LEU A 15 17.72 -12.20 6.16
C LEU A 15 17.93 -10.96 7.01
N ALA A 16 16.84 -10.24 7.29
CA ALA A 16 16.90 -9.03 8.08
C ALA A 16 16.27 -9.24 9.46
N LYS A 17 15.01 -9.68 9.47
CA LYS A 17 14.29 -9.92 10.71
C LYS A 17 14.20 -8.64 11.55
N LYS A 18 13.75 -7.56 10.92
CA LYS A 18 13.61 -6.29 11.60
C LYS A 18 12.14 -5.97 11.86
N ALA A 19 11.36 -7.00 12.15
CA ALA A 19 9.94 -6.83 12.42
C ALA A 19 9.39 -7.98 13.27
N GLU A 20 8.74 -7.64 14.36
CA GLU A 20 8.18 -8.64 15.26
C GLU A 20 6.64 -8.60 15.23
N VAL A 21 6.07 -9.32 14.28
CA VAL A 21 4.62 -9.37 14.13
C VAL A 21 3.98 -8.04 14.51
N ASN A 22 4.47 -6.96 13.91
CA ASN A 22 3.96 -5.63 14.18
C ASN A 22 2.71 -5.35 13.36
N THR A 23 2.88 -5.26 12.04
CA THR A 23 1.76 -5.00 11.14
C THR A 23 1.62 -6.10 10.11
N ILE A 24 0.68 -5.93 9.18
CA ILE A 24 0.45 -6.91 8.13
C ILE A 24 1.30 -6.60 6.90
N PRO A 25 1.92 -7.66 6.33
CA PRO A 25 2.76 -7.53 5.14
C PRO A 25 1.95 -7.20 3.89
N GLY A 26 0.65 -7.00 4.06
CA GLY A 26 -0.21 -6.67 2.94
C GLY A 26 -1.66 -6.52 3.34
N PHE A 27 -2.55 -6.41 2.35
CA PHE A 27 -3.97 -6.25 2.61
C PHE A 27 -4.78 -6.49 1.34
N ASP A 28 -5.68 -7.48 1.39
CA ASP A 28 -6.52 -7.80 0.26
C ASP A 28 -7.96 -7.39 0.50
N GLY A 29 -8.22 -6.84 1.69
CA GLY A 29 -9.57 -6.42 2.03
C GLY A 29 -10.11 -5.39 1.07
N VAL A 30 -11.01 -4.54 1.56
CA VAL A 30 -11.61 -3.49 0.73
C VAL A 30 -11.81 -2.22 1.53
N VAL A 31 -11.68 -1.08 0.85
CA VAL A 31 -11.86 0.22 1.49
C VAL A 31 -13.31 0.69 1.41
N LYS A 32 -13.75 1.40 2.44
CA LYS A 32 -15.12 1.91 2.48
C LYS A 32 -15.15 3.40 2.14
N ASP A 33 -14.27 4.16 2.77
CA ASP A 33 -14.20 5.60 2.54
C ASP A 33 -12.76 6.09 2.60
N ALA A 34 -12.50 7.22 1.95
CA ALA A 34 -11.16 7.80 1.93
C ALA A 34 -10.49 7.68 3.29
N GLU A 35 -11.22 8.03 4.34
CA GLU A 35 -10.69 7.96 5.70
C GLU A 35 -10.18 6.55 6.01
N GLU A 36 -11.00 5.55 5.71
CA GLU A 36 -10.63 4.17 5.96
C GLU A 36 -9.37 3.78 5.19
N ALA A 37 -9.31 4.21 3.93
CA ALA A 37 -8.16 3.91 3.09
C ALA A 37 -6.87 4.44 3.71
N VAL A 38 -6.94 5.63 4.31
CA VAL A 38 -5.78 6.23 4.95
C VAL A 38 -5.28 5.38 6.11
N ARG A 39 -6.21 4.98 6.98
CA ARG A 39 -5.86 4.16 8.14
C ARG A 39 -5.21 2.85 7.70
N ILE A 40 -5.82 2.20 6.72
CA ILE A 40 -5.31 0.94 6.20
C ILE A 40 -3.94 1.11 5.57
N ALA A 41 -3.78 2.20 4.82
CA ALA A 41 -2.51 2.48 4.15
C ALA A 41 -1.40 2.72 5.16
N ARG A 42 -1.63 3.65 6.10
CA ARG A 42 -0.65 3.97 7.12
C ARG A 42 -0.13 2.70 7.79
N GLU A 43 -1.04 1.75 8.01
CA GLU A 43 -0.66 0.49 8.65
C GLU A 43 0.34 -0.28 7.79
N ILE A 44 0.07 -0.34 6.49
CA ILE A 44 0.95 -1.05 5.56
C ILE A 44 2.31 -0.35 5.47
N GLY A 45 2.29 0.97 5.39
CA GLY A 45 3.52 1.73 5.29
C GLY A 45 3.70 2.36 3.92
N TYR A 46 3.63 3.68 3.87
CA TYR A 46 3.79 4.41 2.62
C TYR A 46 5.19 4.23 2.06
N PRO A 47 5.31 4.37 0.72
CA PRO A 47 4.18 4.67 -0.15
C PRO A 47 3.20 3.51 -0.26
N VAL A 48 1.97 3.81 -0.64
CA VAL A 48 0.94 2.78 -0.79
C VAL A 48 0.16 2.97 -2.08
N MET A 49 0.05 1.89 -2.86
CA MET A 49 -0.67 1.93 -4.13
C MET A 49 -2.14 1.57 -3.93
N ILE A 50 -3.01 2.14 -4.76
CA ILE A 50 -4.43 1.88 -4.67
C ILE A 50 -4.99 1.42 -6.02
N LYS A 51 -5.56 0.22 -6.04
CA LYS A 51 -6.13 -0.32 -7.26
C LYS A 51 -7.65 -0.46 -7.14
N ALA A 52 -8.31 -0.69 -8.27
CA ALA A 52 -9.76 -0.85 -8.29
C ALA A 52 -10.16 -2.30 -8.08
N SER A 53 -10.75 -2.58 -6.92
CA SER A 53 -11.18 -3.93 -6.58
C SER A 53 -11.90 -4.58 -7.76
N ALA A 54 -12.81 -3.84 -8.38
CA ALA A 54 -13.56 -4.35 -9.51
C ALA A 54 -12.63 -4.69 -10.68
N GLY A 55 -11.51 -3.97 -10.77
CA GLY A 55 -10.55 -4.21 -11.84
C GLY A 55 -9.15 -3.83 -11.44
N GLY A 56 -8.59 -4.55 -10.48
CA GLY A 56 -7.24 -4.27 -10.03
C GLY A 56 -6.18 -4.81 -10.98
N GLY A 57 -4.94 -4.36 -10.81
CA GLY A 57 -3.86 -4.81 -11.66
C GLY A 57 -2.75 -3.80 -11.79
N GLY A 58 -3.12 -2.53 -11.91
CA GLY A 58 -2.13 -1.47 -12.03
C GLY A 58 -2.11 -0.87 -13.43
N LYS A 59 -2.75 -1.53 -14.38
CA LYS A 59 -2.79 -1.06 -15.75
C LYS A 59 -3.08 0.44 -15.79
N GLY A 60 -3.96 0.90 -14.91
CA GLY A 60 -4.30 2.31 -14.87
C GLY A 60 -4.79 2.75 -13.51
N MET A 61 -4.08 2.33 -12.47
CA MET A 61 -4.45 2.69 -11.10
C MET A 61 -3.67 3.91 -10.62
N ARG A 62 -3.85 4.27 -9.36
CA ARG A 62 -3.16 5.41 -8.78
C ARG A 62 -2.45 5.02 -7.49
N ILE A 63 -1.43 5.80 -7.12
CA ILE A 63 -0.66 5.54 -5.91
C ILE A 63 -0.67 6.76 -4.99
N ALA A 64 -0.41 6.51 -3.70
CA ALA A 64 -0.38 7.58 -2.72
C ALA A 64 0.83 7.45 -1.80
N TRP A 65 1.28 8.58 -1.26
CA TRP A 65 2.44 8.59 -0.37
C TRP A 65 2.06 9.14 1.00
N ASP A 66 1.07 10.02 1.02
CA ASP A 66 0.61 10.62 2.27
C ASP A 66 -0.91 10.59 2.36
N ASP A 67 -1.43 10.69 3.59
CA ASP A 67 -2.87 10.67 3.82
C ASP A 67 -3.58 11.51 2.77
N GLU A 68 -3.09 12.72 2.54
CA GLU A 68 -3.69 13.63 1.57
C GLU A 68 -3.80 12.96 0.20
N GLU A 69 -2.78 12.20 -0.16
CA GLU A 69 -2.76 11.51 -1.45
C GLU A 69 -3.70 10.32 -1.44
N THR A 70 -3.73 9.60 -0.33
CA THR A 70 -4.59 8.44 -0.20
C THR A 70 -6.05 8.80 -0.45
N ARG A 71 -6.51 9.87 0.21
CA ARG A 71 -7.89 10.33 0.06
C ARG A 71 -8.14 10.82 -1.36
N ASP A 72 -7.28 11.72 -1.84
CA ASP A 72 -7.42 12.27 -3.18
C ASP A 72 -7.45 11.16 -4.22
N GLY A 73 -6.60 10.15 -4.04
CA GLY A 73 -6.54 9.04 -4.96
C GLY A 73 -7.68 8.06 -4.77
N PHE A 74 -8.19 7.98 -3.54
CA PHE A 74 -9.29 7.07 -3.23
C PHE A 74 -10.59 7.55 -3.86
N ARG A 75 -10.76 8.87 -3.92
CA ARG A 75 -11.97 9.45 -4.51
C ARG A 75 -12.02 9.18 -6.02
N LEU A 76 -10.88 9.35 -6.69
CA LEU A 76 -10.81 9.12 -8.12
C LEU A 76 -10.82 7.63 -8.44
N SER A 77 -9.92 6.89 -7.81
CA SER A 77 -9.83 5.46 -8.03
C SER A 77 -11.17 4.77 -7.77
N SER A 78 -11.93 5.32 -6.83
CA SER A 78 -13.24 4.77 -6.49
C SER A 78 -14.26 5.08 -7.58
N GLN A 79 -14.53 6.36 -7.79
CA GLN A 79 -15.49 6.79 -8.79
C GLN A 79 -15.26 6.06 -10.11
N GLU A 80 -14.00 5.70 -10.37
CA GLU A 80 -13.65 5.00 -11.60
C GLU A 80 -14.25 3.60 -11.62
N ALA A 81 -13.84 2.78 -10.65
CA ALA A 81 -14.34 1.41 -10.55
C ALA A 81 -15.86 1.37 -10.68
N ALA A 82 -16.52 2.39 -10.15
CA ALA A 82 -17.98 2.46 -10.22
C ALA A 82 -18.45 2.75 -11.64
N SER A 83 -17.69 3.56 -12.36
CA SER A 83 -18.04 3.92 -13.73
C SER A 83 -17.47 2.90 -14.71
N SER A 84 -16.58 2.04 -14.22
CA SER A 84 -15.95 1.02 -15.05
C SER A 84 -16.75 -0.28 -15.01
N PHE A 85 -16.79 -0.90 -13.84
CA PHE A 85 -17.52 -2.15 -13.65
C PHE A 85 -18.86 -1.91 -12.98
N GLY A 86 -18.85 -1.09 -11.93
CA GLY A 86 -20.07 -0.77 -11.21
C GLY A 86 -19.84 -0.66 -9.72
N ASP A 87 -18.89 -1.42 -9.20
CA ASP A 87 -18.57 -1.40 -7.78
C ASP A 87 -17.49 -0.37 -7.47
N ASP A 88 -17.60 0.28 -6.33
CA ASP A 88 -16.62 1.29 -5.92
C ASP A 88 -15.55 0.68 -5.03
N ARG A 89 -15.60 -0.64 -4.86
CA ARG A 89 -14.64 -1.35 -4.03
C ARG A 89 -13.21 -1.06 -4.49
N LEU A 90 -12.37 -0.63 -3.57
CA LEU A 90 -10.98 -0.33 -3.88
C LEU A 90 -10.03 -1.27 -3.16
N LEU A 91 -8.75 -1.20 -3.49
CA LEU A 91 -7.74 -2.05 -2.87
C LEU A 91 -6.49 -1.25 -2.52
N ILE A 92 -5.75 -1.72 -1.52
CA ILE A 92 -4.53 -1.05 -1.10
C ILE A 92 -3.39 -2.04 -0.91
N GLU A 93 -2.32 -1.86 -1.68
CA GLU A 93 -1.17 -2.75 -1.61
C GLU A 93 0.12 -1.94 -1.40
N LYS A 94 1.06 -2.53 -0.66
CA LYS A 94 2.34 -1.87 -0.40
C LYS A 94 3.05 -1.52 -1.70
N PHE A 95 3.49 -0.27 -1.81
CA PHE A 95 4.19 0.19 -3.00
C PHE A 95 5.69 0.24 -2.76
N ILE A 96 6.45 -0.47 -3.60
CA ILE A 96 7.90 -0.50 -3.48
C ILE A 96 8.57 0.05 -4.73
N ASP A 97 9.02 1.30 -4.67
CA ASP A 97 9.68 1.93 -5.80
C ASP A 97 11.10 1.40 -5.96
N ASN A 98 11.82 1.29 -4.86
CA ASN A 98 13.20 0.80 -4.87
C ASN A 98 13.24 -0.69 -4.55
N PRO A 99 14.16 -1.41 -5.22
CA PRO A 99 14.33 -2.85 -5.03
C PRO A 99 14.93 -3.19 -3.67
N ARG A 100 15.28 -2.14 -2.91
CA ARG A 100 15.87 -2.33 -1.59
C ARG A 100 14.93 -3.10 -0.68
N HIS A 101 13.81 -2.47 -0.31
CA HIS A 101 12.83 -3.11 0.57
C HIS A 101 12.08 -4.20 -0.19
N ILE A 102 12.63 -5.40 -0.19
CA ILE A 102 12.00 -6.53 -0.87
C ILE A 102 10.95 -7.20 0.02
N SER A 103 10.49 -6.46 1.02
CA SER A 103 9.48 -6.98 1.94
C SER A 103 10.03 -8.14 2.75
N GLY A 104 11.28 -8.00 3.20
CA GLY A 104 11.90 -9.05 3.98
C GLY A 104 11.85 -10.40 3.29
N PRO A 105 12.57 -11.39 3.85
CA PRO A 105 12.60 -12.75 3.29
C PRO A 105 11.28 -13.48 3.46
N SER A 106 11.25 -14.73 3.01
CA SER A 106 10.04 -15.55 3.11
C SER A 106 10.12 -16.48 4.30
N SER A 107 9.05 -17.26 4.50
CA SER A 107 8.99 -18.21 5.61
C SER A 107 8.51 -19.58 5.14
N GLY A 108 7.28 -19.62 4.63
CA GLY A 108 6.72 -20.87 4.15
C GLY A 108 5.21 -20.88 4.18
N GLY A 1 -27.36 31.11 9.88
CA GLY A 1 -26.27 31.58 9.04
C GLY A 1 -25.24 30.50 8.79
N SER A 2 -24.20 30.85 8.04
CA SER A 2 -23.13 29.90 7.73
C SER A 2 -21.94 30.62 7.11
N SER A 3 -20.87 29.87 6.85
CA SER A 3 -19.66 30.42 6.27
C SER A 3 -18.66 29.32 5.92
N GLY A 4 -17.66 29.68 5.12
CA GLY A 4 -16.65 28.71 4.72
C GLY A 4 -15.58 29.32 3.84
N SER A 5 -14.60 28.51 3.48
CA SER A 5 -13.49 28.97 2.63
C SER A 5 -12.72 27.79 2.06
N SER A 6 -11.90 28.07 1.04
CA SER A 6 -11.10 27.03 0.40
C SER A 6 -9.74 27.58 -0.01
N GLY A 7 -8.75 26.69 -0.07
CA GLY A 7 -7.41 27.11 -0.45
C GLY A 7 -6.54 25.94 -0.85
N ASP A 8 -5.39 26.23 -1.46
CA ASP A 8 -4.46 25.19 -1.90
C ASP A 8 -3.24 25.14 -0.99
N LYS A 9 -2.37 24.17 -1.23
CA LYS A 9 -1.15 24.01 -0.43
C LYS A 9 -0.20 23.01 -1.09
N ILE A 10 0.99 23.48 -1.44
CA ILE A 10 1.98 22.63 -2.07
C ILE A 10 3.20 22.44 -1.17
N GLU A 11 3.62 21.19 -1.00
CA GLU A 11 4.77 20.87 -0.16
C GLU A 11 5.63 19.78 -0.80
N SER A 12 6.94 19.87 -0.58
CA SER A 12 7.86 18.89 -1.13
C SER A 12 8.89 18.45 -0.08
N LYS A 13 9.33 17.21 -0.17
CA LYS A 13 10.31 16.67 0.77
C LYS A 13 10.99 15.43 0.20
N LEU A 14 12.29 15.54 -0.05
CA LEU A 14 13.06 14.42 -0.59
C LEU A 14 14.25 14.09 0.30
N LEU A 15 14.14 13.01 1.06
CA LEU A 15 15.21 12.58 1.94
C LEU A 15 15.36 11.07 1.95
N ALA A 16 16.49 10.58 2.46
CA ALA A 16 16.73 9.15 2.52
C ALA A 16 16.87 8.68 3.96
N LYS A 17 15.87 7.94 4.44
CA LYS A 17 15.87 7.43 5.80
C LYS A 17 15.24 6.04 5.87
N LYS A 18 15.13 5.50 7.07
CA LYS A 18 14.54 4.18 7.27
C LYS A 18 14.25 3.93 8.75
N ALA A 19 13.23 3.11 9.01
CA ALA A 19 12.84 2.79 10.38
C ALA A 19 12.72 1.29 10.58
N GLU A 20 12.37 0.88 11.79
CA GLU A 20 12.23 -0.53 12.12
C GLU A 20 10.85 -0.82 12.71
N VAL A 21 9.83 -0.23 12.11
CA VAL A 21 8.46 -0.42 12.58
C VAL A 21 7.78 -1.57 11.84
N ASN A 22 6.97 -2.34 12.57
CA ASN A 22 6.26 -3.47 11.98
C ASN A 22 5.64 -3.10 10.64
N THR A 23 5.53 -4.07 9.76
CA THR A 23 4.95 -3.84 8.43
C THR A 23 4.05 -4.99 8.02
N ILE A 24 3.24 -4.76 6.99
CA ILE A 24 2.32 -5.78 6.49
C ILE A 24 2.73 -6.25 5.10
N PRO A 25 2.68 -7.58 4.89
CA PRO A 25 3.04 -8.17 3.60
C PRO A 25 2.00 -7.88 2.52
N GLY A 26 0.99 -7.09 2.88
CA GLY A 26 -0.04 -6.74 1.93
C GLY A 26 -1.42 -6.63 2.57
N PHE A 27 -2.36 -6.07 1.83
CA PHE A 27 -3.73 -5.91 2.34
C PHE A 27 -4.75 -6.01 1.21
N ASP A 28 -5.71 -6.90 1.39
CA ASP A 28 -6.76 -7.10 0.39
C ASP A 28 -8.08 -6.51 0.84
N GLY A 29 -8.35 -6.61 2.14
CA GLY A 29 -9.58 -6.08 2.69
C GLY A 29 -10.01 -4.80 2.00
N VAL A 30 -10.98 -4.91 1.09
CA VAL A 30 -11.48 -3.75 0.36
C VAL A 30 -11.79 -2.60 1.30
N VAL A 31 -11.40 -1.39 0.91
CA VAL A 31 -11.64 -0.21 1.71
C VAL A 31 -13.12 0.14 1.77
N LYS A 32 -13.51 0.93 2.76
CA LYS A 32 -14.90 1.34 2.92
C LYS A 32 -15.08 2.80 2.56
N ASP A 33 -14.14 3.64 3.00
CA ASP A 33 -14.21 5.06 2.72
C ASP A 33 -12.80 5.68 2.71
N ALA A 34 -12.69 6.88 2.15
CA ALA A 34 -11.42 7.57 2.08
C ALA A 34 -10.71 7.57 3.44
N GLU A 35 -11.43 7.98 4.48
CA GLU A 35 -10.87 8.02 5.82
C GLU A 35 -10.20 6.70 6.18
N GLU A 36 -10.93 5.61 5.98
CA GLU A 36 -10.41 4.28 6.28
C GLU A 36 -9.17 3.98 5.44
N ALA A 37 -9.20 4.41 4.19
CA ALA A 37 -8.08 4.18 3.29
C ALA A 37 -6.80 4.80 3.83
N VAL A 38 -6.92 5.96 4.47
CA VAL A 38 -5.77 6.65 5.04
C VAL A 38 -5.21 5.87 6.23
N ARG A 39 -6.10 5.36 7.07
CA ARG A 39 -5.70 4.59 8.25
C ARG A 39 -4.96 3.32 7.84
N ILE A 40 -5.63 2.49 7.05
CA ILE A 40 -5.05 1.23 6.59
C ILE A 40 -3.67 1.46 5.96
N ALA A 41 -3.59 2.43 5.05
CA ALA A 41 -2.35 2.75 4.39
C ALA A 41 -1.26 3.11 5.39
N ARG A 42 -1.63 3.87 6.41
CA ARG A 42 -0.68 4.28 7.45
C ARG A 42 -0.10 3.07 8.16
N GLU A 43 -0.90 2.02 8.29
CA GLU A 43 -0.46 0.80 8.95
C GLU A 43 0.49 0.01 8.05
N ILE A 44 0.15 -0.09 6.77
CA ILE A 44 0.97 -0.81 5.81
C ILE A 44 2.34 -0.17 5.66
N GLY A 45 2.38 1.16 5.74
CA GLY A 45 3.64 1.87 5.62
C GLY A 45 3.85 2.44 4.23
N TYR A 46 3.59 3.73 4.07
CA TYR A 46 3.75 4.40 2.79
C TYR A 46 5.16 4.18 2.23
N PRO A 47 5.28 4.25 0.90
CA PRO A 47 4.14 4.54 0.01
C PRO A 47 3.15 3.37 -0.05
N VAL A 48 1.96 3.66 -0.55
CA VAL A 48 0.92 2.63 -0.66
C VAL A 48 0.22 2.71 -2.02
N MET A 49 0.12 1.57 -2.69
CA MET A 49 -0.52 1.50 -4.00
C MET A 49 -2.02 1.21 -3.85
N ILE A 50 -2.83 1.90 -4.64
CA ILE A 50 -4.28 1.71 -4.60
C ILE A 50 -4.81 1.27 -5.95
N LYS A 51 -5.72 0.29 -5.93
CA LYS A 51 -6.31 -0.21 -7.16
C LYS A 51 -7.81 -0.40 -7.00
N ALA A 52 -8.48 -0.75 -8.10
CA ALA A 52 -9.93 -0.95 -8.08
C ALA A 52 -10.25 -2.43 -7.86
N SER A 53 -10.79 -2.74 -6.69
CA SER A 53 -11.16 -4.11 -6.35
C SER A 53 -11.89 -4.78 -7.51
N ALA A 54 -12.87 -4.08 -8.07
CA ALA A 54 -13.64 -4.60 -9.19
C ALA A 54 -12.73 -5.10 -10.31
N GLY A 55 -11.57 -4.45 -10.46
CA GLY A 55 -10.63 -4.84 -11.49
C GLY A 55 -9.41 -3.95 -11.52
N GLY A 56 -8.54 -4.10 -10.53
CA GLY A 56 -7.34 -3.29 -10.47
C GLY A 56 -6.61 -3.24 -11.79
N GLY A 57 -5.93 -4.34 -12.13
CA GLY A 57 -5.19 -4.39 -13.38
C GLY A 57 -4.04 -3.41 -13.42
N GLY A 58 -3.42 -3.17 -12.26
CA GLY A 58 -2.31 -2.24 -12.19
C GLY A 58 -2.49 -1.05 -13.09
N LYS A 59 -1.89 -1.10 -14.28
CA LYS A 59 -1.99 -0.01 -15.24
C LYS A 59 -3.40 0.58 -15.25
N GLY A 60 -3.51 1.84 -14.85
CA GLY A 60 -4.81 2.50 -14.82
C GLY A 60 -5.18 2.97 -13.43
N MET A 61 -4.41 2.55 -12.44
CA MET A 61 -4.67 2.94 -11.05
C MET A 61 -3.74 4.07 -10.63
N ARG A 62 -3.83 4.45 -9.35
CA ARG A 62 -3.00 5.52 -8.81
C ARG A 62 -2.32 5.08 -7.52
N ILE A 63 -1.27 5.80 -7.14
CA ILE A 63 -0.53 5.49 -5.93
C ILE A 63 -0.45 6.70 -5.00
N ALA A 64 -0.38 6.43 -3.69
CA ALA A 64 -0.30 7.50 -2.71
C ALA A 64 0.93 7.33 -1.82
N TRP A 65 1.39 8.43 -1.24
CA TRP A 65 2.57 8.41 -0.37
C TRP A 65 2.23 8.96 1.01
N ASP A 66 1.07 9.60 1.12
CA ASP A 66 0.63 10.17 2.39
C ASP A 66 -0.89 10.12 2.51
N ASP A 67 -1.41 10.60 3.63
CA ASP A 67 -2.84 10.62 3.87
C ASP A 67 -3.56 11.43 2.80
N GLU A 68 -3.02 12.61 2.50
CA GLU A 68 -3.60 13.48 1.49
C GLU A 68 -3.72 12.78 0.15
N GLU A 69 -2.63 12.12 -0.26
CA GLU A 69 -2.60 11.40 -1.53
C GLU A 69 -3.56 10.22 -1.50
N THR A 70 -3.66 9.56 -0.36
CA THR A 70 -4.53 8.41 -0.20
C THR A 70 -5.99 8.79 -0.47
N ARG A 71 -6.44 9.86 0.18
CA ARG A 71 -7.81 10.33 0.01
C ARG A 71 -8.07 10.74 -1.44
N ASP A 72 -7.14 11.50 -2.01
CA ASP A 72 -7.28 11.97 -3.39
C ASP A 72 -7.44 10.79 -4.34
N GLY A 73 -6.49 9.85 -4.28
CA GLY A 73 -6.55 8.69 -5.15
C GLY A 73 -7.77 7.82 -4.88
N PHE A 74 -8.23 7.83 -3.63
CA PHE A 74 -9.40 7.04 -3.25
C PHE A 74 -10.67 7.58 -3.91
N ARG A 75 -10.78 8.90 -3.97
CA ARG A 75 -11.94 9.54 -4.57
C ARG A 75 -11.97 9.31 -6.07
N LEU A 76 -10.80 9.39 -6.71
CA LEU A 76 -10.70 9.19 -8.15
C LEU A 76 -10.87 7.71 -8.50
N SER A 77 -9.94 6.89 -8.01
CA SER A 77 -9.98 5.45 -8.27
C SER A 77 -11.37 4.89 -8.02
N SER A 78 -12.06 5.46 -7.02
CA SER A 78 -13.40 5.00 -6.67
C SER A 78 -14.38 5.30 -7.80
N GLN A 79 -14.45 6.56 -8.20
CA GLN A 79 -15.36 6.97 -9.27
C GLN A 79 -15.16 6.10 -10.51
N GLU A 80 -13.90 5.78 -10.80
CA GLU A 80 -13.59 4.96 -11.96
C GLU A 80 -14.28 3.61 -11.89
N ALA A 81 -13.90 2.81 -10.89
CA ALA A 81 -14.49 1.49 -10.71
C ALA A 81 -16.01 1.56 -10.74
N ALA A 82 -16.56 2.62 -10.18
CA ALA A 82 -18.00 2.82 -10.13
C ALA A 82 -18.61 2.68 -11.52
N SER A 83 -17.85 3.07 -12.54
CA SER A 83 -18.32 3.00 -13.92
C SER A 83 -17.70 1.81 -14.65
N SER A 84 -16.36 1.75 -14.64
CA SER A 84 -15.65 0.67 -15.31
C SER A 84 -16.38 -0.65 -15.15
N PHE A 85 -16.64 -1.03 -13.90
CA PHE A 85 -17.35 -2.28 -13.62
C PHE A 85 -18.76 -2.00 -13.11
N GLY A 86 -18.85 -1.10 -12.12
CA GLY A 86 -20.14 -0.76 -11.56
C GLY A 86 -20.06 -0.42 -10.08
N ASP A 87 -19.09 -1.02 -9.39
CA ASP A 87 -18.90 -0.78 -7.97
C ASP A 87 -17.73 0.17 -7.72
N ASP A 88 -17.62 0.67 -6.50
CA ASP A 88 -16.54 1.58 -6.15
C ASP A 88 -15.53 0.90 -5.24
N ARG A 89 -15.56 -0.43 -5.20
CA ARG A 89 -14.65 -1.20 -4.37
C ARG A 89 -13.19 -0.90 -4.74
N LEU A 90 -12.39 -0.55 -3.74
CA LEU A 90 -10.99 -0.25 -3.96
C LEU A 90 -10.10 -1.21 -3.19
N LEU A 91 -8.79 -1.09 -3.40
CA LEU A 91 -7.82 -1.95 -2.72
C LEU A 91 -6.58 -1.16 -2.31
N ILE A 92 -5.79 -1.74 -1.43
CA ILE A 92 -4.56 -1.09 -0.94
C ILE A 92 -3.47 -2.11 -0.64
N GLU A 93 -2.30 -1.91 -1.23
CA GLU A 93 -1.18 -2.81 -1.02
C GLU A 93 0.12 -2.03 -0.82
N LYS A 94 1.09 -2.66 -0.18
CA LYS A 94 2.38 -2.03 0.09
C LYS A 94 3.16 -1.83 -1.22
N PHE A 95 3.64 -0.62 -1.43
CA PHE A 95 4.41 -0.30 -2.63
C PHE A 95 5.90 -0.24 -2.33
N ILE A 96 6.68 -1.06 -3.04
CA ILE A 96 8.13 -1.10 -2.84
C ILE A 96 8.85 -1.20 -4.18
N ASP A 97 9.71 -0.23 -4.46
CA ASP A 97 10.48 -0.21 -5.70
C ASP A 97 11.82 -0.92 -5.52
N ASN A 98 12.43 -0.74 -4.36
CA ASN A 98 13.71 -1.36 -4.06
C ASN A 98 13.52 -2.79 -3.57
N PRO A 99 14.47 -3.68 -3.95
CA PRO A 99 14.42 -5.09 -3.55
C PRO A 99 14.69 -5.28 -2.07
N ARG A 100 14.32 -6.45 -1.55
CA ARG A 100 14.53 -6.76 -0.14
C ARG A 100 15.61 -7.83 0.04
N HIS A 101 15.96 -8.12 1.28
CA HIS A 101 16.98 -9.11 1.58
C HIS A 101 18.23 -8.88 0.73
N ILE A 102 18.63 -7.62 0.60
CA ILE A 102 19.81 -7.27 -0.17
C ILE A 102 21.09 -7.47 0.64
N SER A 103 22.08 -8.11 0.02
CA SER A 103 23.34 -8.36 0.68
C SER A 103 23.82 -7.14 1.45
N GLY A 104 23.76 -7.21 2.77
CA GLY A 104 24.18 -6.10 3.60
C GLY A 104 24.52 -6.52 5.02
N PRO A 105 25.00 -5.57 5.82
CA PRO A 105 25.38 -5.82 7.21
C PRO A 105 24.15 -6.09 8.10
N SER A 106 24.40 -6.49 9.34
CA SER A 106 23.33 -6.79 10.27
C SER A 106 23.88 -6.97 11.69
N SER A 107 23.25 -6.32 12.66
CA SER A 107 23.66 -6.40 14.05
C SER A 107 22.62 -5.80 14.97
N GLY A 108 22.37 -6.47 16.10
CA GLY A 108 21.39 -5.98 17.05
C GLY A 108 20.13 -5.46 16.38
N GLY A 1 -6.54 -56.85 -24.18
CA GLY A 1 -6.98 -55.85 -23.22
C GLY A 1 -5.84 -55.34 -22.37
N SER A 2 -5.97 -54.10 -21.90
CA SER A 2 -4.94 -53.48 -21.07
C SER A 2 -5.46 -52.19 -20.44
N SER A 3 -5.00 -51.91 -19.22
CA SER A 3 -5.42 -50.72 -18.50
C SER A 3 -4.30 -50.20 -17.60
N GLY A 4 -4.46 -48.98 -17.09
CA GLY A 4 -3.46 -48.40 -16.22
C GLY A 4 -3.28 -46.91 -16.45
N SER A 5 -3.51 -46.13 -15.41
CA SER A 5 -3.37 -44.67 -15.50
C SER A 5 -2.68 -44.11 -14.26
N SER A 6 -1.76 -43.18 -14.48
CA SER A 6 -1.03 -42.55 -13.39
C SER A 6 -0.48 -41.20 -13.80
N GLY A 7 0.10 -40.48 -12.85
CA GLY A 7 0.66 -39.17 -13.13
C GLY A 7 0.31 -38.14 -12.08
N ASP A 8 0.24 -36.88 -12.48
CA ASP A 8 -0.09 -35.80 -11.56
C ASP A 8 0.48 -36.07 -10.17
N LYS A 9 1.70 -36.61 -10.13
CA LYS A 9 2.35 -36.93 -8.87
C LYS A 9 3.21 -35.75 -8.40
N ILE A 10 2.70 -34.99 -7.44
CA ILE A 10 3.42 -33.84 -6.90
C ILE A 10 3.30 -33.77 -5.39
N GLU A 11 4.44 -33.67 -4.71
CA GLU A 11 4.47 -33.60 -3.25
C GLU A 11 4.98 -32.24 -2.78
N SER A 12 4.40 -31.74 -1.71
CA SER A 12 4.80 -30.44 -1.15
C SER A 12 4.28 -30.28 0.27
N LYS A 13 5.20 -30.04 1.21
CA LYS A 13 4.84 -29.87 2.60
C LYS A 13 5.44 -28.57 3.16
N LEU A 14 4.62 -27.53 3.21
CA LEU A 14 5.07 -26.23 3.71
C LEU A 14 3.87 -25.34 4.03
N LEU A 15 4.03 -24.49 5.05
CA LEU A 15 2.97 -23.58 5.46
C LEU A 15 3.54 -22.44 6.30
N ALA A 16 3.39 -21.22 5.78
CA ALA A 16 3.88 -20.03 6.48
C ALA A 16 3.14 -18.78 6.03
N LYS A 17 3.49 -17.64 6.63
CA LYS A 17 2.86 -16.37 6.27
C LYS A 17 3.85 -15.46 5.56
N LYS A 18 5.00 -15.22 6.21
CA LYS A 18 6.03 -14.37 5.64
C LYS A 18 7.32 -14.47 6.45
N ALA A 19 8.45 -14.44 5.75
CA ALA A 19 9.75 -14.52 6.41
C ALA A 19 10.34 -13.14 6.63
N GLU A 20 9.48 -12.19 6.99
CA GLU A 20 9.92 -10.82 7.24
C GLU A 20 8.87 -10.04 8.03
N VAL A 21 9.24 -9.60 9.23
CA VAL A 21 8.34 -8.85 10.09
C VAL A 21 8.55 -7.35 9.92
N ASN A 22 8.84 -6.92 8.69
CA ASN A 22 9.05 -5.52 8.39
C ASN A 22 7.73 -4.82 8.07
N THR A 23 7.14 -5.20 6.95
CA THR A 23 5.86 -4.61 6.53
C THR A 23 4.86 -5.69 6.13
N ILE A 24 3.68 -5.27 5.70
CA ILE A 24 2.64 -6.19 5.28
C ILE A 24 2.79 -6.57 3.82
N PRO A 25 2.64 -7.88 3.53
CA PRO A 25 2.75 -8.40 2.17
C PRO A 25 1.59 -7.96 1.29
N GLY A 26 0.70 -7.14 1.84
CA GLY A 26 -0.45 -6.67 1.08
C GLY A 26 -1.73 -6.71 1.88
N PHE A 27 -2.60 -5.74 1.65
CA PHE A 27 -3.87 -5.67 2.36
C PHE A 27 -5.04 -5.89 1.40
N ASP A 28 -5.58 -7.11 1.38
CA ASP A 28 -6.69 -7.44 0.52
C ASP A 28 -8.02 -7.16 1.21
N GLY A 29 -8.17 -5.94 1.73
CA GLY A 29 -9.39 -5.56 2.42
C GLY A 29 -10.04 -4.35 1.80
N VAL A 30 -10.94 -4.58 0.84
CA VAL A 30 -11.64 -3.49 0.18
C VAL A 30 -11.93 -2.34 1.14
N VAL A 31 -11.69 -1.11 0.68
CA VAL A 31 -11.92 0.06 1.50
C VAL A 31 -13.36 0.54 1.38
N LYS A 32 -13.90 1.07 2.48
CA LYS A 32 -15.27 1.56 2.50
C LYS A 32 -15.31 3.07 2.28
N ASP A 33 -14.40 3.78 2.92
CA ASP A 33 -14.32 5.24 2.78
C ASP A 33 -12.88 5.71 2.84
N ALA A 34 -12.62 6.89 2.28
CA ALA A 34 -11.29 7.46 2.27
C ALA A 34 -10.64 7.39 3.64
N GLU A 35 -11.37 7.84 4.66
CA GLU A 35 -10.86 7.81 6.03
C GLU A 35 -10.23 6.46 6.35
N GLU A 36 -10.98 5.40 6.11
CA GLU A 36 -10.49 4.05 6.38
C GLU A 36 -9.25 3.74 5.55
N ALA A 37 -9.23 4.25 4.32
CA ALA A 37 -8.09 4.04 3.43
C ALA A 37 -6.81 4.63 4.01
N VAL A 38 -6.93 5.79 4.65
CA VAL A 38 -5.79 6.46 5.26
C VAL A 38 -5.22 5.63 6.40
N ARG A 39 -6.09 5.26 7.34
CA ARG A 39 -5.66 4.46 8.49
C ARG A 39 -4.95 3.19 8.05
N ILE A 40 -5.56 2.48 7.11
CA ILE A 40 -4.99 1.24 6.60
C ILE A 40 -3.62 1.49 5.96
N ALA A 41 -3.55 2.48 5.08
CA ALA A 41 -2.31 2.82 4.41
C ALA A 41 -1.17 3.02 5.40
N ARG A 42 -1.40 3.90 6.38
CA ARG A 42 -0.39 4.18 7.40
C ARG A 42 0.18 2.87 7.97
N GLU A 43 -0.70 1.90 8.20
CA GLU A 43 -0.29 0.61 8.74
C GLU A 43 0.64 -0.11 7.77
N ILE A 44 0.29 -0.10 6.49
CA ILE A 44 1.09 -0.76 5.47
C ILE A 44 2.45 -0.10 5.34
N GLY A 45 2.47 1.24 5.37
CA GLY A 45 3.73 1.96 5.26
C GLY A 45 3.92 2.56 3.88
N TYR A 46 3.63 3.85 3.74
CA TYR A 46 3.78 4.53 2.47
C TYR A 46 5.18 4.33 1.89
N PRO A 47 5.28 4.41 0.56
CA PRO A 47 4.13 4.69 -0.31
C PRO A 47 3.15 3.52 -0.37
N VAL A 48 1.89 3.83 -0.64
CA VAL A 48 0.85 2.81 -0.72
C VAL A 48 0.06 2.93 -2.02
N MET A 49 0.00 1.84 -2.77
CA MET A 49 -0.72 1.82 -4.04
C MET A 49 -2.20 1.53 -3.81
N ILE A 50 -3.05 2.06 -4.71
CA ILE A 50 -4.49 1.86 -4.60
C ILE A 50 -5.08 1.45 -5.94
N LYS A 51 -5.62 0.23 -6.00
CA LYS A 51 -6.23 -0.28 -7.22
C LYS A 51 -7.72 -0.50 -7.03
N ALA A 52 -8.43 -0.69 -8.14
CA ALA A 52 -9.87 -0.92 -8.11
C ALA A 52 -10.19 -2.39 -7.93
N SER A 53 -10.66 -2.76 -6.74
CA SER A 53 -10.99 -4.15 -6.45
C SER A 53 -11.74 -4.78 -7.61
N ALA A 54 -12.59 -4.00 -8.27
CA ALA A 54 -13.36 -4.48 -9.41
C ALA A 54 -12.59 -4.30 -10.72
N GLY A 55 -11.29 -4.61 -10.67
CA GLY A 55 -10.46 -4.47 -11.86
C GLY A 55 -9.11 -3.87 -11.54
N GLY A 56 -8.35 -4.53 -10.68
CA GLY A 56 -7.03 -4.04 -10.32
C GLY A 56 -5.95 -4.52 -11.27
N GLY A 57 -5.03 -5.34 -10.75
CA GLY A 57 -3.95 -5.85 -11.57
C GLY A 57 -3.13 -4.75 -12.19
N GLY A 58 -3.08 -3.59 -11.53
CA GLY A 58 -2.31 -2.48 -12.05
C GLY A 58 -2.87 -1.95 -13.37
N LYS A 59 -4.16 -1.62 -13.36
CA LYS A 59 -4.82 -1.10 -14.56
C LYS A 59 -5.09 0.39 -14.42
N GLY A 60 -4.21 1.21 -14.97
CA GLY A 60 -4.38 2.65 -14.90
C GLY A 60 -4.83 3.11 -13.54
N MET A 61 -4.22 2.56 -12.49
CA MET A 61 -4.56 2.92 -11.13
C MET A 61 -3.72 4.10 -10.64
N ARG A 62 -3.90 4.47 -9.38
CA ARG A 62 -3.16 5.58 -8.80
C ARG A 62 -2.45 5.16 -7.52
N ILE A 63 -1.37 5.85 -7.19
CA ILE A 63 -0.60 5.55 -5.98
C ILE A 63 -0.54 6.75 -5.05
N ALA A 64 -0.55 6.49 -3.75
CA ALA A 64 -0.49 7.55 -2.76
C ALA A 64 0.77 7.42 -1.90
N TRP A 65 1.30 8.56 -1.47
CA TRP A 65 2.51 8.57 -0.65
C TRP A 65 2.19 9.10 0.75
N ASP A 66 1.07 9.79 0.89
CA ASP A 66 0.65 10.35 2.17
C ASP A 66 -0.86 10.36 2.29
N ASP A 67 -1.35 10.55 3.52
CA ASP A 67 -2.79 10.57 3.77
C ASP A 67 -3.51 11.43 2.73
N GLU A 68 -3.00 12.64 2.52
CA GLU A 68 -3.60 13.56 1.56
C GLU A 68 -3.78 12.88 0.20
N GLU A 69 -2.76 12.14 -0.22
CA GLU A 69 -2.81 11.45 -1.50
C GLU A 69 -3.76 10.25 -1.43
N THR A 70 -3.77 9.58 -0.28
CA THR A 70 -4.62 8.42 -0.09
C THR A 70 -6.09 8.77 -0.31
N ARG A 71 -6.52 9.89 0.26
CA ARG A 71 -7.90 10.34 0.13
C ARG A 71 -8.18 10.81 -1.30
N ASP A 72 -7.33 11.70 -1.79
CA ASP A 72 -7.49 12.23 -3.15
C ASP A 72 -7.46 11.11 -4.18
N GLY A 73 -6.66 10.09 -3.91
CA GLY A 73 -6.54 8.97 -4.82
C GLY A 73 -7.67 7.97 -4.65
N PHE A 74 -8.18 7.87 -3.44
CA PHE A 74 -9.28 6.94 -3.15
C PHE A 74 -10.58 7.43 -3.77
N ARG A 75 -10.74 8.75 -3.82
CA ARG A 75 -11.95 9.34 -4.38
C ARG A 75 -11.99 9.17 -5.90
N LEU A 76 -10.88 9.49 -6.55
CA LEU A 76 -10.78 9.36 -8.00
C LEU A 76 -10.72 7.90 -8.42
N SER A 77 -10.05 7.09 -7.62
CA SER A 77 -9.90 5.67 -7.91
C SER A 77 -11.24 4.94 -7.76
N SER A 78 -12.10 5.47 -6.90
CA SER A 78 -13.41 4.88 -6.66
C SER A 78 -14.36 5.18 -7.82
N GLN A 79 -14.48 6.46 -8.16
CA GLN A 79 -15.36 6.88 -9.25
C GLN A 79 -15.05 6.10 -10.52
N GLU A 80 -13.78 5.76 -10.70
CA GLU A 80 -13.36 5.01 -11.89
C GLU A 80 -14.00 3.63 -11.91
N ALA A 81 -13.74 2.84 -10.88
CA ALA A 81 -14.28 1.49 -10.78
C ALA A 81 -15.81 1.53 -10.75
N ALA A 82 -16.37 2.55 -10.11
CA ALA A 82 -17.81 2.70 -10.00
C ALA A 82 -18.47 2.66 -11.38
N SER A 83 -17.90 3.41 -12.32
CA SER A 83 -18.43 3.46 -13.68
C SER A 83 -17.81 2.38 -14.56
N SER A 84 -16.47 2.40 -14.62
CA SER A 84 -15.75 1.42 -15.43
C SER A 84 -16.44 0.06 -15.40
N PHE A 85 -16.42 -0.57 -14.23
CA PHE A 85 -17.05 -1.88 -14.07
C PHE A 85 -18.46 -1.74 -13.52
N GLY A 86 -18.60 -0.96 -12.45
CA GLY A 86 -19.91 -0.76 -11.85
C GLY A 86 -19.82 -0.51 -10.35
N ASP A 87 -18.86 -1.17 -9.70
CA ASP A 87 -18.67 -1.02 -8.27
C ASP A 87 -17.52 -0.07 -7.96
N ASP A 88 -17.56 0.53 -6.78
CA ASP A 88 -16.51 1.46 -6.37
C ASP A 88 -15.50 0.78 -5.45
N ARG A 89 -15.51 -0.55 -5.46
CA ARG A 89 -14.59 -1.32 -4.63
C ARG A 89 -13.14 -0.98 -4.96
N LEU A 90 -12.39 -0.56 -3.95
CA LEU A 90 -10.99 -0.21 -4.12
C LEU A 90 -10.08 -1.15 -3.34
N LEU A 91 -8.78 -0.98 -3.50
CA LEU A 91 -7.81 -1.81 -2.80
C LEU A 91 -6.57 -1.00 -2.41
N ILE A 92 -5.75 -1.56 -1.53
CA ILE A 92 -4.54 -0.90 -1.08
C ILE A 92 -3.41 -1.90 -0.83
N GLU A 93 -2.33 -1.76 -1.59
CA GLU A 93 -1.19 -2.66 -1.45
C GLU A 93 0.10 -1.86 -1.28
N LYS A 94 1.08 -2.47 -0.61
CA LYS A 94 2.36 -1.82 -0.37
C LYS A 94 3.09 -1.56 -1.69
N PHE A 95 3.67 -0.37 -1.81
CA PHE A 95 4.40 0.01 -3.02
C PHE A 95 5.89 0.13 -2.74
N ILE A 96 6.69 -0.67 -3.43
CA ILE A 96 8.13 -0.65 -3.27
C ILE A 96 8.85 -0.58 -4.61
N ASP A 97 9.53 0.53 -4.85
CA ASP A 97 10.25 0.73 -6.09
C ASP A 97 11.21 -0.43 -6.36
N ASN A 98 11.89 -0.88 -5.31
CA ASN A 98 12.84 -1.98 -5.42
C ASN A 98 13.13 -2.59 -4.05
N PRO A 99 13.26 -3.93 -4.02
CA PRO A 99 13.55 -4.66 -2.79
C PRO A 99 14.96 -4.40 -2.27
N ARG A 100 15.14 -4.55 -0.96
CA ARG A 100 16.43 -4.34 -0.34
C ARG A 100 16.65 -5.32 0.82
N HIS A 101 17.88 -5.36 1.32
CA HIS A 101 18.23 -6.25 2.42
C HIS A 101 18.61 -5.46 3.66
N ILE A 102 17.61 -5.10 4.47
CA ILE A 102 17.83 -4.33 5.69
C ILE A 102 17.28 -5.07 6.90
N SER A 103 17.78 -4.70 8.08
CA SER A 103 17.33 -5.32 9.33
C SER A 103 17.64 -4.43 10.52
N GLY A 104 16.77 -4.46 11.52
CA GLY A 104 16.98 -3.64 12.71
C GLY A 104 16.11 -2.40 12.71
N PRO A 105 16.52 -1.39 13.50
CA PRO A 105 15.79 -0.13 13.61
C PRO A 105 15.86 0.70 12.33
N SER A 106 15.32 1.91 12.38
CA SER A 106 15.32 2.81 11.22
C SER A 106 15.81 4.19 11.61
N SER A 107 15.97 5.05 10.61
CA SER A 107 16.44 6.42 10.85
C SER A 107 17.75 6.41 11.63
N GLY A 108 18.65 5.50 11.27
CA GLY A 108 19.92 5.41 11.95
C GLY A 108 20.67 4.13 11.59
N GLY A 1 28.87 -42.61 -27.29
CA GLY A 1 28.47 -41.28 -26.90
C GLY A 1 29.11 -40.86 -25.59
N SER A 2 29.21 -39.55 -25.38
CA SER A 2 29.82 -39.01 -24.16
C SER A 2 29.59 -37.50 -24.07
N SER A 3 29.62 -36.99 -22.84
CA SER A 3 29.41 -35.56 -22.61
C SER A 3 29.65 -35.21 -21.14
N GLY A 4 29.58 -33.93 -20.83
CA GLY A 4 29.77 -33.48 -19.46
C GLY A 4 30.39 -32.10 -19.39
N SER A 5 30.09 -31.38 -18.30
CA SER A 5 30.61 -30.02 -18.12
C SER A 5 30.29 -29.51 -16.72
N SER A 6 30.81 -28.32 -16.40
CA SER A 6 30.57 -27.72 -15.10
C SER A 6 31.03 -26.26 -15.09
N GLY A 7 30.73 -25.57 -14.00
CA GLY A 7 31.12 -24.17 -13.88
C GLY A 7 29.93 -23.27 -13.57
N ASP A 8 30.12 -22.39 -12.60
CA ASP A 8 29.05 -21.46 -12.20
C ASP A 8 29.59 -20.36 -11.30
N LYS A 9 28.76 -19.36 -11.03
CA LYS A 9 29.16 -18.25 -10.17
C LYS A 9 28.33 -18.22 -8.89
N ILE A 10 28.97 -17.87 -7.78
CA ILE A 10 28.28 -17.80 -6.50
C ILE A 10 28.48 -16.43 -5.85
N GLU A 11 27.37 -15.81 -5.43
CA GLU A 11 27.42 -14.51 -4.80
C GLU A 11 26.35 -14.39 -3.72
N SER A 12 26.65 -13.65 -2.66
CA SER A 12 25.72 -13.45 -1.56
C SER A 12 26.08 -12.22 -0.75
N LYS A 13 25.23 -11.20 -0.83
CA LYS A 13 25.45 -9.95 -0.10
C LYS A 13 24.12 -9.36 0.38
N LEU A 14 23.99 -9.25 1.70
CA LEU A 14 22.76 -8.70 2.30
C LEU A 14 23.10 -7.62 3.32
N LEU A 15 22.13 -6.76 3.61
CA LEU A 15 22.33 -5.69 4.57
C LEU A 15 21.00 -5.33 5.25
N ALA A 16 21.05 -5.17 6.57
CA ALA A 16 19.86 -4.82 7.33
C ALA A 16 20.19 -3.76 8.40
N LYS A 17 19.72 -2.54 8.16
CA LYS A 17 19.94 -1.44 9.09
C LYS A 17 18.65 -0.75 9.45
N LYS A 18 18.30 -0.76 10.73
CA LYS A 18 17.07 -0.13 11.21
C LYS A 18 15.93 -0.36 10.23
N ALA A 19 15.69 -1.63 9.90
CA ALA A 19 14.62 -1.99 8.98
C ALA A 19 13.39 -2.46 9.74
N GLU A 20 12.22 -2.23 9.15
CA GLU A 20 10.96 -2.63 9.77
C GLU A 20 10.84 -4.16 9.81
N VAL A 21 10.35 -4.68 10.93
CA VAL A 21 10.19 -6.11 11.09
C VAL A 21 8.71 -6.48 11.21
N ASN A 22 7.85 -5.47 11.19
CA ASN A 22 6.42 -5.69 11.29
C ASN A 22 5.67 -4.96 10.19
N THR A 23 5.23 -5.70 9.18
CA THR A 23 4.50 -5.13 8.05
C THR A 23 3.82 -6.20 7.22
N ILE A 24 3.03 -5.79 6.25
CA ILE A 24 2.32 -6.71 5.38
C ILE A 24 2.68 -6.48 3.91
N PRO A 25 2.91 -7.59 3.18
CA PRO A 25 3.27 -7.53 1.76
C PRO A 25 2.10 -7.09 0.89
N GLY A 26 0.93 -6.90 1.51
CA GLY A 26 -0.23 -6.47 0.78
C GLY A 26 -1.44 -6.27 1.67
N PHE A 27 -2.62 -6.17 1.07
CA PHE A 27 -3.86 -5.98 1.82
C PHE A 27 -5.07 -6.06 0.90
N ASP A 28 -5.82 -7.16 1.01
CA ASP A 28 -7.01 -7.35 0.20
C ASP A 28 -8.20 -6.61 0.79
N GLY A 29 -8.26 -6.54 2.11
CA GLY A 29 -9.36 -5.87 2.77
C GLY A 29 -9.83 -4.65 2.00
N VAL A 30 -10.98 -4.77 1.35
CA VAL A 30 -11.55 -3.67 0.58
C VAL A 30 -11.89 -2.49 1.48
N VAL A 31 -11.58 -1.29 1.00
CA VAL A 31 -11.85 -0.07 1.76
C VAL A 31 -13.34 0.26 1.74
N LYS A 32 -13.77 1.09 2.69
CA LYS A 32 -15.16 1.49 2.78
C LYS A 32 -15.31 2.99 2.57
N ASP A 33 -14.34 3.75 3.07
CA ASP A 33 -14.37 5.21 2.93
C ASP A 33 -12.95 5.77 2.94
N ALA A 34 -12.75 6.88 2.24
CA ALA A 34 -11.44 7.53 2.18
C ALA A 34 -10.73 7.45 3.52
N GLU A 35 -11.44 7.82 4.59
CA GLU A 35 -10.87 7.80 5.93
C GLU A 35 -10.22 6.45 6.22
N GLU A 36 -10.99 5.38 6.05
CA GLU A 36 -10.48 4.03 6.30
C GLU A 36 -9.25 3.75 5.45
N ALA A 37 -9.27 4.22 4.20
CA ALA A 37 -8.16 4.02 3.28
C ALA A 37 -6.87 4.59 3.85
N VAL A 38 -6.98 5.74 4.51
CA VAL A 38 -5.82 6.40 5.11
C VAL A 38 -5.26 5.57 6.27
N ARG A 39 -6.13 5.21 7.20
CA ARG A 39 -5.73 4.42 8.36
C ARG A 39 -5.00 3.16 7.93
N ILE A 40 -5.58 2.45 6.97
CA ILE A 40 -4.99 1.21 6.46
C ILE A 40 -3.66 1.48 5.76
N ALA A 41 -3.68 2.41 4.81
CA ALA A 41 -2.47 2.76 4.06
C ALA A 41 -1.30 3.02 5.01
N ARG A 42 -1.55 3.81 6.05
CA ARG A 42 -0.51 4.13 7.02
C ARG A 42 0.07 2.85 7.63
N GLU A 43 -0.79 1.87 7.87
CA GLU A 43 -0.36 0.60 8.46
C GLU A 43 0.53 -0.17 7.48
N ILE A 44 0.09 -0.25 6.23
CA ILE A 44 0.84 -0.96 5.21
C ILE A 44 2.22 -0.34 5.00
N GLY A 45 2.28 0.99 5.13
CA GLY A 45 3.55 1.69 4.95
C GLY A 45 3.67 2.30 3.57
N TYR A 46 3.56 3.62 3.50
CA TYR A 46 3.66 4.33 2.23
C TYR A 46 5.05 4.14 1.61
N PRO A 47 5.12 4.24 0.27
CA PRO A 47 3.94 4.50 -0.56
C PRO A 47 2.98 3.33 -0.60
N VAL A 48 1.74 3.58 -1.03
CA VAL A 48 0.72 2.55 -1.10
C VAL A 48 -0.06 2.64 -2.41
N MET A 49 -0.06 1.56 -3.17
CA MET A 49 -0.78 1.53 -4.45
C MET A 49 -2.25 1.19 -4.24
N ILE A 50 -3.13 1.92 -4.90
CA ILE A 50 -4.56 1.69 -4.80
C ILE A 50 -5.16 1.21 -6.12
N LYS A 51 -6.01 0.19 -6.05
CA LYS A 51 -6.65 -0.36 -7.24
C LYS A 51 -8.14 -0.57 -7.00
N ALA A 52 -8.89 -0.67 -8.09
CA ALA A 52 -10.33 -0.89 -8.01
C ALA A 52 -10.66 -2.35 -7.70
N SER A 53 -11.23 -2.59 -6.53
CA SER A 53 -11.59 -3.94 -6.13
C SER A 53 -12.25 -4.70 -7.27
N ALA A 54 -13.18 -4.05 -7.95
CA ALA A 54 -13.89 -4.66 -9.07
C ALA A 54 -12.91 -5.34 -10.03
N GLY A 55 -11.75 -4.72 -10.21
CA GLY A 55 -10.75 -5.28 -11.10
C GLY A 55 -9.45 -4.51 -11.08
N GLY A 56 -8.79 -4.50 -9.93
CA GLY A 56 -7.53 -3.78 -9.80
C GLY A 56 -6.54 -4.14 -10.90
N GLY A 57 -5.45 -3.39 -10.97
CA GLY A 57 -4.45 -3.64 -11.98
C GLY A 57 -3.05 -3.26 -11.53
N GLY A 58 -2.44 -2.31 -12.22
CA GLY A 58 -1.10 -1.86 -11.87
C GLY A 58 -0.60 -0.75 -12.77
N LYS A 59 -0.88 -0.88 -14.07
CA LYS A 59 -0.45 0.13 -15.03
C LYS A 59 -1.60 1.04 -15.41
N GLY A 60 -2.42 1.40 -14.43
CA GLY A 60 -3.55 2.28 -14.67
C GLY A 60 -4.09 2.90 -13.41
N MET A 61 -4.17 2.11 -12.34
CA MET A 61 -4.66 2.60 -11.06
C MET A 61 -3.84 3.79 -10.57
N ARG A 62 -4.17 4.27 -9.38
CA ARG A 62 -3.47 5.41 -8.79
C ARG A 62 -2.64 4.98 -7.58
N ILE A 63 -1.60 5.74 -7.28
CA ILE A 63 -0.74 5.43 -6.14
C ILE A 63 -0.61 6.64 -5.22
N ALA A 64 -0.60 6.39 -3.92
CA ALA A 64 -0.48 7.45 -2.93
C ALA A 64 0.79 7.28 -2.09
N TRP A 65 1.29 8.39 -1.55
CA TRP A 65 2.49 8.35 -0.73
C TRP A 65 2.22 8.89 0.66
N ASP A 66 1.19 9.72 0.78
CA ASP A 66 0.81 10.31 2.06
C ASP A 66 -0.70 10.38 2.21
N ASP A 67 -1.17 10.56 3.44
CA ASP A 67 -2.60 10.64 3.71
C ASP A 67 -3.30 11.50 2.67
N GLU A 68 -2.81 12.73 2.50
CA GLU A 68 -3.38 13.65 1.53
C GLU A 68 -3.60 12.97 0.18
N GLU A 69 -2.59 12.22 -0.25
CA GLU A 69 -2.67 11.51 -1.53
C GLU A 69 -3.69 10.38 -1.47
N THR A 70 -3.66 9.62 -0.39
CA THR A 70 -4.58 8.50 -0.21
C THR A 70 -6.01 8.92 -0.50
N ARG A 71 -6.45 9.99 0.18
CA ARG A 71 -7.81 10.49 0.00
C ARG A 71 -8.05 10.89 -1.45
N ASP A 72 -7.27 11.86 -1.94
CA ASP A 72 -7.40 12.34 -3.31
C ASP A 72 -7.44 11.17 -4.28
N GLY A 73 -6.73 10.10 -3.95
CA GLY A 73 -6.69 8.93 -4.82
C GLY A 73 -7.88 8.02 -4.59
N PHE A 74 -8.35 7.96 -3.35
CA PHE A 74 -9.48 7.12 -3.01
C PHE A 74 -10.78 7.65 -3.61
N ARG A 75 -10.86 8.97 -3.73
CA ARG A 75 -12.04 9.62 -4.29
C ARG A 75 -12.17 9.31 -5.77
N LEU A 76 -11.07 9.44 -6.51
CA LEU A 76 -11.06 9.17 -7.94
C LEU A 76 -11.12 7.67 -8.22
N SER A 77 -10.10 6.96 -7.76
CA SER A 77 -10.03 5.51 -7.96
C SER A 77 -11.41 4.88 -7.83
N SER A 78 -12.13 5.24 -6.77
CA SER A 78 -13.46 4.71 -6.54
C SER A 78 -14.41 5.09 -7.68
N GLN A 79 -14.58 6.40 -7.88
CA GLN A 79 -15.46 6.89 -8.94
C GLN A 79 -15.21 6.15 -10.24
N GLU A 80 -13.95 5.80 -10.49
CA GLU A 80 -13.59 5.08 -11.72
C GLU A 80 -14.18 3.69 -11.72
N ALA A 81 -13.96 2.95 -10.64
CA ALA A 81 -14.48 1.59 -10.52
C ALA A 81 -15.98 1.55 -10.82
N ALA A 82 -16.68 2.60 -10.43
CA ALA A 82 -18.12 2.69 -10.65
C ALA A 82 -18.43 2.85 -12.13
N SER A 83 -17.50 3.43 -12.88
CA SER A 83 -17.68 3.65 -14.31
C SER A 83 -17.14 2.48 -15.11
N SER A 84 -16.13 1.81 -14.57
CA SER A 84 -15.51 0.68 -15.24
C SER A 84 -16.39 -0.57 -15.13
N PHE A 85 -16.42 -1.16 -13.94
CA PHE A 85 -17.23 -2.35 -13.71
C PHE A 85 -18.58 -1.99 -13.10
N GLY A 86 -18.55 -1.13 -12.08
CA GLY A 86 -19.78 -0.71 -11.44
C GLY A 86 -19.66 -0.66 -9.92
N ASP A 87 -18.67 -1.38 -9.39
CA ASP A 87 -18.44 -1.42 -7.95
C ASP A 87 -17.45 -0.35 -7.53
N ASP A 88 -17.91 0.59 -6.70
CA ASP A 88 -17.06 1.68 -6.23
C ASP A 88 -15.98 1.15 -5.29
N ARG A 89 -16.09 -0.12 -4.92
CA ARG A 89 -15.13 -0.74 -4.03
C ARG A 89 -13.70 -0.45 -4.47
N LEU A 90 -12.80 -0.30 -3.51
CA LEU A 90 -11.40 -0.01 -3.79
C LEU A 90 -10.49 -0.99 -3.06
N LEU A 91 -9.19 -0.94 -3.39
CA LEU A 91 -8.21 -1.81 -2.77
C LEU A 91 -6.95 -1.03 -2.40
N ILE A 92 -6.02 -1.71 -1.72
CA ILE A 92 -4.77 -1.08 -1.31
C ILE A 92 -3.68 -2.13 -1.11
N GLU A 93 -2.56 -1.96 -1.82
CA GLU A 93 -1.44 -2.88 -1.72
C GLU A 93 -0.12 -2.13 -1.60
N LYS A 94 0.81 -2.70 -0.85
CA LYS A 94 2.12 -2.08 -0.66
C LYS A 94 2.77 -1.75 -1.99
N PHE A 95 3.35 -0.56 -2.08
CA PHE A 95 4.01 -0.12 -3.30
C PHE A 95 5.53 -0.14 -3.15
N ILE A 96 6.19 -0.97 -3.96
CA ILE A 96 7.64 -1.09 -3.92
C ILE A 96 8.27 -0.70 -5.25
N ASP A 97 8.89 0.47 -5.29
CA ASP A 97 9.54 0.96 -6.51
C ASP A 97 10.99 0.51 -6.56
N ASN A 98 11.67 0.57 -5.42
CA ASN A 98 13.07 0.18 -5.33
C ASN A 98 13.20 -1.34 -5.23
N PRO A 99 14.41 -1.85 -5.54
CA PRO A 99 14.69 -3.28 -5.49
C PRO A 99 14.74 -3.81 -4.06
N ARG A 100 14.58 -2.91 -3.09
CA ARG A 100 14.61 -3.29 -1.69
C ARG A 100 13.40 -4.14 -1.33
N HIS A 101 13.60 -5.47 -1.31
CA HIS A 101 12.54 -6.40 -0.98
C HIS A 101 13.07 -7.60 -0.22
N ILE A 102 12.41 -7.94 0.89
CA ILE A 102 12.83 -9.08 1.70
C ILE A 102 11.78 -10.19 1.67
N SER A 103 11.96 -11.14 0.77
CA SER A 103 11.03 -12.26 0.64
C SER A 103 10.85 -12.98 1.97
N GLY A 104 11.97 -13.37 2.58
CA GLY A 104 11.91 -14.06 3.85
C GLY A 104 11.50 -15.51 3.71
N PRO A 105 12.07 -16.39 4.56
CA PRO A 105 11.77 -17.82 4.55
C PRO A 105 10.36 -18.13 5.02
N SER A 106 9.49 -18.51 4.10
CA SER A 106 8.10 -18.83 4.42
C SER A 106 7.59 -17.93 5.55
N SER A 107 7.88 -16.64 5.44
CA SER A 107 7.45 -15.68 6.45
C SER A 107 6.63 -14.56 5.82
N GLY A 108 6.06 -13.71 6.67
CA GLY A 108 5.26 -12.60 6.18
C GLY A 108 3.81 -12.69 6.60
N GLY A 1 -12.19 -10.48 63.51
CA GLY A 1 -13.31 -10.60 62.60
C GLY A 1 -13.17 -11.77 61.63
N SER A 2 -14.15 -11.93 60.75
CA SER A 2 -14.13 -13.02 59.78
C SER A 2 -15.02 -12.69 58.59
N SER A 3 -14.42 -12.58 57.41
CA SER A 3 -15.17 -12.28 56.19
C SER A 3 -14.39 -12.72 54.95
N GLY A 4 -15.00 -12.54 53.79
CA GLY A 4 -14.35 -12.92 52.54
C GLY A 4 -14.43 -11.84 51.50
N SER A 5 -13.63 -11.96 50.45
CA SER A 5 -13.60 -10.98 49.37
C SER A 5 -12.88 -11.53 48.15
N SER A 6 -12.96 -10.79 47.04
CA SER A 6 -12.32 -11.22 45.80
C SER A 6 -12.40 -10.12 44.75
N GLY A 7 -11.58 -10.23 43.71
CA GLY A 7 -11.58 -9.24 42.65
C GLY A 7 -10.31 -9.27 41.83
N ASP A 8 -10.41 -8.87 40.57
CA ASP A 8 -9.26 -8.87 39.66
C ASP A 8 -9.03 -7.47 39.10
N LYS A 9 -7.76 -7.12 38.90
CA LYS A 9 -7.40 -5.82 38.36
C LYS A 9 -5.96 -5.81 37.87
N ILE A 10 -5.57 -4.73 37.19
CA ILE A 10 -4.22 -4.60 36.66
C ILE A 10 -3.72 -5.93 36.11
N GLU A 11 -4.65 -6.76 35.63
CA GLU A 11 -4.30 -8.05 35.07
C GLU A 11 -3.93 -7.93 33.60
N SER A 12 -2.88 -8.64 33.19
CA SER A 12 -2.42 -8.60 31.81
C SER A 12 -1.30 -9.60 31.58
N LYS A 13 -1.52 -10.55 30.67
CA LYS A 13 -0.52 -11.57 30.37
C LYS A 13 -0.60 -11.97 28.90
N LEU A 14 0.52 -12.43 28.36
CA LEU A 14 0.59 -12.86 26.97
C LEU A 14 1.79 -13.76 26.72
N LEU A 15 1.54 -14.93 26.17
CA LEU A 15 2.61 -15.88 25.88
C LEU A 15 2.75 -16.11 24.38
N ALA A 16 3.45 -15.21 23.71
CA ALA A 16 3.66 -15.32 22.27
C ALA A 16 5.10 -14.99 21.90
N LYS A 17 5.79 -15.95 21.29
CA LYS A 17 7.17 -15.76 20.88
C LYS A 17 7.34 -14.45 20.10
N LYS A 18 6.41 -14.20 19.18
CA LYS A 18 6.46 -12.99 18.38
C LYS A 18 5.08 -12.34 18.30
N ALA A 19 4.91 -11.24 19.01
CA ALA A 19 3.64 -10.52 19.01
C ALA A 19 3.86 -9.01 18.85
N GLU A 20 3.93 -8.57 17.61
CA GLU A 20 4.14 -7.16 17.31
C GLU A 20 3.81 -6.85 15.84
N VAL A 21 3.12 -5.74 15.62
CA VAL A 21 2.75 -5.34 14.26
C VAL A 21 3.58 -4.14 13.80
N ASN A 22 4.49 -4.38 12.87
CA ASN A 22 5.34 -3.32 12.34
C ASN A 22 4.98 -3.01 10.89
N THR A 23 4.99 -4.03 10.04
CA THR A 23 4.67 -3.87 8.64
C THR A 23 3.79 -5.01 8.13
N ILE A 24 3.05 -4.75 7.06
CA ILE A 24 2.18 -5.76 6.48
C ILE A 24 2.60 -6.12 5.06
N PRO A 25 2.59 -7.42 4.75
CA PRO A 25 2.98 -7.93 3.43
C PRO A 25 1.96 -7.56 2.35
N GLY A 26 0.90 -6.88 2.75
CA GLY A 26 -0.12 -6.48 1.81
C GLY A 26 -1.47 -6.27 2.46
N PHE A 27 -2.52 -6.18 1.65
CA PHE A 27 -3.87 -5.98 2.16
C PHE A 27 -4.90 -6.11 1.05
N ASP A 28 -5.97 -6.83 1.32
CA ASP A 28 -7.04 -7.04 0.34
C ASP A 28 -8.34 -6.38 0.79
N GLY A 29 -8.61 -6.49 2.10
CA GLY A 29 -9.82 -5.91 2.64
C GLY A 29 -10.20 -4.59 1.98
N VAL A 30 -11.10 -4.66 1.00
CA VAL A 30 -11.53 -3.47 0.28
C VAL A 30 -11.85 -2.33 1.25
N VAL A 31 -11.49 -1.11 0.84
CA VAL A 31 -11.73 0.07 1.66
C VAL A 31 -13.21 0.45 1.66
N LYS A 32 -13.65 1.08 2.75
CA LYS A 32 -15.05 1.50 2.87
C LYS A 32 -15.19 2.99 2.55
N ASP A 33 -14.18 3.76 2.94
CA ASP A 33 -14.20 5.21 2.70
C ASP A 33 -12.78 5.78 2.73
N ALA A 34 -12.58 6.88 2.03
CA ALA A 34 -11.28 7.53 1.97
C ALA A 34 -10.59 7.49 3.34
N GLU A 35 -11.30 7.98 4.36
CA GLU A 35 -10.75 8.00 5.71
C GLU A 35 -10.20 6.63 6.10
N GLU A 36 -10.93 5.59 5.74
CA GLU A 36 -10.51 4.22 6.05
C GLU A 36 -9.27 3.83 5.26
N ALA A 37 -9.18 4.33 4.03
CA ALA A 37 -8.03 4.04 3.17
C ALA A 37 -6.75 4.62 3.75
N VAL A 38 -6.87 5.77 4.41
CA VAL A 38 -5.72 6.44 5.01
C VAL A 38 -5.21 5.66 6.21
N ARG A 39 -6.14 5.17 7.04
CA ARG A 39 -5.78 4.41 8.23
C ARG A 39 -5.03 3.13 7.85
N ILE A 40 -5.67 2.30 7.03
CA ILE A 40 -5.07 1.04 6.60
C ILE A 40 -3.72 1.29 5.95
N ALA A 41 -3.62 2.34 5.15
CA ALA A 41 -2.38 2.68 4.47
C ALA A 41 -1.25 2.92 5.47
N ARG A 42 -1.49 3.83 6.41
CA ARG A 42 -0.49 4.16 7.42
C ARG A 42 0.07 2.90 8.06
N GLU A 43 -0.81 1.93 8.31
CA GLU A 43 -0.40 0.67 8.92
C GLU A 43 0.59 -0.08 8.02
N ILE A 44 0.25 -0.19 6.74
CA ILE A 44 1.10 -0.87 5.77
C ILE A 44 2.46 -0.19 5.66
N GLY A 45 2.45 1.14 5.65
CA GLY A 45 3.69 1.89 5.55
C GLY A 45 3.89 2.49 4.17
N TYR A 46 3.48 3.73 4.00
CA TYR A 46 3.62 4.42 2.72
C TYR A 46 5.03 4.24 2.15
N PRO A 47 5.15 4.32 0.81
CA PRO A 47 4.00 4.57 -0.06
C PRO A 47 3.05 3.39 -0.12
N VAL A 48 1.83 3.63 -0.60
CA VAL A 48 0.82 2.58 -0.71
C VAL A 48 0.07 2.68 -2.03
N MET A 49 0.08 1.60 -2.80
CA MET A 49 -0.61 1.57 -4.09
C MET A 49 -2.09 1.30 -3.91
N ILE A 50 -2.91 1.98 -4.70
CA ILE A 50 -4.36 1.80 -4.62
C ILE A 50 -4.93 1.39 -5.97
N LYS A 51 -5.75 0.34 -5.96
CA LYS A 51 -6.37 -0.16 -7.17
C LYS A 51 -7.88 -0.33 -6.99
N ALA A 52 -8.57 -0.69 -8.07
CA ALA A 52 -10.01 -0.88 -8.03
C ALA A 52 -10.35 -2.37 -7.94
N SER A 53 -10.84 -2.79 -6.78
CA SER A 53 -11.20 -4.18 -6.56
C SER A 53 -12.01 -4.72 -7.74
N ALA A 54 -13.00 -3.94 -8.17
CA ALA A 54 -13.84 -4.34 -9.30
C ALA A 54 -13.00 -4.84 -10.47
N GLY A 55 -11.85 -4.21 -10.68
CA GLY A 55 -10.97 -4.61 -11.76
C GLY A 55 -9.52 -4.68 -11.34
N GLY A 56 -8.93 -3.52 -11.09
CA GLY A 56 -7.53 -3.47 -10.69
C GLY A 56 -6.61 -4.11 -11.70
N GLY A 57 -5.35 -4.30 -11.33
CA GLY A 57 -4.39 -4.90 -12.22
C GLY A 57 -2.99 -4.32 -12.05
N GLY A 58 -2.90 -3.00 -12.06
CA GLY A 58 -1.62 -2.34 -11.90
C GLY A 58 -1.46 -1.15 -12.84
N LYS A 59 -2.23 -1.15 -13.92
CA LYS A 59 -2.17 -0.06 -14.90
C LYS A 59 -3.45 0.76 -14.86
N GLY A 60 -3.30 2.08 -14.91
CA GLY A 60 -4.45 2.96 -14.89
C GLY A 60 -4.76 3.47 -13.49
N MET A 61 -4.54 2.63 -12.49
CA MET A 61 -4.81 3.00 -11.10
C MET A 61 -3.89 4.13 -10.66
N ARG A 62 -3.97 4.49 -9.38
CA ARG A 62 -3.15 5.56 -8.84
C ARG A 62 -2.51 5.14 -7.51
N ILE A 63 -1.40 5.78 -7.17
CA ILE A 63 -0.70 5.47 -5.93
C ILE A 63 -0.62 6.69 -5.02
N ALA A 64 -0.48 6.45 -3.72
CA ALA A 64 -0.39 7.53 -2.75
C ALA A 64 0.84 7.37 -1.85
N TRP A 65 1.37 8.49 -1.38
CA TRP A 65 2.55 8.46 -0.52
C TRP A 65 2.23 9.08 0.84
N ASP A 66 1.07 9.71 0.94
CA ASP A 66 0.65 10.35 2.19
C ASP A 66 -0.87 10.41 2.28
N ASP A 67 -1.38 10.64 3.49
CA ASP A 67 -2.81 10.71 3.71
C ASP A 67 -3.49 11.52 2.62
N GLU A 68 -3.02 12.75 2.42
CA GLU A 68 -3.58 13.63 1.40
C GLU A 68 -3.72 12.90 0.07
N GLU A 69 -2.68 12.18 -0.32
CA GLU A 69 -2.69 11.44 -1.57
C GLU A 69 -3.67 10.27 -1.50
N THR A 70 -3.65 9.55 -0.39
CA THR A 70 -4.55 8.41 -0.20
C THR A 70 -5.98 8.78 -0.53
N ARG A 71 -6.47 9.85 0.09
CA ARG A 71 -7.84 10.30 -0.13
C ARG A 71 -8.05 10.70 -1.59
N ASP A 72 -7.32 11.72 -2.03
CA ASP A 72 -7.42 12.20 -3.41
C ASP A 72 -7.46 11.02 -4.38
N GLY A 73 -6.56 10.08 -4.20
CA GLY A 73 -6.50 8.92 -5.07
C GLY A 73 -7.64 7.95 -4.81
N PHE A 74 -8.12 7.92 -3.58
CA PHE A 74 -9.21 7.02 -3.20
C PHE A 74 -10.52 7.46 -3.84
N ARG A 75 -10.74 8.78 -3.90
CA ARG A 75 -11.95 9.32 -4.49
C ARG A 75 -12.02 9.01 -5.98
N LEU A 76 -10.92 9.25 -6.68
CA LEU A 76 -10.86 9.00 -8.11
C LEU A 76 -10.91 7.50 -8.40
N SER A 77 -9.88 6.78 -7.96
CA SER A 77 -9.80 5.35 -8.17
C SER A 77 -11.15 4.68 -7.88
N SER A 78 -11.96 5.35 -7.08
CA SER A 78 -13.28 4.82 -6.71
C SER A 78 -14.29 5.07 -7.81
N GLN A 79 -14.53 6.35 -8.10
CA GLN A 79 -15.48 6.73 -9.15
C GLN A 79 -15.22 5.96 -10.43
N GLU A 80 -13.96 5.63 -10.67
CA GLU A 80 -13.57 4.89 -11.87
C GLU A 80 -14.13 3.48 -11.84
N ALA A 81 -13.87 2.77 -10.74
CA ALA A 81 -14.35 1.40 -10.58
C ALA A 81 -15.87 1.34 -10.65
N ALA A 82 -16.52 2.45 -10.32
CA ALA A 82 -17.97 2.52 -10.35
C ALA A 82 -18.48 2.94 -11.73
N SER A 83 -17.59 3.55 -12.52
CA SER A 83 -17.95 4.01 -13.86
C SER A 83 -17.47 3.02 -14.91
N SER A 84 -16.71 2.02 -14.47
CA SER A 84 -16.17 1.00 -15.37
C SER A 84 -16.96 -0.29 -15.27
N PHE A 85 -17.00 -0.86 -14.06
CA PHE A 85 -17.73 -2.10 -13.83
C PHE A 85 -19.04 -1.84 -13.10
N GLY A 86 -18.97 -1.03 -12.04
CA GLY A 86 -20.16 -0.71 -11.27
C GLY A 86 -19.88 -0.63 -9.79
N ASP A 87 -18.94 -1.44 -9.32
CA ASP A 87 -18.58 -1.45 -7.90
C ASP A 87 -17.50 -0.41 -7.60
N ASP A 88 -17.61 0.22 -6.43
CA ASP A 88 -16.65 1.24 -6.04
C ASP A 88 -15.64 0.66 -5.03
N ARG A 89 -15.49 -0.65 -5.04
CA ARG A 89 -14.57 -1.32 -4.14
C ARG A 89 -13.13 -1.02 -4.52
N LEU A 90 -12.35 -0.53 -3.56
CA LEU A 90 -10.96 -0.20 -3.79
C LEU A 90 -10.03 -1.14 -3.03
N LEU A 91 -8.75 -1.13 -3.38
CA LEU A 91 -7.77 -1.99 -2.73
C LEU A 91 -6.52 -1.20 -2.35
N ILE A 92 -5.74 -1.74 -1.42
CA ILE A 92 -4.52 -1.10 -0.98
C ILE A 92 -3.41 -2.11 -0.74
N GLU A 93 -2.28 -1.91 -1.40
CA GLU A 93 -1.13 -2.81 -1.26
C GLU A 93 0.15 -2.03 -1.06
N LYS A 94 1.16 -2.68 -0.48
CA LYS A 94 2.45 -2.05 -0.24
C LYS A 94 3.15 -1.71 -1.55
N PHE A 95 3.60 -0.47 -1.67
CA PHE A 95 4.29 -0.02 -2.87
C PHE A 95 5.80 0.03 -2.65
N ILE A 96 6.52 -0.81 -3.39
CA ILE A 96 7.98 -0.87 -3.27
C ILE A 96 8.64 -0.70 -4.63
N ASP A 97 9.32 0.42 -4.82
CA ASP A 97 10.00 0.70 -6.09
C ASP A 97 11.40 0.09 -6.08
N ASN A 98 12.08 0.18 -4.94
CA ASN A 98 13.43 -0.35 -4.81
C ASN A 98 13.40 -1.84 -4.48
N PRO A 99 14.33 -2.60 -5.04
CA PRO A 99 14.44 -4.04 -4.82
C PRO A 99 14.89 -4.37 -3.40
N ARG A 100 15.20 -3.34 -2.62
CA ARG A 100 15.65 -3.52 -1.24
C ARG A 100 14.49 -3.31 -0.27
N HIS A 101 14.32 -4.27 0.64
CA HIS A 101 13.25 -4.19 1.64
C HIS A 101 13.78 -3.64 2.96
N ILE A 102 14.60 -2.60 2.88
CA ILE A 102 15.17 -1.99 4.07
C ILE A 102 14.86 -0.50 4.14
N SER A 103 13.85 -0.14 4.93
CA SER A 103 13.45 1.25 5.08
C SER A 103 14.43 2.02 5.95
N GLY A 104 14.95 3.12 5.42
CA GLY A 104 15.91 3.92 6.16
C GLY A 104 16.13 5.29 5.54
N PRO A 105 16.86 6.16 6.25
CA PRO A 105 17.15 7.51 5.77
C PRO A 105 18.12 7.52 4.60
N SER A 106 18.09 8.60 3.82
CA SER A 106 18.96 8.72 2.65
C SER A 106 19.95 9.87 2.85
N SER A 107 21.06 9.82 2.11
CA SER A 107 22.08 10.85 2.19
C SER A 107 22.57 11.25 0.81
N GLY A 108 23.11 12.46 0.70
CA GLY A 108 23.62 12.94 -0.57
C GLY A 108 22.52 13.56 -1.42
N GLY A 1 12.41 49.63 -28.62
CA GLY A 1 13.38 48.60 -28.30
C GLY A 1 12.79 47.49 -27.47
N SER A 2 13.62 46.49 -27.15
CA SER A 2 13.18 45.36 -26.35
C SER A 2 14.35 44.44 -26.02
N SER A 3 14.21 43.67 -24.93
CA SER A 3 15.25 42.76 -24.52
C SER A 3 14.77 41.87 -23.37
N GLY A 4 15.57 40.87 -23.01
CA GLY A 4 15.20 39.97 -21.94
C GLY A 4 16.11 38.76 -21.86
N SER A 5 16.22 38.17 -20.67
CA SER A 5 17.07 37.01 -20.47
C SER A 5 16.89 36.45 -19.05
N SER A 6 17.00 35.13 -18.93
CA SER A 6 16.85 34.47 -17.64
C SER A 6 17.27 33.00 -17.73
N GLY A 7 17.30 32.33 -16.58
CA GLY A 7 17.67 30.93 -16.55
C GLY A 7 17.94 30.44 -15.14
N ASP A 8 17.50 29.22 -14.85
CA ASP A 8 17.69 28.62 -13.53
C ASP A 8 17.24 27.17 -13.53
N LYS A 9 18.21 26.26 -13.45
CA LYS A 9 17.92 24.83 -13.42
C LYS A 9 18.61 24.15 -12.25
N ILE A 10 17.83 23.45 -11.44
CA ILE A 10 18.38 22.74 -10.28
C ILE A 10 17.38 21.73 -9.74
N GLU A 11 17.87 20.53 -9.43
CA GLU A 11 17.02 19.47 -8.89
C GLU A 11 17.82 18.52 -8.01
N SER A 12 17.33 18.29 -6.79
CA SER A 12 18.01 17.40 -5.86
C SER A 12 17.08 17.05 -4.69
N LYS A 13 17.17 15.81 -4.23
CA LYS A 13 16.36 15.35 -3.11
C LYS A 13 16.82 13.98 -2.62
N LEU A 14 17.42 13.96 -1.44
CA LEU A 14 17.91 12.71 -0.85
C LEU A 14 17.34 12.51 0.55
N LEU A 15 16.49 11.50 0.69
CA LEU A 15 15.87 11.20 1.98
C LEU A 15 15.52 9.72 2.08
N ALA A 16 15.93 9.09 3.18
CA ALA A 16 15.65 7.67 3.39
C ALA A 16 15.82 7.29 4.85
N LYS A 17 15.05 6.32 5.31
CA LYS A 17 15.11 5.86 6.69
C LYS A 17 14.78 4.38 6.79
N LYS A 18 15.50 3.67 7.66
CA LYS A 18 15.28 2.25 7.85
C LYS A 18 14.65 1.97 9.21
N ALA A 19 13.65 2.79 9.56
CA ALA A 19 12.96 2.63 10.84
C ALA A 19 11.64 1.89 10.66
N GLU A 20 11.69 0.57 10.80
CA GLU A 20 10.49 -0.25 10.65
C GLU A 20 10.40 -1.30 11.75
N VAL A 21 9.19 -1.56 12.23
CA VAL A 21 8.97 -2.53 13.28
C VAL A 21 8.13 -3.71 12.79
N ASN A 22 6.92 -3.41 12.33
CA ASN A 22 6.02 -4.44 11.83
C ASN A 22 5.34 -3.98 10.55
N THR A 23 5.61 -4.68 9.45
CA THR A 23 5.02 -4.35 8.16
C THR A 23 4.15 -5.49 7.64
N ILE A 24 3.08 -5.14 6.94
CA ILE A 24 2.17 -6.12 6.38
C ILE A 24 2.60 -6.55 4.99
N PRO A 25 2.56 -7.86 4.73
CA PRO A 25 2.94 -8.43 3.43
C PRO A 25 1.95 -8.08 2.33
N GLY A 26 0.91 -7.32 2.69
CA GLY A 26 -0.09 -6.94 1.72
C GLY A 26 -1.48 -6.87 2.32
N PHE A 27 -2.36 -6.09 1.70
CA PHE A 27 -3.73 -5.93 2.18
C PHE A 27 -4.73 -6.16 1.05
N ASP A 28 -5.86 -6.76 1.38
CA ASP A 28 -6.90 -7.04 0.40
C ASP A 28 -8.25 -6.46 0.86
N GLY A 29 -8.47 -6.46 2.16
CA GLY A 29 -9.72 -5.94 2.70
C GLY A 29 -10.17 -4.68 2.00
N VAL A 30 -11.02 -4.85 0.98
CA VAL A 30 -11.53 -3.73 0.21
C VAL A 30 -11.84 -2.55 1.12
N VAL A 31 -11.43 -1.36 0.69
CA VAL A 31 -11.66 -0.14 1.46
C VAL A 31 -13.15 0.21 1.51
N LYS A 32 -13.54 1.01 2.49
CA LYS A 32 -14.92 1.41 2.65
C LYS A 32 -15.09 2.90 2.36
N ASP A 33 -14.15 3.71 2.83
CA ASP A 33 -14.19 5.14 2.62
C ASP A 33 -12.78 5.75 2.68
N ALA A 34 -12.61 6.90 2.05
CA ALA A 34 -11.32 7.57 2.03
C ALA A 34 -10.65 7.51 3.40
N GLU A 35 -11.41 7.83 4.44
CA GLU A 35 -10.89 7.81 5.79
C GLU A 35 -10.31 6.44 6.13
N GLU A 36 -11.01 5.39 5.76
CA GLU A 36 -10.56 4.02 6.02
C GLU A 36 -9.32 3.70 5.20
N ALA A 37 -9.26 4.20 3.98
CA ALA A 37 -8.14 3.96 3.09
C ALA A 37 -6.86 4.57 3.67
N VAL A 38 -7.00 5.68 4.37
CA VAL A 38 -5.85 6.37 4.97
C VAL A 38 -5.27 5.55 6.12
N ARG A 39 -6.14 5.10 7.02
CA ARG A 39 -5.72 4.30 8.16
C ARG A 39 -4.98 3.04 7.71
N ILE A 40 -5.67 2.23 6.90
CA ILE A 40 -5.08 0.99 6.40
C ILE A 40 -3.72 1.24 5.77
N ALA A 41 -3.65 2.23 4.88
CA ALA A 41 -2.41 2.58 4.22
C ALA A 41 -1.29 2.78 5.23
N ARG A 42 -1.45 3.78 6.09
CA ARG A 42 -0.45 4.09 7.11
C ARG A 42 0.12 2.81 7.71
N GLU A 43 -0.75 1.84 7.95
CA GLU A 43 -0.33 0.57 8.53
C GLU A 43 0.59 -0.19 7.58
N ILE A 44 0.26 -0.14 6.29
CA ILE A 44 1.06 -0.82 5.28
C ILE A 44 2.43 -0.15 5.11
N GLY A 45 2.46 1.16 5.32
CA GLY A 45 3.70 1.89 5.19
C GLY A 45 3.87 2.50 3.81
N TYR A 46 3.70 3.82 3.72
CA TYR A 46 3.82 4.52 2.45
C TYR A 46 5.22 4.34 1.87
N PRO A 47 5.31 4.45 0.53
CA PRO A 47 4.16 4.71 -0.33
C PRO A 47 3.20 3.53 -0.39
N VAL A 48 1.94 3.81 -0.72
CA VAL A 48 0.92 2.78 -0.82
C VAL A 48 0.12 2.91 -2.11
N MET A 49 0.09 1.83 -2.89
CA MET A 49 -0.65 1.83 -4.15
C MET A 49 -2.13 1.58 -3.91
N ILE A 50 -2.97 2.11 -4.80
CA ILE A 50 -4.41 1.96 -4.69
C ILE A 50 -5.01 1.53 -6.02
N LYS A 51 -5.64 0.35 -6.03
CA LYS A 51 -6.27 -0.17 -7.22
C LYS A 51 -7.77 -0.35 -7.03
N ALA A 52 -8.48 -0.70 -8.11
CA ALA A 52 -9.92 -0.91 -8.04
C ALA A 52 -10.26 -2.39 -7.87
N SER A 53 -10.73 -2.74 -6.68
CA SER A 53 -11.08 -4.12 -6.38
C SER A 53 -11.86 -4.75 -7.54
N ALA A 54 -12.85 -4.03 -8.04
CA ALA A 54 -13.66 -4.51 -9.15
C ALA A 54 -12.80 -5.25 -10.17
N GLY A 55 -11.65 -4.65 -10.51
CA GLY A 55 -10.76 -5.27 -11.47
C GLY A 55 -9.31 -5.20 -11.05
N GLY A 56 -8.80 -3.99 -10.84
CA GLY A 56 -7.43 -3.83 -10.43
C GLY A 56 -6.45 -4.48 -11.38
N GLY A 57 -5.48 -5.20 -10.84
CA GLY A 57 -4.49 -5.87 -11.66
C GLY A 57 -3.18 -5.11 -11.72
N GLY A 58 -3.25 -3.79 -11.58
CA GLY A 58 -2.06 -2.97 -11.63
C GLY A 58 -1.96 -2.14 -12.89
N LYS A 59 -3.06 -1.47 -13.22
CA LYS A 59 -3.11 -0.63 -14.42
C LYS A 59 -4.26 0.37 -14.35
N GLY A 60 -3.99 1.60 -14.73
CA GLY A 60 -5.02 2.63 -14.71
C GLY A 60 -5.39 3.03 -13.29
N MET A 61 -4.51 2.75 -12.34
CA MET A 61 -4.75 3.08 -10.94
C MET A 61 -3.84 4.22 -10.49
N ARG A 62 -4.03 4.67 -9.25
CA ARG A 62 -3.23 5.76 -8.70
C ARG A 62 -2.53 5.31 -7.41
N ILE A 63 -1.44 5.99 -7.07
CA ILE A 63 -0.68 5.67 -5.88
C ILE A 63 -0.58 6.88 -4.94
N ALA A 64 -0.58 6.62 -3.64
CA ALA A 64 -0.49 7.68 -2.65
C ALA A 64 0.76 7.52 -1.78
N TRP A 65 1.31 8.64 -1.34
CA TRP A 65 2.51 8.62 -0.50
C TRP A 65 2.20 9.17 0.89
N ASP A 66 1.06 9.83 1.02
CA ASP A 66 0.65 10.40 2.30
C ASP A 66 -0.86 10.46 2.42
N ASP A 67 -1.36 10.60 3.64
CA ASP A 67 -2.79 10.67 3.88
C ASP A 67 -3.48 11.53 2.83
N GLU A 68 -3.07 12.78 2.72
CA GLU A 68 -3.64 13.71 1.75
C GLU A 68 -3.80 13.05 0.39
N GLU A 69 -2.76 12.32 -0.02
CA GLU A 69 -2.77 11.63 -1.32
C GLU A 69 -3.74 10.45 -1.28
N THR A 70 -3.69 9.68 -0.20
CA THR A 70 -4.56 8.52 -0.05
C THR A 70 -6.02 8.89 -0.29
N ARG A 71 -6.47 9.97 0.34
CA ARG A 71 -7.85 10.43 0.19
C ARG A 71 -8.10 10.91 -1.24
N ASP A 72 -7.24 11.80 -1.72
CA ASP A 72 -7.38 12.34 -3.07
C ASP A 72 -7.42 11.22 -4.11
N GLY A 73 -6.67 10.15 -3.84
CA GLY A 73 -6.63 9.03 -4.76
C GLY A 73 -7.82 8.10 -4.59
N PHE A 74 -8.23 7.89 -3.35
CA PHE A 74 -9.36 7.02 -3.04
C PHE A 74 -10.65 7.57 -3.65
N ARG A 75 -10.72 8.90 -3.76
CA ARG A 75 -11.90 9.54 -4.33
C ARG A 75 -11.98 9.34 -5.83
N LEU A 76 -10.88 9.65 -6.52
CA LEU A 76 -10.82 9.49 -7.97
C LEU A 76 -10.85 8.03 -8.36
N SER A 77 -9.90 7.25 -7.85
CA SER A 77 -9.82 5.84 -8.15
C SER A 77 -11.16 5.15 -7.93
N SER A 78 -11.99 5.76 -7.07
CA SER A 78 -13.31 5.21 -6.78
C SER A 78 -14.28 5.47 -7.93
N GLN A 79 -14.43 6.73 -8.29
CA GLN A 79 -15.34 7.11 -9.38
C GLN A 79 -15.04 6.29 -10.63
N GLU A 80 -13.80 5.84 -10.77
CA GLU A 80 -13.39 5.05 -11.92
C GLU A 80 -14.04 3.67 -11.89
N ALA A 81 -13.68 2.86 -10.91
CA ALA A 81 -14.23 1.53 -10.77
C ALA A 81 -15.76 1.56 -10.77
N ALA A 82 -16.32 2.70 -10.39
CA ALA A 82 -17.77 2.86 -10.34
C ALA A 82 -18.38 2.71 -11.73
N SER A 83 -17.83 3.45 -12.69
CA SER A 83 -18.33 3.40 -14.07
C SER A 83 -17.70 2.24 -14.83
N SER A 84 -16.40 2.06 -14.65
CA SER A 84 -15.68 0.99 -15.32
C SER A 84 -16.44 -0.33 -15.22
N PHE A 85 -16.46 -0.90 -14.01
CA PHE A 85 -17.15 -2.17 -13.78
C PHE A 85 -18.58 -1.92 -13.28
N GLY A 86 -18.69 -1.12 -12.22
CA GLY A 86 -19.99 -0.82 -11.66
C GLY A 86 -19.93 -0.52 -10.18
N ASP A 87 -18.91 -1.04 -9.51
CA ASP A 87 -18.73 -0.81 -8.08
C ASP A 87 -17.58 0.14 -7.81
N ASP A 88 -17.47 0.60 -6.57
CA ASP A 88 -16.42 1.52 -6.18
C ASP A 88 -15.39 0.84 -5.28
N ARG A 89 -15.51 -0.48 -5.16
CA ARG A 89 -14.61 -1.25 -4.32
C ARG A 89 -13.15 -1.01 -4.72
N LEU A 90 -12.36 -0.48 -3.80
CA LEU A 90 -10.96 -0.20 -4.06
C LEU A 90 -10.06 -1.16 -3.29
N LEU A 91 -8.75 -1.04 -3.51
CA LEU A 91 -7.78 -1.89 -2.83
C LEU A 91 -6.55 -1.10 -2.39
N ILE A 92 -5.65 -1.76 -1.67
CA ILE A 92 -4.44 -1.10 -1.20
C ILE A 92 -3.33 -2.12 -0.96
N GLU A 93 -2.22 -1.95 -1.66
CA GLU A 93 -1.09 -2.86 -1.53
C GLU A 93 0.22 -2.08 -1.38
N LYS A 94 1.17 -2.66 -0.67
CA LYS A 94 2.47 -2.02 -0.45
C LYS A 94 3.13 -1.67 -1.78
N PHE A 95 3.62 -0.44 -1.87
CA PHE A 95 4.28 0.02 -3.09
C PHE A 95 5.79 0.11 -2.88
N ILE A 96 6.52 -0.72 -3.61
CA ILE A 96 7.99 -0.74 -3.52
C ILE A 96 8.63 -0.57 -4.89
N ASP A 97 9.32 0.55 -5.08
CA ASP A 97 9.98 0.83 -6.35
C ASP A 97 11.40 0.26 -6.35
N ASN A 98 12.16 0.59 -5.32
CA ASN A 98 13.54 0.12 -5.19
C ASN A 98 13.61 -1.16 -4.37
N PRO A 99 14.68 -1.93 -4.57
CA PRO A 99 14.90 -3.19 -3.85
C PRO A 99 15.19 -2.97 -2.37
N ARG A 100 14.95 -4.00 -1.56
CA ARG A 100 15.19 -3.92 -0.13
C ARG A 100 15.58 -5.28 0.44
N HIS A 101 15.95 -5.32 1.72
CA HIS A 101 16.33 -6.56 2.37
C HIS A 101 15.66 -6.68 3.74
N ILE A 102 15.77 -7.86 4.35
CA ILE A 102 15.17 -8.10 5.65
C ILE A 102 16.25 -8.29 6.72
N SER A 103 15.85 -8.17 7.98
CA SER A 103 16.78 -8.32 9.09
C SER A 103 16.60 -9.69 9.76
N GLY A 104 15.39 -9.98 10.18
CA GLY A 104 15.11 -11.24 10.83
C GLY A 104 13.95 -11.16 11.82
N PRO A 105 13.38 -12.31 12.17
CA PRO A 105 12.26 -12.39 13.11
C PRO A 105 12.68 -12.04 14.54
N SER A 106 13.94 -11.70 14.71
CA SER A 106 14.47 -11.34 16.03
C SER A 106 13.45 -10.53 16.82
N SER A 107 13.07 -11.03 17.98
CA SER A 107 12.10 -10.35 18.83
C SER A 107 12.56 -8.93 19.15
N GLY A 108 13.78 -8.81 19.65
CA GLY A 108 14.32 -7.51 19.99
C GLY A 108 13.63 -6.88 21.18
N GLY A 1 18.60 -65.24 9.06
CA GLY A 1 19.41 -64.06 9.38
C GLY A 1 19.82 -63.30 8.15
N SER A 2 21.10 -63.39 7.79
CA SER A 2 21.62 -62.68 6.62
C SER A 2 20.92 -61.34 6.45
N SER A 3 20.85 -60.56 7.53
CA SER A 3 20.21 -59.26 7.50
C SER A 3 21.18 -58.16 7.90
N GLY A 4 20.78 -56.90 7.69
CA GLY A 4 21.64 -55.79 8.04
C GLY A 4 20.92 -54.46 7.93
N SER A 5 21.60 -53.38 8.29
CA SER A 5 21.03 -52.04 8.24
C SER A 5 22.12 -50.98 8.22
N SER A 6 21.73 -49.74 7.94
CA SER A 6 22.67 -48.63 7.89
C SER A 6 21.94 -47.29 7.76
N GLY A 7 22.57 -46.23 8.25
CA GLY A 7 21.96 -44.92 8.18
C GLY A 7 22.99 -43.80 8.17
N ASP A 8 22.55 -42.59 7.89
CA ASP A 8 23.44 -41.44 7.84
C ASP A 8 22.64 -40.14 7.74
N LYS A 9 22.88 -39.23 8.69
CA LYS A 9 22.18 -37.95 8.70
C LYS A 9 23.10 -36.84 9.22
N ILE A 10 23.18 -35.75 8.46
CA ILE A 10 24.02 -34.63 8.85
C ILE A 10 23.31 -33.29 8.57
N GLU A 11 23.13 -32.50 9.63
CA GLU A 11 22.47 -31.22 9.51
C GLU A 11 22.49 -30.46 10.83
N SER A 12 23.29 -29.40 10.88
CA SER A 12 23.42 -28.60 12.09
C SER A 12 23.40 -27.10 11.76
N LYS A 13 22.53 -26.36 12.42
CA LYS A 13 22.42 -24.93 12.20
C LYS A 13 21.69 -24.25 13.36
N LEU A 14 22.08 -23.01 13.66
CA LEU A 14 21.47 -22.25 14.74
C LEU A 14 20.60 -21.13 14.19
N LEU A 15 19.88 -21.42 13.12
CA LEU A 15 19.00 -20.42 12.49
C LEU A 15 18.15 -21.06 11.41
N ALA A 16 16.85 -21.18 11.68
CA ALA A 16 15.92 -21.78 10.73
C ALA A 16 14.89 -20.75 10.27
N LYS A 17 15.36 -19.70 9.59
CA LYS A 17 14.48 -18.65 9.09
C LYS A 17 14.98 -18.12 7.75
N LYS A 18 14.06 -17.65 6.93
CA LYS A 18 14.41 -17.10 5.62
C LYS A 18 14.54 -15.57 5.69
N ALA A 19 13.53 -14.92 6.25
CA ALA A 19 13.54 -13.47 6.38
C ALA A 19 12.33 -12.98 7.16
N GLU A 20 12.57 -12.12 8.14
CA GLU A 20 11.50 -11.58 8.96
C GLU A 20 10.93 -10.30 8.36
N VAL A 21 9.60 -10.19 8.35
CA VAL A 21 8.94 -9.03 7.79
C VAL A 21 8.75 -7.94 8.86
N ASN A 22 8.54 -6.71 8.40
CA ASN A 22 8.35 -5.59 9.32
C ASN A 22 6.86 -5.27 9.49
N THR A 23 6.13 -5.28 8.38
CA THR A 23 4.70 -5.00 8.40
C THR A 23 3.92 -6.09 7.69
N ILE A 24 2.59 -5.93 7.65
CA ILE A 24 1.73 -6.91 6.99
C ILE A 24 2.05 -7.01 5.51
N PRO A 25 2.07 -8.25 4.99
CA PRO A 25 2.37 -8.51 3.58
C PRO A 25 1.24 -8.05 2.67
N GLY A 26 1.20 -6.75 2.39
CA GLY A 26 0.17 -6.21 1.52
C GLY A 26 -1.16 -6.06 2.23
N PHE A 27 -2.24 -5.94 1.46
CA PHE A 27 -3.57 -5.78 2.02
C PHE A 27 -4.63 -5.89 0.93
N ASP A 28 -5.69 -6.66 1.21
CA ASP A 28 -6.77 -6.85 0.26
C ASP A 28 -8.07 -6.23 0.78
N GLY A 29 -8.20 -6.20 2.11
CA GLY A 29 -9.40 -5.64 2.72
C GLY A 29 -9.90 -4.41 1.98
N VAL A 30 -10.97 -4.59 1.21
CA VAL A 30 -11.55 -3.48 0.45
C VAL A 30 -11.83 -2.29 1.35
N VAL A 31 -11.52 -1.09 0.85
CA VAL A 31 -11.74 0.14 1.61
C VAL A 31 -13.21 0.54 1.57
N LYS A 32 -13.67 1.19 2.64
CA LYS A 32 -15.05 1.64 2.73
C LYS A 32 -15.17 3.13 2.44
N ASP A 33 -14.20 3.90 2.93
CA ASP A 33 -14.20 5.34 2.71
C ASP A 33 -12.77 5.89 2.77
N ALA A 34 -12.55 7.00 2.07
CA ALA A 34 -11.23 7.62 2.03
C ALA A 34 -10.57 7.58 3.40
N GLU A 35 -11.31 8.01 4.43
CA GLU A 35 -10.79 8.02 5.79
C GLU A 35 -10.22 6.66 6.17
N GLU A 36 -10.99 5.60 5.91
CA GLU A 36 -10.55 4.24 6.22
C GLU A 36 -9.27 3.90 5.47
N ALA A 37 -9.18 4.34 4.22
CA ALA A 37 -8.02 4.07 3.39
C ALA A 37 -6.75 4.58 4.06
N VAL A 38 -6.83 5.76 4.67
CA VAL A 38 -5.69 6.36 5.35
C VAL A 38 -5.15 5.43 6.43
N ARG A 39 -6.02 5.03 7.35
CA ARG A 39 -5.64 4.15 8.44
C ARG A 39 -4.94 2.90 7.91
N ILE A 40 -5.58 2.23 6.97
CA ILE A 40 -5.03 1.01 6.38
C ILE A 40 -3.65 1.28 5.78
N ALA A 41 -3.54 2.38 5.05
CA ALA A 41 -2.26 2.75 4.42
C ALA A 41 -1.17 2.95 5.48
N ARG A 42 -1.39 3.93 6.36
CA ARG A 42 -0.42 4.23 7.41
C ARG A 42 0.14 2.94 8.02
N GLU A 43 -0.71 1.92 8.12
CA GLU A 43 -0.30 0.64 8.69
C GLU A 43 0.64 -0.10 7.73
N ILE A 44 0.20 -0.26 6.49
CA ILE A 44 1.01 -0.95 5.49
C ILE A 44 2.39 -0.30 5.35
N GLY A 45 2.40 1.03 5.24
CA GLY A 45 3.66 1.75 5.11
C GLY A 45 3.81 2.38 3.75
N TYR A 46 3.65 3.70 3.68
CA TYR A 46 3.77 4.43 2.42
C TYR A 46 5.17 4.25 1.82
N PRO A 47 5.26 4.38 0.49
CA PRO A 47 4.10 4.67 -0.35
C PRO A 47 3.13 3.50 -0.44
N VAL A 48 1.89 3.78 -0.81
CA VAL A 48 0.87 2.76 -0.93
C VAL A 48 0.11 2.87 -2.25
N MET A 49 0.07 1.78 -2.99
CA MET A 49 -0.62 1.76 -4.28
C MET A 49 -2.08 1.37 -4.11
N ILE A 50 -2.95 2.05 -4.84
CA ILE A 50 -4.39 1.77 -4.77
C ILE A 50 -4.93 1.30 -6.12
N LYS A 51 -5.73 0.24 -6.09
CA LYS A 51 -6.31 -0.31 -7.30
C LYS A 51 -7.80 -0.59 -7.11
N ALA A 52 -8.55 -0.55 -8.21
CA ALA A 52 -9.97 -0.79 -8.17
C ALA A 52 -10.28 -2.29 -8.11
N SER A 53 -10.85 -2.73 -6.99
CA SER A 53 -11.18 -4.14 -6.82
C SER A 53 -11.88 -4.69 -8.04
N ALA A 54 -12.91 -3.98 -8.50
CA ALA A 54 -13.66 -4.40 -9.68
C ALA A 54 -12.74 -4.96 -10.75
N GLY A 55 -11.53 -4.42 -10.83
CA GLY A 55 -10.57 -4.87 -11.82
C GLY A 55 -9.20 -4.29 -11.60
N GLY A 56 -8.63 -4.53 -10.42
CA GLY A 56 -7.31 -4.02 -10.10
C GLY A 56 -6.23 -4.64 -10.96
N GLY A 57 -5.07 -4.89 -10.36
CA GLY A 57 -3.96 -5.49 -11.09
C GLY A 57 -2.87 -4.49 -11.41
N GLY A 58 -3.27 -3.27 -11.75
CA GLY A 58 -2.30 -2.24 -12.07
C GLY A 58 -2.37 -1.81 -13.52
N LYS A 59 -3.58 -1.67 -14.04
CA LYS A 59 -3.79 -1.26 -15.43
C LYS A 59 -3.93 0.25 -15.53
N GLY A 60 -3.23 0.97 -14.67
CA GLY A 60 -3.28 2.42 -14.69
C GLY A 60 -3.88 3.00 -13.41
N MET A 61 -3.80 2.23 -12.33
CA MET A 61 -4.34 2.67 -11.04
C MET A 61 -3.58 3.89 -10.53
N ARG A 62 -3.94 4.34 -9.33
CA ARG A 62 -3.30 5.50 -8.73
C ARG A 62 -2.50 5.11 -7.50
N ILE A 63 -1.52 5.93 -7.15
CA ILE A 63 -0.68 5.66 -5.99
C ILE A 63 -0.61 6.88 -5.06
N ALA A 64 -0.50 6.62 -3.76
CA ALA A 64 -0.44 7.68 -2.77
C ALA A 64 0.82 7.54 -1.90
N TRP A 65 1.27 8.65 -1.34
CA TRP A 65 2.45 8.65 -0.49
C TRP A 65 2.12 9.19 0.90
N ASP A 66 1.09 10.02 0.98
CA ASP A 66 0.67 10.61 2.25
C ASP A 66 -0.85 10.55 2.40
N ASP A 67 -1.32 10.76 3.62
CA ASP A 67 -2.76 10.73 3.90
C ASP A 67 -3.53 11.54 2.86
N GLU A 68 -3.08 12.76 2.61
CA GLU A 68 -3.72 13.63 1.63
C GLU A 68 -3.87 12.93 0.29
N GLU A 69 -2.79 12.28 -0.15
CA GLU A 69 -2.80 11.58 -1.43
C GLU A 69 -3.74 10.39 -1.38
N THR A 70 -3.74 9.66 -0.26
CA THR A 70 -4.59 8.50 -0.10
C THR A 70 -6.05 8.86 -0.32
N ARG A 71 -6.54 9.85 0.41
CA ARG A 71 -7.92 10.29 0.30
C ARG A 71 -8.23 10.75 -1.12
N ASP A 72 -7.44 11.70 -1.61
CA ASP A 72 -7.62 12.24 -2.96
C ASP A 72 -7.59 11.11 -3.99
N GLY A 73 -6.73 10.12 -3.76
CA GLY A 73 -6.62 9.01 -4.68
C GLY A 73 -7.75 8.01 -4.52
N PHE A 74 -8.30 7.94 -3.32
CA PHE A 74 -9.40 7.01 -3.03
C PHE A 74 -10.70 7.49 -3.67
N ARG A 75 -10.87 8.81 -3.73
CA ARG A 75 -12.06 9.40 -4.32
C ARG A 75 -12.08 9.21 -5.83
N LEU A 76 -10.94 9.42 -6.47
CA LEU A 76 -10.82 9.27 -7.91
C LEU A 76 -11.00 7.81 -8.32
N SER A 77 -10.10 6.95 -7.85
CA SER A 77 -10.16 5.53 -8.16
C SER A 77 -11.55 4.97 -7.89
N SER A 78 -12.29 5.64 -7.01
CA SER A 78 -13.64 5.20 -6.67
C SER A 78 -14.60 5.43 -7.84
N GLN A 79 -14.68 6.67 -8.30
CA GLN A 79 -15.56 7.02 -9.41
C GLN A 79 -15.33 6.09 -10.60
N GLU A 80 -14.06 5.78 -10.86
CA GLU A 80 -13.71 4.91 -11.97
C GLU A 80 -14.36 3.54 -11.81
N ALA A 81 -13.89 2.77 -10.83
CA ALA A 81 -14.44 1.44 -10.58
C ALA A 81 -15.95 1.46 -10.55
N ALA A 82 -16.51 2.55 -10.03
CA ALA A 82 -17.97 2.70 -9.94
C ALA A 82 -18.60 2.70 -11.33
N SER A 83 -17.88 3.23 -12.32
CA SER A 83 -18.38 3.29 -13.68
C SER A 83 -17.72 2.22 -14.55
N SER A 84 -16.40 2.32 -14.69
CA SER A 84 -15.65 1.37 -15.49
C SER A 84 -16.26 -0.04 -15.39
N PHE A 85 -16.41 -0.52 -14.16
CA PHE A 85 -16.98 -1.83 -13.93
C PHE A 85 -18.40 -1.72 -13.37
N GLY A 86 -18.56 -0.92 -12.32
CA GLY A 86 -19.87 -0.75 -11.71
C GLY A 86 -19.79 -0.60 -10.20
N ASP A 87 -18.80 -1.24 -9.60
CA ASP A 87 -18.62 -1.17 -8.16
C ASP A 87 -17.51 -0.18 -7.79
N ASP A 88 -17.69 0.51 -6.66
CA ASP A 88 -16.72 1.48 -6.20
C ASP A 88 -15.69 0.82 -5.29
N ARG A 89 -15.62 -0.50 -5.33
CA ARG A 89 -14.68 -1.25 -4.50
C ARG A 89 -13.24 -0.91 -4.87
N LEU A 90 -12.44 -0.54 -3.87
CA LEU A 90 -11.04 -0.19 -4.10
C LEU A 90 -10.12 -1.16 -3.36
N LEU A 91 -8.82 -0.99 -3.57
CA LEU A 91 -7.83 -1.84 -2.93
C LEU A 91 -6.56 -1.06 -2.59
N ILE A 92 -5.79 -1.57 -1.65
CA ILE A 92 -4.55 -0.92 -1.24
C ILE A 92 -3.45 -1.93 -0.99
N GLU A 93 -2.30 -1.72 -1.63
CA GLU A 93 -1.16 -2.62 -1.49
C GLU A 93 0.13 -1.83 -1.29
N LYS A 94 1.12 -2.48 -0.68
CA LYS A 94 2.40 -1.84 -0.43
C LYS A 94 3.16 -1.59 -1.73
N PHE A 95 3.66 -0.36 -1.89
CA PHE A 95 4.40 0.02 -3.09
C PHE A 95 5.90 0.05 -2.82
N ILE A 96 6.63 -0.85 -3.48
CA ILE A 96 8.07 -0.93 -3.31
C ILE A 96 8.78 -0.95 -4.66
N ASP A 97 9.50 0.12 -4.97
CA ASP A 97 10.24 0.21 -6.23
C ASP A 97 11.49 -0.66 -6.19
N ASN A 98 12.12 -0.73 -5.03
CA ASN A 98 13.34 -1.52 -4.87
C ASN A 98 13.54 -1.91 -3.40
N PRO A 99 14.00 -3.15 -3.18
CA PRO A 99 14.24 -3.68 -1.83
C PRO A 99 15.43 -3.01 -1.16
N ARG A 100 15.68 -3.38 0.09
CA ARG A 100 16.79 -2.81 0.85
C ARG A 100 17.02 -3.59 2.14
N HIS A 101 18.28 -3.74 2.52
CA HIS A 101 18.64 -4.46 3.74
C HIS A 101 17.73 -4.04 4.90
N ILE A 102 17.81 -4.78 6.00
CA ILE A 102 17.00 -4.49 7.18
C ILE A 102 17.51 -3.25 7.90
N SER A 103 16.65 -2.65 8.72
CA SER A 103 17.02 -1.46 9.47
C SER A 103 16.14 -1.31 10.71
N GLY A 104 16.61 -0.50 11.67
CA GLY A 104 15.86 -0.30 12.89
C GLY A 104 15.37 1.13 13.03
N PRO A 105 14.19 1.29 13.66
CA PRO A 105 13.59 2.61 13.87
C PRO A 105 14.35 3.44 14.88
N SER A 106 14.51 4.73 14.59
CA SER A 106 15.23 5.63 15.48
C SER A 106 14.59 7.02 15.48
N SER A 107 13.90 7.35 16.57
CA SER A 107 13.24 8.64 16.68
C SER A 107 12.79 8.89 18.12
N GLY A 108 12.59 10.17 18.46
CA GLY A 108 12.17 10.51 19.81
C GLY A 108 12.94 9.78 20.87
N GLY A 1 54.39 37.09 -22.19
CA GLY A 1 53.34 36.24 -21.64
C GLY A 1 53.76 35.56 -20.36
N SER A 2 54.05 34.26 -20.44
CA SER A 2 54.46 33.50 -19.27
C SER A 2 53.33 33.44 -18.24
N SER A 3 52.09 33.42 -18.71
CA SER A 3 50.94 33.37 -17.83
C SER A 3 50.02 32.22 -18.21
N GLY A 4 49.29 31.70 -17.22
CA GLY A 4 48.39 30.60 -17.47
C GLY A 4 48.42 29.56 -16.36
N SER A 5 47.38 29.55 -15.53
CA SER A 5 47.30 28.61 -14.42
C SER A 5 45.85 28.27 -14.09
N SER A 6 45.51 27.00 -14.18
CA SER A 6 44.15 26.55 -13.89
C SER A 6 44.15 25.12 -13.37
N GLY A 7 43.04 24.72 -12.75
CA GLY A 7 42.93 23.38 -12.19
C GLY A 7 41.96 23.31 -11.03
N ASP A 8 41.01 22.38 -11.11
CA ASP A 8 40.02 22.21 -10.06
C ASP A 8 39.32 20.86 -10.19
N LYS A 9 39.30 20.10 -9.10
CA LYS A 9 38.66 18.79 -9.10
C LYS A 9 37.93 18.55 -7.78
N ILE A 10 36.86 17.76 -7.84
CA ILE A 10 36.09 17.45 -6.64
C ILE A 10 34.99 16.44 -6.94
N GLU A 11 34.84 15.45 -6.07
CA GLU A 11 33.83 14.42 -6.24
C GLU A 11 33.65 13.60 -4.97
N SER A 12 32.44 13.60 -4.43
CA SER A 12 32.14 12.88 -3.21
C SER A 12 30.70 12.36 -3.23
N LYS A 13 30.55 11.04 -3.21
CA LYS A 13 29.24 10.42 -3.22
C LYS A 13 29.08 9.45 -2.04
N LEU A 14 27.84 9.18 -1.67
CA LEU A 14 27.56 8.27 -0.56
C LEU A 14 26.06 7.99 -0.46
N LEU A 15 25.71 6.70 -0.37
CA LEU A 15 24.32 6.29 -0.27
C LEU A 15 24.20 4.86 0.22
N ALA A 16 23.63 4.69 1.41
CA ALA A 16 23.46 3.36 1.99
C ALA A 16 22.41 3.37 3.09
N LYS A 17 21.35 2.58 2.90
CA LYS A 17 20.28 2.50 3.88
C LYS A 17 19.63 1.12 3.88
N LYS A 18 19.30 0.61 5.06
CA LYS A 18 18.68 -0.70 5.18
C LYS A 18 17.80 -0.77 6.43
N ALA A 19 16.68 -1.47 6.33
CA ALA A 19 15.76 -1.61 7.45
C ALA A 19 14.62 -2.57 7.10
N GLU A 20 13.80 -2.88 8.10
CA GLU A 20 12.67 -3.78 7.90
C GLU A 20 11.51 -3.41 8.82
N VAL A 21 10.29 -3.61 8.33
CA VAL A 21 9.09 -3.30 9.11
C VAL A 21 8.25 -4.55 9.36
N ASN A 22 8.14 -4.94 10.63
CA ASN A 22 7.36 -6.12 11.00
C ASN A 22 5.86 -5.86 10.84
N THR A 23 5.34 -6.18 9.66
CA THR A 23 3.92 -5.98 9.38
C THR A 23 3.49 -6.77 8.14
N ILE A 24 2.19 -6.73 7.85
CA ILE A 24 1.65 -7.44 6.70
C ILE A 24 2.33 -6.98 5.41
N PRO A 25 2.73 -7.96 4.57
CA PRO A 25 3.39 -7.69 3.30
C PRO A 25 2.45 -7.06 2.28
N GLY A 26 1.23 -6.78 2.71
CA GLY A 26 0.25 -6.18 1.82
C GLY A 26 -1.12 -6.04 2.47
N PHE A 27 -2.16 -5.99 1.64
CA PHE A 27 -3.52 -5.86 2.14
C PHE A 27 -4.54 -6.06 1.02
N ASP A 28 -5.68 -6.64 1.37
CA ASP A 28 -6.74 -6.90 0.39
C ASP A 28 -8.08 -6.35 0.88
N GLY A 29 -8.26 -6.36 2.20
CA GLY A 29 -9.50 -5.86 2.78
C GLY A 29 -10.02 -4.63 2.07
N VAL A 30 -10.96 -4.82 1.15
CA VAL A 30 -11.53 -3.71 0.41
C VAL A 30 -11.86 -2.53 1.33
N VAL A 31 -11.60 -1.32 0.84
CA VAL A 31 -11.87 -0.12 1.62
C VAL A 31 -13.33 0.30 1.50
N LYS A 32 -13.78 1.12 2.43
CA LYS A 32 -15.16 1.60 2.43
C LYS A 32 -15.21 3.09 2.11
N ASP A 33 -14.33 3.86 2.73
CA ASP A 33 -14.29 5.30 2.50
C ASP A 33 -12.84 5.81 2.55
N ALA A 34 -12.63 7.00 2.00
CA ALA A 34 -11.30 7.59 1.97
C ALA A 34 -10.65 7.53 3.35
N GLU A 35 -11.38 7.98 4.36
CA GLU A 35 -10.86 7.98 5.73
C GLU A 35 -10.30 6.62 6.10
N GLU A 36 -11.02 5.56 5.72
CA GLU A 36 -10.60 4.20 6.02
C GLU A 36 -9.33 3.85 5.23
N ALA A 37 -9.25 4.35 4.00
CA ALA A 37 -8.09 4.09 3.16
C ALA A 37 -6.83 4.73 3.73
N VAL A 38 -7.01 5.84 4.43
CA VAL A 38 -5.88 6.56 5.02
C VAL A 38 -5.32 5.79 6.22
N ARG A 39 -6.21 5.23 7.04
CA ARG A 39 -5.81 4.47 8.21
C ARG A 39 -5.07 3.21 7.81
N ILE A 40 -5.70 2.39 6.98
CA ILE A 40 -5.09 1.14 6.52
C ILE A 40 -3.71 1.40 5.92
N ALA A 41 -3.63 2.41 5.06
CA ALA A 41 -2.36 2.76 4.42
C ALA A 41 -1.26 2.97 5.44
N ARG A 42 -1.49 3.91 6.35
CA ARG A 42 -0.51 4.21 7.39
C ARG A 42 0.05 2.94 8.01
N GLU A 43 -0.84 1.99 8.29
CA GLU A 43 -0.44 0.72 8.89
C GLU A 43 0.47 -0.06 7.94
N ILE A 44 0.11 -0.08 6.67
CA ILE A 44 0.89 -0.79 5.66
C ILE A 44 2.29 -0.20 5.54
N GLY A 45 2.37 1.12 5.56
CA GLY A 45 3.66 1.80 5.46
C GLY A 45 3.90 2.35 4.06
N TYR A 46 3.58 3.63 3.89
CA TYR A 46 3.77 4.29 2.59
C TYR A 46 5.16 4.03 2.05
N PRO A 47 5.30 4.09 0.71
CA PRO A 47 4.18 4.38 -0.18
C PRO A 47 3.17 3.25 -0.24
N VAL A 48 1.97 3.56 -0.72
CA VAL A 48 0.91 2.56 -0.82
C VAL A 48 0.18 2.66 -2.16
N MET A 49 0.17 1.57 -2.91
CA MET A 49 -0.49 1.54 -4.21
C MET A 49 -1.98 1.27 -4.06
N ILE A 50 -2.80 2.11 -4.67
CA ILE A 50 -4.25 1.96 -4.60
C ILE A 50 -4.82 1.52 -5.95
N LYS A 51 -5.66 0.49 -5.93
CA LYS A 51 -6.28 -0.02 -7.14
C LYS A 51 -7.78 -0.21 -6.95
N ALA A 52 -8.45 -0.66 -8.00
CA ALA A 52 -9.89 -0.88 -7.94
C ALA A 52 -10.21 -2.36 -7.75
N SER A 53 -10.90 -2.67 -6.64
CA SER A 53 -11.27 -4.04 -6.33
C SER A 53 -12.01 -4.69 -7.49
N ALA A 54 -12.95 -3.94 -8.07
CA ALA A 54 -13.73 -4.44 -9.20
C ALA A 54 -12.83 -5.02 -10.28
N GLY A 55 -11.65 -4.42 -10.45
CA GLY A 55 -10.72 -4.89 -11.46
C GLY A 55 -9.27 -4.70 -11.04
N GLY A 56 -8.89 -3.44 -10.81
CA GLY A 56 -7.53 -3.15 -10.40
C GLY A 56 -6.49 -3.75 -11.34
N GLY A 57 -5.37 -4.19 -10.79
CA GLY A 57 -4.33 -4.78 -11.59
C GLY A 57 -3.14 -3.85 -11.78
N GLY A 58 -3.43 -2.56 -11.94
CA GLY A 58 -2.37 -1.59 -12.14
C GLY A 58 -2.40 -0.95 -13.51
N LYS A 59 -3.54 -1.08 -14.19
CA LYS A 59 -3.71 -0.51 -15.52
C LYS A 59 -3.76 1.01 -15.46
N GLY A 60 -4.87 1.53 -14.94
CA GLY A 60 -5.03 2.97 -14.83
C GLY A 60 -5.33 3.41 -13.41
N MET A 61 -4.63 2.83 -12.45
CA MET A 61 -4.83 3.18 -11.04
C MET A 61 -3.87 4.29 -10.62
N ARG A 62 -3.89 4.61 -9.33
CA ARG A 62 -3.02 5.65 -8.79
C ARG A 62 -2.38 5.21 -7.48
N ILE A 63 -1.21 5.76 -7.19
CA ILE A 63 -0.50 5.43 -5.97
C ILE A 63 -0.46 6.61 -5.00
N ALA A 64 -0.45 6.31 -3.71
CA ALA A 64 -0.41 7.35 -2.69
C ALA A 64 0.84 7.23 -1.82
N TRP A 65 1.35 8.36 -1.37
CA TRP A 65 2.55 8.38 -0.54
C TRP A 65 2.24 8.91 0.85
N ASP A 66 1.22 9.77 0.93
CA ASP A 66 0.82 10.35 2.21
C ASP A 66 -0.70 10.30 2.37
N ASP A 67 -1.16 10.54 3.59
CA ASP A 67 -2.59 10.53 3.88
C ASP A 67 -3.37 11.35 2.86
N GLU A 68 -3.00 12.62 2.72
CA GLU A 68 -3.65 13.51 1.78
C GLU A 68 -3.74 12.87 0.39
N GLU A 69 -2.72 12.10 0.05
CA GLU A 69 -2.68 11.43 -1.26
C GLU A 69 -3.67 10.27 -1.30
N THR A 70 -3.67 9.46 -0.25
CA THR A 70 -4.56 8.31 -0.17
C THR A 70 -6.00 8.71 -0.48
N ARG A 71 -6.45 9.80 0.12
CA ARG A 71 -7.81 10.29 -0.11
C ARG A 71 -7.98 10.78 -1.54
N ASP A 72 -7.17 11.74 -1.94
CA ASP A 72 -7.23 12.29 -3.28
C ASP A 72 -7.31 11.18 -4.33
N GLY A 73 -6.46 10.17 -4.16
CA GLY A 73 -6.44 9.05 -5.09
C GLY A 73 -7.59 8.08 -4.86
N PHE A 74 -8.03 7.98 -3.61
CA PHE A 74 -9.12 7.08 -3.26
C PHE A 74 -10.44 7.58 -3.83
N ARG A 75 -10.63 8.90 -3.83
CA ARG A 75 -11.85 9.50 -4.36
C ARG A 75 -11.99 9.21 -5.85
N LEU A 76 -10.89 9.34 -6.58
CA LEU A 76 -10.90 9.09 -8.02
C LEU A 76 -10.97 7.60 -8.31
N SER A 77 -9.94 6.87 -7.90
CA SER A 77 -9.89 5.43 -8.12
C SER A 77 -11.25 4.80 -7.90
N SER A 78 -11.92 5.20 -6.83
CA SER A 78 -13.23 4.66 -6.49
C SER A 78 -14.23 4.96 -7.59
N GLN A 79 -14.27 6.23 -8.02
CA GLN A 79 -15.19 6.65 -9.08
C GLN A 79 -14.92 5.88 -10.37
N GLU A 80 -13.65 5.59 -10.63
CA GLU A 80 -13.27 4.86 -11.83
C GLU A 80 -13.86 3.46 -11.83
N ALA A 81 -13.63 2.73 -10.74
CA ALA A 81 -14.14 1.37 -10.61
C ALA A 81 -15.64 1.31 -10.92
N ALA A 82 -16.37 2.30 -10.44
CA ALA A 82 -17.81 2.37 -10.66
C ALA A 82 -18.14 2.28 -12.14
N SER A 83 -17.89 3.37 -12.86
CA SER A 83 -18.16 3.42 -14.29
C SER A 83 -17.52 2.24 -15.01
N SER A 84 -16.30 1.90 -14.60
CA SER A 84 -15.58 0.79 -15.21
C SER A 84 -16.40 -0.49 -15.16
N PHE A 85 -16.50 -1.08 -13.97
CA PHE A 85 -17.27 -2.31 -13.78
C PHE A 85 -18.65 -2.02 -13.22
N GLY A 86 -18.69 -1.23 -12.15
CA GLY A 86 -19.95 -0.88 -11.53
C GLY A 86 -19.81 -0.56 -10.06
N ASP A 87 -19.02 -1.37 -9.36
CA ASP A 87 -18.80 -1.17 -7.93
C ASP A 87 -17.69 -0.16 -7.68
N ASP A 88 -17.65 0.40 -6.48
CA ASP A 88 -16.65 1.40 -6.12
C ASP A 88 -15.65 0.82 -5.12
N ARG A 89 -15.56 -0.52 -5.09
CA ARG A 89 -14.65 -1.20 -4.18
C ARG A 89 -13.20 -0.91 -4.55
N LEU A 90 -12.45 -0.35 -3.60
CA LEU A 90 -11.05 -0.03 -3.84
C LEU A 90 -10.14 -1.00 -3.09
N LEU A 91 -8.84 -0.96 -3.41
CA LEU A 91 -7.87 -1.82 -2.78
C LEU A 91 -6.61 -1.06 -2.39
N ILE A 92 -5.78 -1.67 -1.57
CA ILE A 92 -4.54 -1.04 -1.12
C ILE A 92 -3.46 -2.08 -0.85
N GLU A 93 -2.34 -1.95 -1.55
CA GLU A 93 -1.22 -2.88 -1.39
C GLU A 93 0.09 -2.13 -1.15
N LYS A 94 1.02 -2.78 -0.48
CA LYS A 94 2.32 -2.18 -0.18
C LYS A 94 3.12 -1.95 -1.46
N PHE A 95 3.64 -0.74 -1.61
CA PHE A 95 4.43 -0.40 -2.79
C PHE A 95 5.92 -0.44 -2.49
N ILE A 96 6.65 -1.29 -3.20
CA ILE A 96 8.08 -1.44 -3.01
C ILE A 96 8.82 -1.43 -4.34
N ASP A 97 9.74 -0.49 -4.50
CA ASP A 97 10.53 -0.38 -5.72
C ASP A 97 11.83 -1.16 -5.60
N ASN A 98 12.73 -0.66 -4.76
CA ASN A 98 14.02 -1.32 -4.55
C ASN A 98 13.85 -2.74 -4.04
N PRO A 99 14.87 -3.57 -4.25
CA PRO A 99 14.85 -4.98 -3.83
C PRO A 99 14.93 -5.12 -2.31
N ARG A 100 14.41 -6.23 -1.79
CA ARG A 100 14.43 -6.49 -0.36
C ARG A 100 14.61 -7.97 -0.07
N HIS A 101 14.90 -8.30 1.19
CA HIS A 101 15.10 -9.69 1.59
C HIS A 101 13.98 -10.15 2.51
N ILE A 102 13.27 -11.19 2.08
CA ILE A 102 12.16 -11.74 2.87
C ILE A 102 12.48 -13.15 3.36
N SER A 103 13.73 -13.37 3.75
CA SER A 103 14.16 -14.67 4.24
C SER A 103 13.05 -15.36 5.02
N GLY A 104 12.56 -14.68 6.07
CA GLY A 104 11.50 -15.24 6.88
C GLY A 104 11.31 -14.48 8.17
N PRO A 105 10.50 -13.40 8.12
CA PRO A 105 10.22 -12.56 9.29
C PRO A 105 9.35 -13.27 10.31
N SER A 106 9.59 -13.01 11.59
CA SER A 106 8.83 -13.63 12.66
C SER A 106 7.68 -12.72 13.09
N SER A 107 8.00 -11.47 13.42
CA SER A 107 6.99 -10.51 13.86
C SER A 107 6.06 -10.16 12.71
N GLY A 108 4.98 -10.93 12.57
CA GLY A 108 4.02 -10.68 11.51
C GLY A 108 3.02 -11.80 11.36
N GLY A 1 40.31 -48.22 26.49
CA GLY A 1 39.45 -48.50 25.35
C GLY A 1 39.94 -47.84 24.07
N SER A 2 39.36 -48.24 22.94
CA SER A 2 39.75 -47.68 21.65
C SER A 2 38.83 -48.19 20.54
N SER A 3 38.49 -47.29 19.62
CA SER A 3 37.60 -47.64 18.52
C SER A 3 37.66 -46.57 17.43
N GLY A 4 36.96 -46.83 16.32
CA GLY A 4 36.94 -45.88 15.21
C GLY A 4 35.85 -46.20 14.21
N SER A 5 35.57 -45.24 13.33
CA SER A 5 34.55 -45.42 12.31
C SER A 5 34.57 -44.27 11.31
N SER A 6 33.78 -44.40 10.25
CA SER A 6 33.71 -43.37 9.21
C SER A 6 32.61 -43.69 8.21
N GLY A 7 32.06 -42.63 7.59
CA GLY A 7 30.99 -42.82 6.62
C GLY A 7 31.18 -41.95 5.39
N ASP A 8 30.08 -41.62 4.73
CA ASP A 8 30.12 -40.79 3.53
C ASP A 8 28.88 -39.91 3.42
N LYS A 9 29.08 -38.65 3.07
CA LYS A 9 27.97 -37.72 2.93
C LYS A 9 28.44 -36.42 2.29
N ILE A 10 27.57 -35.83 1.47
CA ILE A 10 27.89 -34.58 0.78
C ILE A 10 26.75 -33.58 0.90
N GLU A 11 26.70 -32.87 2.03
CA GLU A 11 25.66 -31.88 2.27
C GLU A 11 26.06 -30.93 3.39
N SER A 12 26.34 -29.69 3.04
CA SER A 12 26.75 -28.69 4.01
C SER A 12 26.05 -27.35 3.73
N LYS A 13 25.08 -27.01 4.58
CA LYS A 13 24.34 -25.76 4.44
C LYS A 13 23.45 -25.51 5.65
N LEU A 14 23.47 -24.28 6.16
CA LEU A 14 22.67 -23.92 7.31
C LEU A 14 21.65 -22.85 6.94
N LEU A 15 21.07 -22.96 5.76
CA LEU A 15 20.08 -22.01 5.28
C LEU A 15 18.67 -22.52 5.56
N ALA A 16 18.06 -22.02 6.63
CA ALA A 16 16.70 -22.41 7.00
C ALA A 16 15.81 -21.19 7.19
N LYS A 17 14.51 -21.37 6.96
CA LYS A 17 13.55 -20.29 7.11
C LYS A 17 12.23 -20.81 7.67
N LYS A 18 11.37 -19.88 8.10
CA LYS A 18 10.07 -20.25 8.65
C LYS A 18 8.94 -19.62 7.85
N ALA A 19 9.15 -18.38 7.40
CA ALA A 19 8.15 -17.68 6.61
C ALA A 19 8.69 -16.35 6.10
N GLU A 20 8.66 -16.18 4.78
CA GLU A 20 9.16 -14.96 4.15
C GLU A 20 8.03 -13.97 3.91
N VAL A 21 7.05 -13.96 4.82
CA VAL A 21 5.91 -13.06 4.70
C VAL A 21 5.80 -12.15 5.92
N ASN A 22 6.94 -11.69 6.41
CA ASN A 22 6.97 -10.81 7.58
C ASN A 22 5.75 -9.89 7.60
N THR A 23 5.30 -9.50 6.40
CA THR A 23 4.14 -8.62 6.28
C THR A 23 3.17 -9.12 5.23
N ILE A 24 2.00 -8.49 5.14
CA ILE A 24 0.99 -8.88 4.17
C ILE A 24 1.33 -8.33 2.78
N PRO A 25 1.23 -9.20 1.76
CA PRO A 25 1.52 -8.83 0.38
C PRO A 25 0.47 -7.89 -0.20
N GLY A 26 -0.47 -7.48 0.63
CA GLY A 26 -1.52 -6.58 0.19
C GLY A 26 -2.81 -6.75 0.98
N PHE A 27 -3.23 -5.68 1.65
CA PHE A 27 -4.45 -5.73 2.45
C PHE A 27 -5.69 -5.85 1.56
N ASP A 28 -5.93 -7.06 1.06
CA ASP A 28 -7.07 -7.31 0.18
C ASP A 28 -8.31 -6.59 0.70
N GLY A 29 -8.50 -6.64 2.03
CA GLY A 29 -9.66 -5.99 2.63
C GLY A 29 -10.06 -4.72 1.89
N VAL A 30 -11.19 -4.77 1.20
CA VAL A 30 -11.69 -3.62 0.46
C VAL A 30 -12.01 -2.46 1.40
N VAL A 31 -11.51 -1.27 1.06
CA VAL A 31 -11.75 -0.09 1.87
C VAL A 31 -13.22 0.31 1.85
N LYS A 32 -13.64 1.05 2.88
CA LYS A 32 -15.03 1.48 2.98
C LYS A 32 -15.17 2.95 2.62
N ASP A 33 -14.23 3.76 3.09
CA ASP A 33 -14.24 5.19 2.80
C ASP A 33 -12.81 5.76 2.80
N ALA A 34 -12.65 6.91 2.16
CA ALA A 34 -11.35 7.56 2.09
C ALA A 34 -10.67 7.60 3.46
N GLU A 35 -11.40 8.09 4.45
CA GLU A 35 -10.88 8.19 5.81
C GLU A 35 -10.30 6.85 6.27
N GLU A 36 -11.00 5.77 5.95
CA GLU A 36 -10.57 4.43 6.33
C GLU A 36 -9.34 4.01 5.53
N ALA A 37 -9.28 4.47 4.28
CA ALA A 37 -8.15 4.14 3.40
C ALA A 37 -6.86 4.75 3.93
N VAL A 38 -6.96 5.93 4.52
CA VAL A 38 -5.80 6.62 5.08
C VAL A 38 -5.23 5.87 6.27
N ARG A 39 -6.10 5.52 7.21
CA ARG A 39 -5.68 4.81 8.41
C ARG A 39 -5.07 3.46 8.05
N ILE A 40 -5.76 2.71 7.19
CA ILE A 40 -5.28 1.41 6.76
C ILE A 40 -3.96 1.52 6.00
N ALA A 41 -3.87 2.53 5.15
CA ALA A 41 -2.67 2.76 4.35
C ALA A 41 -1.46 3.02 5.25
N ARG A 42 -1.64 3.90 6.24
CA ARG A 42 -0.56 4.24 7.16
C ARG A 42 -0.01 2.98 7.83
N GLU A 43 -0.90 2.04 8.13
CA GLU A 43 -0.50 0.80 8.78
C GLU A 43 0.35 -0.06 7.84
N ILE A 44 -0.04 -0.09 6.57
CA ILE A 44 0.68 -0.86 5.57
C ILE A 44 2.06 -0.27 5.31
N GLY A 45 2.17 1.05 5.40
CA GLY A 45 3.44 1.71 5.17
C GLY A 45 3.56 2.27 3.77
N TYR A 46 3.58 3.60 3.66
CA TYR A 46 3.69 4.26 2.37
C TYR A 46 5.06 4.03 1.75
N PRO A 47 5.13 4.09 0.41
CA PRO A 47 3.95 4.36 -0.42
C PRO A 47 2.96 3.20 -0.42
N VAL A 48 1.70 3.51 -0.69
CA VAL A 48 0.66 2.48 -0.72
C VAL A 48 -0.06 2.49 -2.06
N MET A 49 -0.05 1.33 -2.73
CA MET A 49 -0.71 1.19 -4.02
C MET A 49 -2.21 1.00 -3.85
N ILE A 50 -2.98 1.79 -4.59
CA ILE A 50 -4.44 1.72 -4.53
C ILE A 50 -5.03 1.31 -5.88
N LYS A 51 -5.65 0.14 -5.91
CA LYS A 51 -6.26 -0.37 -7.13
C LYS A 51 -7.76 -0.55 -6.95
N ALA A 52 -8.46 -0.79 -8.06
CA ALA A 52 -9.90 -0.99 -8.03
C ALA A 52 -10.26 -2.45 -7.77
N SER A 53 -10.87 -2.72 -6.63
CA SER A 53 -11.25 -4.08 -6.26
C SER A 53 -11.92 -4.79 -7.44
N ALA A 54 -12.75 -4.05 -8.17
CA ALA A 54 -13.45 -4.61 -9.32
C ALA A 54 -12.53 -4.68 -10.54
N GLY A 55 -11.39 -5.36 -10.37
CA GLY A 55 -10.45 -5.49 -11.48
C GLY A 55 -9.15 -4.76 -11.20
N GLY A 56 -8.64 -4.89 -9.98
CA GLY A 56 -7.40 -4.22 -9.63
C GLY A 56 -6.32 -4.39 -10.68
N GLY A 57 -6.27 -3.47 -11.63
CA GLY A 57 -5.28 -3.54 -12.69
C GLY A 57 -4.20 -2.49 -12.55
N GLY A 58 -2.94 -2.92 -12.65
CA GLY A 58 -1.83 -2.00 -12.52
C GLY A 58 -2.06 -0.70 -13.27
N LYS A 59 -2.87 -0.77 -14.33
CA LYS A 59 -3.17 0.40 -15.13
C LYS A 59 -4.49 1.04 -14.71
N GLY A 60 -4.62 2.34 -14.94
CA GLY A 60 -5.83 3.04 -14.57
C GLY A 60 -5.86 3.41 -13.11
N MET A 61 -5.59 2.45 -12.24
CA MET A 61 -5.58 2.68 -10.81
C MET A 61 -4.68 3.85 -10.45
N ARG A 62 -4.51 4.09 -9.15
CA ARG A 62 -3.66 5.17 -8.68
C ARG A 62 -2.88 4.77 -7.44
N ILE A 63 -1.77 5.45 -7.18
CA ILE A 63 -0.94 5.15 -6.02
C ILE A 63 -0.78 6.37 -5.13
N ALA A 64 -0.74 6.15 -3.82
CA ALA A 64 -0.59 7.22 -2.86
C ALA A 64 0.68 7.06 -2.04
N TRP A 65 1.26 8.18 -1.62
CA TRP A 65 2.49 8.16 -0.83
C TRP A 65 2.25 8.72 0.56
N ASP A 66 1.29 9.64 0.67
CA ASP A 66 0.96 10.25 1.95
C ASP A 66 -0.55 10.32 2.14
N ASP A 67 -0.97 10.62 3.37
CA ASP A 67 -2.39 10.71 3.68
C ASP A 67 -3.13 11.56 2.64
N GLU A 68 -2.67 12.79 2.46
CA GLU A 68 -3.29 13.69 1.50
C GLU A 68 -3.47 13.00 0.15
N GLU A 69 -2.50 12.18 -0.23
CA GLU A 69 -2.56 11.47 -1.50
C GLU A 69 -3.58 10.33 -1.44
N THR A 70 -3.58 9.61 -0.33
CA THR A 70 -4.51 8.49 -0.14
C THR A 70 -5.94 8.92 -0.44
N ARG A 71 -6.39 9.99 0.21
CA ARG A 71 -7.74 10.48 0.01
C ARG A 71 -7.96 10.87 -1.45
N ASP A 72 -7.15 11.80 -1.95
CA ASP A 72 -7.25 12.24 -3.33
C ASP A 72 -7.31 11.06 -4.29
N GLY A 73 -6.53 10.02 -3.98
CA GLY A 73 -6.50 8.85 -4.82
C GLY A 73 -7.71 7.96 -4.63
N PHE A 74 -8.19 7.87 -3.40
CA PHE A 74 -9.35 7.05 -3.07
C PHE A 74 -10.62 7.61 -3.73
N ARG A 75 -10.74 8.93 -3.71
CA ARG A 75 -11.89 9.60 -4.31
C ARG A 75 -11.96 9.33 -5.81
N LEU A 76 -10.85 9.54 -6.49
CA LEU A 76 -10.79 9.31 -7.93
C LEU A 76 -10.84 7.83 -8.26
N SER A 77 -9.83 7.09 -7.80
CA SER A 77 -9.76 5.65 -8.04
C SER A 77 -11.10 4.99 -7.77
N SER A 78 -11.93 5.64 -6.96
CA SER A 78 -13.24 5.12 -6.62
C SER A 78 -14.22 5.29 -7.77
N GLN A 79 -14.46 6.54 -8.15
CA GLN A 79 -15.38 6.86 -9.24
C GLN A 79 -15.04 6.03 -10.49
N GLU A 80 -13.77 5.71 -10.65
CA GLU A 80 -13.31 4.93 -11.79
C GLU A 80 -13.89 3.52 -11.75
N ALA A 81 -13.56 2.79 -10.70
CA ALA A 81 -14.06 1.42 -10.53
C ALA A 81 -15.58 1.38 -10.55
N ALA A 82 -16.20 2.48 -10.13
CA ALA A 82 -17.65 2.58 -10.10
C ALA A 82 -18.24 2.45 -11.51
N SER A 83 -17.60 3.10 -12.47
CA SER A 83 -18.08 3.06 -13.85
C SER A 83 -17.22 2.10 -14.68
N SER A 84 -15.92 2.34 -14.70
CA SER A 84 -15.00 1.52 -15.47
C SER A 84 -15.45 0.06 -15.46
N PHE A 85 -15.77 -0.45 -14.27
CA PHE A 85 -16.22 -1.83 -14.12
C PHE A 85 -17.67 -1.89 -13.63
N GLY A 86 -17.95 -1.15 -12.56
CA GLY A 86 -19.29 -1.13 -12.01
C GLY A 86 -19.29 -1.09 -10.48
N ASP A 87 -18.17 -1.49 -9.88
CA ASP A 87 -18.04 -1.49 -8.43
C ASP A 87 -17.01 -0.48 -7.97
N ASP A 88 -17.34 0.26 -6.91
CA ASP A 88 -16.44 1.27 -6.37
C ASP A 88 -15.43 0.64 -5.42
N ARG A 89 -15.67 -0.62 -5.05
CA ARG A 89 -14.78 -1.34 -4.15
C ARG A 89 -13.31 -1.08 -4.51
N LEU A 90 -12.58 -0.45 -3.59
CA LEU A 90 -11.18 -0.15 -3.82
C LEU A 90 -10.28 -1.16 -3.10
N LEU A 91 -8.98 -1.07 -3.34
CA LEU A 91 -8.02 -1.97 -2.72
C LEU A 91 -6.75 -1.22 -2.31
N ILE A 92 -5.98 -1.83 -1.41
CA ILE A 92 -4.74 -1.22 -0.94
C ILE A 92 -3.66 -2.28 -0.72
N GLU A 93 -2.50 -2.08 -1.33
CA GLU A 93 -1.39 -3.01 -1.20
C GLU A 93 -0.07 -2.26 -1.04
N LYS A 94 0.81 -2.80 -0.20
CA LYS A 94 2.11 -2.19 0.04
C LYS A 94 2.88 -2.01 -1.26
N PHE A 95 3.39 -0.80 -1.49
CA PHE A 95 4.15 -0.51 -2.70
C PHE A 95 5.64 -0.39 -2.40
N ILE A 96 6.44 -1.23 -3.05
CA ILE A 96 7.88 -1.23 -2.85
C ILE A 96 8.62 -1.16 -4.18
N ASP A 97 9.15 0.02 -4.50
CA ASP A 97 9.88 0.21 -5.74
C ASP A 97 11.00 -0.83 -5.89
N ASN A 98 11.92 -0.81 -4.93
CA ASN A 98 13.05 -1.75 -4.94
C ASN A 98 12.57 -3.17 -4.66
N PRO A 99 13.20 -4.15 -5.32
CA PRO A 99 12.86 -5.57 -5.15
C PRO A 99 13.27 -6.10 -3.77
N ARG A 100 13.91 -5.24 -2.99
CA ARG A 100 14.36 -5.64 -1.65
C ARG A 100 13.37 -5.17 -0.59
N HIS A 101 13.18 -5.99 0.42
CA HIS A 101 12.25 -5.67 1.51
C HIS A 101 12.58 -4.32 2.13
N ILE A 102 13.68 -4.27 2.89
CA ILE A 102 14.11 -3.05 3.53
C ILE A 102 15.21 -2.36 2.73
N SER A 103 14.82 -1.44 1.86
CA SER A 103 15.76 -0.71 1.03
C SER A 103 17.01 -0.32 1.82
N GLY A 104 16.78 0.35 2.95
CA GLY A 104 17.89 0.76 3.79
C GLY A 104 17.73 2.19 4.30
N PRO A 105 16.89 2.37 5.32
CA PRO A 105 16.63 3.69 5.91
C PRO A 105 17.82 4.21 6.69
N SER A 106 18.43 5.27 6.17
CA SER A 106 19.59 5.87 6.82
C SER A 106 19.22 6.47 8.18
N SER A 107 18.08 7.16 8.21
CA SER A 107 17.61 7.79 9.44
C SER A 107 18.54 8.92 9.88
N GLY A 108 18.97 9.72 8.90
CA GLY A 108 19.86 10.83 9.19
C GLY A 108 21.07 10.41 10.00
N GLY A 1 3.65 5.51 59.65
CA GLY A 1 4.01 4.32 58.92
C GLY A 1 3.81 4.45 57.42
N SER A 2 4.32 3.50 56.66
CA SER A 2 4.19 3.52 55.21
C SER A 2 4.54 2.16 54.62
N SER A 3 3.92 1.85 53.48
CA SER A 3 4.16 0.58 52.81
C SER A 3 3.42 0.52 51.47
N GLY A 4 3.99 -0.22 50.52
CA GLY A 4 3.37 -0.34 49.21
C GLY A 4 3.77 -1.61 48.49
N SER A 5 2.83 -2.21 47.78
CA SER A 5 3.09 -3.45 47.06
C SER A 5 1.93 -3.79 46.12
N SER A 6 2.21 -3.89 44.83
CA SER A 6 1.19 -4.20 43.84
C SER A 6 1.39 -5.61 43.28
N GLY A 7 2.54 -5.84 42.65
CA GLY A 7 2.84 -7.14 42.08
C GLY A 7 1.60 -7.79 41.46
N ASP A 8 1.32 -7.41 40.22
CA ASP A 8 0.17 -7.97 39.51
C ASP A 8 0.61 -8.70 38.24
N LYS A 9 0.26 -9.97 38.14
CA LYS A 9 0.61 -10.78 36.99
C LYS A 9 -0.06 -12.15 37.06
N ILE A 10 -0.39 -12.70 35.89
CA ILE A 10 -1.03 -14.01 35.82
C ILE A 10 -1.16 -14.48 34.38
N GLU A 11 -0.92 -15.77 34.16
CA GLU A 11 -1.00 -16.35 32.83
C GLU A 11 -0.83 -17.87 32.88
N SER A 12 -1.42 -18.57 31.91
CA SER A 12 -1.33 -20.02 31.85
C SER A 12 -1.68 -20.52 30.45
N LYS A 13 -0.73 -21.16 29.80
CA LYS A 13 -0.93 -21.69 28.45
C LYS A 13 0.01 -22.86 28.18
N LEU A 14 -0.15 -23.48 27.02
CA LEU A 14 0.69 -24.62 26.63
C LEU A 14 1.23 -24.43 25.22
N LEU A 15 1.64 -23.21 24.90
CA LEU A 15 2.18 -22.90 23.58
C LEU A 15 3.01 -21.62 23.62
N ALA A 16 4.30 -21.74 23.37
CA ALA A 16 5.20 -20.60 23.37
C ALA A 16 5.84 -20.41 22.00
N LYS A 17 5.53 -19.27 21.36
CA LYS A 17 6.07 -18.97 20.04
C LYS A 17 7.16 -17.90 20.14
N LYS A 18 8.42 -18.34 20.06
CA LYS A 18 9.55 -17.42 20.14
C LYS A 18 9.67 -16.61 18.86
N ALA A 19 8.93 -17.00 17.84
CA ALA A 19 8.95 -16.30 16.55
C ALA A 19 7.55 -15.88 16.13
N GLU A 20 7.25 -14.59 16.31
CA GLU A 20 5.94 -14.06 15.95
C GLU A 20 6.06 -13.04 14.81
N VAL A 21 5.14 -13.13 13.85
CA VAL A 21 5.14 -12.23 12.71
C VAL A 21 3.88 -11.38 12.69
N ASN A 22 4.04 -10.07 12.90
CA ASN A 22 2.92 -9.14 12.92
C ASN A 22 3.08 -8.09 11.82
N THR A 23 3.20 -8.54 10.58
CA THR A 23 3.37 -7.63 9.46
C THR A 23 2.90 -8.27 8.16
N ILE A 24 1.92 -7.66 7.51
CA ILE A 24 1.39 -8.17 6.25
C ILE A 24 2.02 -7.46 5.06
N PRO A 25 2.56 -8.26 4.12
CA PRO A 25 3.20 -7.73 2.91
C PRO A 25 2.19 -7.11 1.95
N GLY A 26 0.91 -7.19 2.29
CA GLY A 26 -0.13 -6.63 1.45
C GLY A 26 -1.44 -6.47 2.18
N PHE A 27 -2.54 -6.37 1.43
CA PHE A 27 -3.86 -6.21 2.01
C PHE A 27 -4.95 -6.35 0.95
N ASP A 28 -6.00 -7.07 1.29
CA ASP A 28 -7.11 -7.29 0.37
C ASP A 28 -8.39 -6.63 0.89
N GLY A 29 -8.52 -6.58 2.21
CA GLY A 29 -9.70 -5.99 2.81
C GLY A 29 -10.13 -4.72 2.11
N VAL A 30 -11.16 -4.83 1.28
CA VAL A 30 -11.67 -3.68 0.53
C VAL A 30 -11.98 -2.52 1.48
N VAL A 31 -11.53 -1.32 1.10
CA VAL A 31 -11.76 -0.13 1.91
C VAL A 31 -13.24 0.23 1.94
N LYS A 32 -13.61 1.09 2.88
CA LYS A 32 -15.00 1.53 3.02
C LYS A 32 -15.13 3.01 2.66
N ASP A 33 -14.12 3.80 2.98
CA ASP A 33 -14.13 5.22 2.69
C ASP A 33 -12.73 5.80 2.74
N ALA A 34 -12.55 7.01 2.20
CA ALA A 34 -11.26 7.67 2.20
C ALA A 34 -10.59 7.58 3.56
N GLU A 35 -11.32 7.95 4.60
CA GLU A 35 -10.79 7.90 5.96
C GLU A 35 -10.14 6.55 6.25
N GLU A 36 -10.90 5.48 6.00
CA GLU A 36 -10.40 4.13 6.25
C GLU A 36 -9.15 3.86 5.40
N ALA A 37 -9.17 4.33 4.16
CA ALA A 37 -8.05 4.13 3.24
C ALA A 37 -6.76 4.69 3.84
N VAL A 38 -6.88 5.80 4.57
CA VAL A 38 -5.73 6.43 5.18
C VAL A 38 -5.22 5.62 6.37
N ARG A 39 -6.14 5.20 7.23
CA ARG A 39 -5.80 4.42 8.41
C ARG A 39 -5.09 3.12 8.01
N ILE A 40 -5.72 2.37 7.11
CA ILE A 40 -5.15 1.11 6.64
C ILE A 40 -3.80 1.33 5.96
N ALA A 41 -3.75 2.31 5.08
CA ALA A 41 -2.51 2.64 4.36
C ALA A 41 -1.37 2.88 5.33
N ARG A 42 -1.59 3.80 6.28
CA ARG A 42 -0.56 4.13 7.26
C ARG A 42 0.00 2.87 7.91
N GLU A 43 -0.88 1.91 8.19
CA GLU A 43 -0.47 0.66 8.81
C GLU A 43 0.46 -0.12 7.90
N ILE A 44 0.13 -0.16 6.61
CA ILE A 44 0.93 -0.88 5.63
C ILE A 44 2.31 -0.23 5.47
N GLY A 45 2.33 1.10 5.49
CA GLY A 45 3.59 1.82 5.36
C GLY A 45 3.77 2.40 3.97
N TYR A 46 3.55 3.70 3.84
CA TYR A 46 3.69 4.38 2.56
C TYR A 46 5.09 4.17 1.97
N PRO A 47 5.18 4.25 0.63
CA PRO A 47 4.03 4.53 -0.23
C PRO A 47 3.04 3.36 -0.28
N VAL A 48 1.80 3.66 -0.65
CA VAL A 48 0.76 2.64 -0.74
C VAL A 48 0.01 2.74 -2.05
N MET A 49 -0.03 1.64 -2.79
CA MET A 49 -0.73 1.61 -4.08
C MET A 49 -2.22 1.34 -3.87
N ILE A 50 -3.05 2.11 -4.57
CA ILE A 50 -4.50 1.95 -4.47
C ILE A 50 -5.10 1.53 -5.80
N LYS A 51 -5.75 0.37 -5.82
CA LYS A 51 -6.37 -0.15 -7.02
C LYS A 51 -7.87 -0.34 -6.83
N ALA A 52 -8.56 -0.73 -7.89
CA ALA A 52 -10.00 -0.96 -7.83
C ALA A 52 -10.31 -2.43 -7.59
N SER A 53 -10.97 -2.71 -6.48
CA SER A 53 -11.33 -4.09 -6.13
C SER A 53 -12.10 -4.75 -7.27
N ALA A 54 -12.87 -3.96 -8.00
CA ALA A 54 -13.65 -4.47 -9.12
C ALA A 54 -12.75 -5.03 -10.21
N GLY A 55 -11.66 -4.32 -10.49
CA GLY A 55 -10.72 -4.77 -11.51
C GLY A 55 -9.40 -4.03 -11.45
N GLY A 56 -8.60 -4.35 -10.41
CA GLY A 56 -7.31 -3.71 -10.26
C GLY A 56 -6.44 -3.87 -11.48
N GLY A 57 -5.50 -4.81 -11.42
CA GLY A 57 -4.60 -5.04 -12.54
C GLY A 57 -3.34 -4.21 -12.45
N GLY A 58 -3.50 -2.89 -12.51
CA GLY A 58 -2.35 -2.00 -12.45
C GLY A 58 -2.50 -0.79 -13.33
N LYS A 59 -1.86 -0.82 -14.50
CA LYS A 59 -1.92 0.29 -15.44
C LYS A 59 -3.31 0.92 -15.45
N GLY A 60 -3.44 2.07 -14.80
CA GLY A 60 -4.72 2.75 -14.75
C GLY A 60 -5.02 3.31 -13.37
N MET A 61 -4.73 2.53 -12.35
CA MET A 61 -4.97 2.96 -10.96
C MET A 61 -4.02 4.06 -10.57
N ARG A 62 -4.09 4.48 -9.31
CA ARG A 62 -3.23 5.53 -8.79
C ARG A 62 -2.56 5.11 -7.49
N ILE A 63 -1.39 5.68 -7.20
CA ILE A 63 -0.65 5.36 -5.99
C ILE A 63 -0.58 6.58 -5.07
N ALA A 64 -0.55 6.33 -3.77
CA ALA A 64 -0.46 7.39 -2.78
C ALA A 64 0.80 7.26 -1.93
N TRP A 65 1.29 8.39 -1.43
CA TRP A 65 2.50 8.40 -0.61
C TRP A 65 2.20 8.97 0.77
N ASP A 66 1.06 9.64 0.90
CA ASP A 66 0.67 10.24 2.17
C ASP A 66 -0.86 10.31 2.28
N ASP A 67 -1.33 10.61 3.49
CA ASP A 67 -2.77 10.71 3.73
C ASP A 67 -3.45 11.57 2.67
N GLU A 68 -2.84 12.72 2.36
CA GLU A 68 -3.38 13.63 1.37
C GLU A 68 -3.59 12.91 0.03
N GLU A 69 -2.56 12.17 -0.39
CA GLU A 69 -2.64 11.45 -1.66
C GLU A 69 -3.61 10.27 -1.55
N THR A 70 -3.67 9.67 -0.38
CA THR A 70 -4.55 8.53 -0.14
C THR A 70 -6.00 8.89 -0.46
N ARG A 71 -6.50 9.93 0.19
CA ARG A 71 -7.87 10.38 -0.03
C ARG A 71 -8.09 10.80 -1.48
N ASP A 72 -7.25 11.73 -1.94
CA ASP A 72 -7.35 12.23 -3.31
C ASP A 72 -7.39 11.07 -4.31
N GLY A 73 -6.50 10.11 -4.12
CA GLY A 73 -6.46 8.96 -5.01
C GLY A 73 -7.61 8.00 -4.78
N PHE A 74 -8.12 7.97 -3.55
CA PHE A 74 -9.22 7.09 -3.21
C PHE A 74 -10.53 7.59 -3.82
N ARG A 75 -10.71 8.90 -3.82
CA ARG A 75 -11.92 9.50 -4.36
C ARG A 75 -12.01 9.24 -5.86
N LEU A 76 -10.91 9.43 -6.57
CA LEU A 76 -10.87 9.22 -8.01
C LEU A 76 -10.94 7.74 -8.34
N SER A 77 -10.01 6.96 -7.81
CA SER A 77 -9.97 5.52 -8.05
C SER A 77 -11.34 4.89 -7.80
N SER A 78 -12.18 5.59 -7.04
CA SER A 78 -13.51 5.10 -6.73
C SER A 78 -14.45 5.28 -7.93
N GLN A 79 -14.51 6.51 -8.43
CA GLN A 79 -15.38 6.81 -9.57
C GLN A 79 -15.00 5.97 -10.78
N GLU A 80 -13.73 5.58 -10.86
CA GLU A 80 -13.25 4.77 -11.96
C GLU A 80 -13.85 3.36 -11.91
N ALA A 81 -13.54 2.64 -10.84
CA ALA A 81 -14.06 1.28 -10.66
C ALA A 81 -15.56 1.23 -10.96
N ALA A 82 -16.29 2.23 -10.47
CA ALA A 82 -17.73 2.29 -10.68
C ALA A 82 -18.07 2.38 -12.17
N SER A 83 -17.82 3.56 -12.74
CA SER A 83 -18.11 3.78 -14.16
C SER A 83 -17.58 2.64 -15.01
N SER A 84 -16.43 2.10 -14.61
CA SER A 84 -15.80 1.00 -15.34
C SER A 84 -16.65 -0.26 -15.24
N PHE A 85 -16.62 -0.91 -14.08
CA PHE A 85 -17.38 -2.14 -13.86
C PHE A 85 -18.68 -1.83 -13.12
N GLY A 86 -18.59 -1.01 -12.08
CA GLY A 86 -19.77 -0.66 -11.31
C GLY A 86 -19.48 -0.59 -9.82
N ASP A 87 -18.74 -1.57 -9.32
CA ASP A 87 -18.40 -1.62 -7.91
C ASP A 87 -17.30 -0.62 -7.57
N ASP A 88 -17.63 0.35 -6.73
CA ASP A 88 -16.66 1.38 -6.34
C ASP A 88 -15.64 0.81 -5.35
N ARG A 89 -15.75 -0.49 -5.08
CA ARG A 89 -14.83 -1.16 -4.17
C ARG A 89 -13.37 -0.89 -4.56
N LEU A 90 -12.58 -0.41 -3.61
CA LEU A 90 -11.18 -0.11 -3.86
C LEU A 90 -10.28 -1.12 -3.15
N LEU A 91 -8.97 -0.99 -3.35
CA LEU A 91 -8.00 -1.88 -2.73
C LEU A 91 -6.73 -1.13 -2.35
N ILE A 92 -5.96 -1.71 -1.44
CA ILE A 92 -4.72 -1.09 -0.99
C ILE A 92 -3.63 -2.14 -0.77
N GLU A 93 -2.48 -1.94 -1.40
CA GLU A 93 -1.37 -2.87 -1.27
C GLU A 93 -0.05 -2.12 -1.08
N LYS A 94 0.90 -2.77 -0.41
CA LYS A 94 2.21 -2.16 -0.16
C LYS A 94 2.94 -1.88 -1.48
N PHE A 95 3.49 -0.68 -1.59
CA PHE A 95 4.22 -0.29 -2.81
C PHE A 95 5.72 -0.21 -2.52
N ILE A 96 6.47 -1.12 -3.13
CA ILE A 96 7.92 -1.15 -2.95
C ILE A 96 8.63 -1.04 -4.29
N ASP A 97 9.25 0.12 -4.53
CA ASP A 97 9.97 0.36 -5.78
C ASP A 97 11.46 0.08 -5.59
N ASN A 98 11.96 0.30 -4.38
CA ASN A 98 13.37 0.08 -4.08
C ASN A 98 13.58 -1.30 -3.47
N PRO A 99 14.67 -1.96 -3.86
CA PRO A 99 15.01 -3.30 -3.36
C PRO A 99 15.45 -3.27 -1.90
N ARG A 100 15.51 -2.08 -1.33
CA ARG A 100 15.91 -1.92 0.07
C ARG A 100 14.71 -1.56 0.94
N HIS A 101 14.19 -2.54 1.66
CA HIS A 101 13.04 -2.33 2.54
C HIS A 101 13.18 -1.01 3.30
N ILE A 102 12.07 -0.31 3.46
CA ILE A 102 12.07 0.96 4.18
C ILE A 102 11.89 0.76 5.68
N SER A 103 10.83 0.03 6.04
CA SER A 103 10.54 -0.24 7.44
C SER A 103 11.83 -0.49 8.22
N GLY A 104 12.21 0.49 9.05
CA GLY A 104 13.41 0.36 9.84
C GLY A 104 13.31 1.10 11.16
N PRO A 105 12.71 0.46 12.16
CA PRO A 105 12.54 1.04 13.49
C PRO A 105 13.86 1.16 14.25
N SER A 106 13.85 1.90 15.36
CA SER A 106 15.04 2.10 16.16
C SER A 106 14.68 2.35 17.62
N SER A 107 15.17 1.48 18.50
CA SER A 107 14.89 1.61 19.93
C SER A 107 16.13 2.10 20.68
N GLY A 108 15.94 3.09 21.54
CA GLY A 108 17.04 3.63 22.31
C GLY A 108 16.90 5.11 22.57
N GLY A 1 -15.54 -58.22 24.91
CA GLY A 1 -15.96 -57.29 23.87
C GLY A 1 -15.60 -55.87 24.19
N SER A 2 -14.40 -55.66 24.74
CA SER A 2 -13.95 -54.33 25.10
C SER A 2 -13.27 -53.65 23.92
N SER A 3 -12.94 -52.36 24.09
CA SER A 3 -12.29 -51.60 23.03
C SER A 3 -10.94 -51.08 23.50
N GLY A 4 -10.95 -50.30 24.58
CA GLY A 4 -9.71 -49.75 25.10
C GLY A 4 -9.85 -48.29 25.49
N SER A 5 -8.85 -47.49 25.14
CA SER A 5 -8.87 -46.06 25.46
C SER A 5 -9.00 -45.22 24.20
N SER A 6 -9.10 -43.91 24.38
CA SER A 6 -9.24 -42.99 23.25
C SER A 6 -8.43 -43.47 22.06
N GLY A 7 -7.10 -43.53 22.25
CA GLY A 7 -6.23 -43.97 21.17
C GLY A 7 -5.45 -42.83 20.55
N ASP A 8 -4.96 -41.92 21.40
CA ASP A 8 -4.19 -40.77 20.92
C ASP A 8 -3.49 -40.07 22.08
N LYS A 9 -2.17 -40.18 22.12
CA LYS A 9 -1.38 -39.56 23.17
C LYS A 9 -0.31 -38.65 22.59
N ILE A 10 -0.27 -37.40 23.04
CA ILE A 10 0.70 -36.44 22.56
C ILE A 10 2.06 -36.63 23.25
N GLU A 11 3.07 -36.97 22.47
CA GLU A 11 4.42 -37.19 23.01
C GLU A 11 5.44 -37.33 21.88
N SER A 12 6.71 -37.25 22.23
CA SER A 12 7.79 -37.37 21.26
C SER A 12 7.57 -36.41 20.09
N LYS A 13 7.18 -35.18 20.41
CA LYS A 13 6.94 -34.17 19.40
C LYS A 13 8.16 -33.99 18.50
N LEU A 14 7.98 -34.26 17.21
CA LEU A 14 9.08 -34.13 16.25
C LEU A 14 9.10 -32.74 15.63
N LEU A 15 10.06 -31.93 16.06
CA LEU A 15 10.19 -30.57 15.55
C LEU A 15 8.83 -29.87 15.48
N ALA A 16 8.02 -30.11 16.50
CA ALA A 16 6.68 -29.49 16.56
C ALA A 16 6.77 -28.04 17.00
N LYS A 17 7.10 -27.16 16.06
CA LYS A 17 7.22 -25.73 16.35
C LYS A 17 6.26 -24.92 15.48
N LYS A 18 5.85 -23.77 15.97
CA LYS A 18 4.94 -22.89 15.25
C LYS A 18 5.66 -21.66 14.73
N ALA A 19 5.36 -21.28 13.49
CA ALA A 19 5.99 -20.11 12.88
C ALA A 19 4.96 -19.00 12.63
N GLU A 20 5.30 -17.78 13.04
CA GLU A 20 4.41 -16.64 12.85
C GLU A 20 4.55 -16.07 11.46
N VAL A 21 3.51 -15.35 11.01
CA VAL A 21 3.52 -14.74 9.68
C VAL A 21 4.44 -13.54 9.64
N ASN A 22 4.97 -13.25 8.45
CA ASN A 22 5.87 -12.12 8.27
C ASN A 22 5.09 -10.82 8.10
N THR A 23 4.30 -10.75 7.03
CA THR A 23 3.50 -9.57 6.75
C THR A 23 2.48 -9.84 5.65
N ILE A 24 1.66 -8.84 5.36
CA ILE A 24 0.63 -8.97 4.33
C ILE A 24 1.15 -8.49 2.98
N PRO A 25 1.12 -9.39 1.98
CA PRO A 25 1.59 -9.08 0.63
C PRO A 25 0.66 -8.10 -0.10
N GLY A 26 -0.43 -7.73 0.56
CA GLY A 26 -1.38 -6.81 -0.03
C GLY A 26 -2.73 -6.83 0.66
N PHE A 27 -3.04 -5.76 1.37
CA PHE A 27 -4.31 -5.68 2.09
C PHE A 27 -5.48 -5.78 1.13
N ASP A 28 -5.95 -7.00 0.89
CA ASP A 28 -7.07 -7.23 0.00
C ASP A 28 -8.33 -6.52 0.50
N GLY A 29 -8.55 -6.59 1.80
CA GLY A 29 -9.72 -5.97 2.39
C GLY A 29 -10.10 -4.68 1.68
N VAL A 30 -11.22 -4.71 0.96
CA VAL A 30 -11.69 -3.53 0.23
C VAL A 30 -12.02 -2.39 1.18
N VAL A 31 -11.59 -1.19 0.82
CA VAL A 31 -11.84 -0.01 1.64
C VAL A 31 -13.31 0.39 1.60
N LYS A 32 -13.73 1.17 2.58
CA LYS A 32 -15.11 1.62 2.67
C LYS A 32 -15.21 3.13 2.45
N ASP A 33 -14.31 3.88 3.08
CA ASP A 33 -14.29 5.33 2.94
C ASP A 33 -12.86 5.84 2.89
N ALA A 34 -12.70 7.07 2.40
CA ALA A 34 -11.38 7.69 2.30
C ALA A 34 -10.64 7.63 3.63
N GLU A 35 -11.33 8.01 4.70
CA GLU A 35 -10.73 8.01 6.03
C GLU A 35 -10.16 6.64 6.37
N GLU A 36 -10.90 5.59 6.02
CA GLU A 36 -10.47 4.22 6.29
C GLU A 36 -9.26 3.86 5.43
N ALA A 37 -9.25 4.36 4.20
CA ALA A 37 -8.16 4.08 3.27
C ALA A 37 -6.85 4.68 3.78
N VAL A 38 -6.94 5.85 4.40
CA VAL A 38 -5.76 6.53 4.93
C VAL A 38 -5.17 5.75 6.10
N ARG A 39 -6.00 5.42 7.08
CA ARG A 39 -5.56 4.68 8.25
C ARG A 39 -4.92 3.35 7.84
N ILE A 40 -5.61 2.60 6.99
CA ILE A 40 -5.11 1.32 6.53
C ILE A 40 -3.76 1.47 5.82
N ALA A 41 -3.72 2.38 4.85
CA ALA A 41 -2.48 2.62 4.10
C ALA A 41 -1.31 2.86 5.03
N ARG A 42 -1.53 3.73 6.03
CA ARG A 42 -0.48 4.05 7.00
C ARG A 42 0.07 2.78 7.65
N GLU A 43 -0.82 1.82 7.89
CA GLU A 43 -0.43 0.56 8.52
C GLU A 43 0.48 -0.24 7.58
N ILE A 44 0.14 -0.26 6.30
CA ILE A 44 0.92 -0.98 5.31
C ILE A 44 2.30 -0.37 5.14
N GLY A 45 2.37 0.96 5.19
CA GLY A 45 3.64 1.64 5.03
C GLY A 45 3.80 2.27 3.67
N TYR A 46 3.61 3.59 3.60
CA TYR A 46 3.72 4.31 2.34
C TYR A 46 5.11 4.13 1.74
N PRO A 47 5.21 4.25 0.41
CA PRO A 47 4.05 4.55 -0.44
C PRO A 47 3.09 3.37 -0.52
N VAL A 48 1.82 3.66 -0.81
CA VAL A 48 0.80 2.63 -0.91
C VAL A 48 0.01 2.76 -2.21
N MET A 49 -0.05 1.68 -2.98
CA MET A 49 -0.78 1.69 -4.25
C MET A 49 -2.25 1.40 -4.03
N ILE A 50 -3.10 1.97 -4.88
CA ILE A 50 -4.54 1.78 -4.78
C ILE A 50 -5.12 1.34 -6.11
N LYS A 51 -5.63 0.11 -6.16
CA LYS A 51 -6.23 -0.43 -7.38
C LYS A 51 -7.74 -0.56 -7.22
N ALA A 52 -8.43 -0.75 -8.35
CA ALA A 52 -9.88 -0.88 -8.34
C ALA A 52 -10.29 -2.33 -8.09
N SER A 53 -10.90 -2.58 -6.94
CA SER A 53 -11.34 -3.93 -6.59
C SER A 53 -11.98 -4.62 -7.78
N ALA A 54 -12.83 -3.90 -8.49
CA ALA A 54 -13.51 -4.46 -9.66
C ALA A 54 -12.52 -5.11 -10.61
N GLY A 55 -11.50 -4.35 -11.02
CA GLY A 55 -10.50 -4.88 -11.93
C GLY A 55 -9.15 -4.20 -11.75
N GLY A 56 -8.57 -4.35 -10.57
CA GLY A 56 -7.27 -3.74 -10.30
C GLY A 56 -6.16 -4.39 -11.09
N GLY A 57 -5.33 -5.18 -10.40
CA GLY A 57 -4.23 -5.85 -11.06
C GLY A 57 -3.37 -4.89 -11.86
N GLY A 58 -3.03 -3.75 -11.26
CA GLY A 58 -2.21 -2.77 -11.95
C GLY A 58 -2.82 -2.33 -13.26
N LYS A 59 -3.95 -1.64 -13.19
CA LYS A 59 -4.63 -1.16 -14.39
C LYS A 59 -4.83 0.35 -14.33
N GLY A 60 -3.82 1.08 -14.77
CA GLY A 60 -3.90 2.54 -14.76
C GLY A 60 -4.45 3.08 -13.45
N MET A 61 -4.00 2.51 -12.34
CA MET A 61 -4.45 2.94 -11.02
C MET A 61 -3.64 4.13 -10.54
N ARG A 62 -3.90 4.55 -9.30
CA ARG A 62 -3.20 5.69 -8.72
C ARG A 62 -2.46 5.28 -7.45
N ILE A 63 -1.36 5.97 -7.16
CA ILE A 63 -0.57 5.68 -5.97
C ILE A 63 -0.44 6.91 -5.08
N ALA A 64 -0.49 6.69 -3.76
CA ALA A 64 -0.37 7.78 -2.81
C ALA A 64 0.87 7.62 -1.95
N TRP A 65 1.41 8.75 -1.47
CA TRP A 65 2.61 8.74 -0.64
C TRP A 65 2.30 9.30 0.74
N ASP A 66 1.14 9.91 0.89
CA ASP A 66 0.73 10.49 2.17
C ASP A 66 -0.79 10.50 2.30
N ASP A 67 -1.27 10.58 3.54
CA ASP A 67 -2.70 10.60 3.80
C ASP A 67 -3.43 11.44 2.77
N GLU A 68 -3.02 12.69 2.63
CA GLU A 68 -3.63 13.60 1.67
C GLU A 68 -3.82 12.92 0.33
N GLU A 69 -2.77 12.27 -0.16
CA GLU A 69 -2.82 11.59 -1.44
C GLU A 69 -3.78 10.40 -1.38
N THR A 70 -3.71 9.66 -0.28
CA THR A 70 -4.57 8.48 -0.10
C THR A 70 -6.04 8.85 -0.27
N ARG A 71 -6.43 9.99 0.26
CA ARG A 71 -7.81 10.46 0.17
C ARG A 71 -8.14 10.89 -1.25
N ASP A 72 -7.36 11.81 -1.78
CA ASP A 72 -7.56 12.31 -3.13
C ASP A 72 -7.63 11.16 -4.14
N GLY A 73 -6.76 10.17 -3.95
CA GLY A 73 -6.73 9.03 -4.84
C GLY A 73 -7.91 8.10 -4.62
N PHE A 74 -8.32 7.95 -3.36
CA PHE A 74 -9.43 7.08 -3.02
C PHE A 74 -10.73 7.58 -3.65
N ARG A 75 -10.92 8.90 -3.62
CA ARG A 75 -12.12 9.50 -4.19
C ARG A 75 -12.18 9.29 -5.70
N LEU A 76 -11.06 9.57 -6.37
CA LEU A 76 -10.98 9.41 -7.82
C LEU A 76 -11.08 7.94 -8.21
N SER A 77 -10.18 7.13 -7.67
CA SER A 77 -10.18 5.69 -7.96
C SER A 77 -11.55 5.08 -7.73
N SER A 78 -12.15 5.41 -6.59
CA SER A 78 -13.47 4.88 -6.25
C SER A 78 -14.49 5.23 -7.33
N GLN A 79 -14.44 6.46 -7.82
CA GLN A 79 -15.36 6.91 -8.86
C GLN A 79 -15.16 6.11 -10.15
N GLU A 80 -13.91 5.78 -10.44
CA GLU A 80 -13.59 5.01 -11.64
C GLU A 80 -14.14 3.60 -11.55
N ALA A 81 -13.68 2.85 -10.57
CA ALA A 81 -14.13 1.47 -10.38
C ALA A 81 -15.65 1.39 -10.44
N ALA A 82 -16.32 2.46 -10.02
CA ALA A 82 -17.78 2.49 -10.03
C ALA A 82 -18.33 2.29 -11.44
N SER A 83 -18.10 3.28 -12.30
CA SER A 83 -18.57 3.21 -13.69
C SER A 83 -17.63 2.34 -14.54
N SER A 84 -16.34 2.62 -14.44
CA SER A 84 -15.35 1.88 -15.21
C SER A 84 -15.73 0.41 -15.31
N PHE A 85 -15.78 -0.27 -14.17
CA PHE A 85 -16.14 -1.69 -14.14
C PHE A 85 -17.59 -1.88 -13.70
N GLY A 86 -17.93 -1.27 -12.57
CA GLY A 86 -19.29 -1.38 -12.07
C GLY A 86 -19.36 -1.28 -10.55
N ASP A 87 -18.21 -1.49 -9.90
CA ASP A 87 -18.14 -1.43 -8.45
C ASP A 87 -17.15 -0.37 -7.99
N ASP A 88 -17.55 0.42 -7.00
CA ASP A 88 -16.69 1.48 -6.48
C ASP A 88 -15.63 0.90 -5.54
N ARG A 89 -15.78 -0.38 -5.21
CA ARG A 89 -14.84 -1.05 -4.32
C ARG A 89 -13.40 -0.72 -4.70
N LEU A 90 -12.57 -0.41 -3.71
CA LEU A 90 -11.17 -0.09 -3.95
C LEU A 90 -10.25 -1.05 -3.21
N LEU A 91 -8.96 -0.99 -3.52
CA LEU A 91 -7.98 -1.85 -2.88
C LEU A 91 -6.74 -1.05 -2.47
N ILE A 92 -5.90 -1.67 -1.64
CA ILE A 92 -4.68 -1.03 -1.18
C ILE A 92 -3.56 -2.05 -0.98
N GLU A 93 -2.49 -1.90 -1.75
CA GLU A 93 -1.35 -2.80 -1.66
C GLU A 93 -0.06 -2.03 -1.43
N LYS A 94 0.93 -2.69 -0.84
CA LYS A 94 2.22 -2.07 -0.56
C LYS A 94 2.99 -1.80 -1.85
N PHE A 95 3.55 -0.60 -1.96
CA PHE A 95 4.31 -0.23 -3.15
C PHE A 95 5.80 -0.16 -2.84
N ILE A 96 6.55 -1.07 -3.44
CA ILE A 96 8.00 -1.13 -3.23
C ILE A 96 8.75 -1.05 -4.56
N ASP A 97 9.47 0.05 -4.76
CA ASP A 97 10.24 0.25 -5.98
C ASP A 97 11.55 -0.53 -5.94
N ASN A 98 12.45 -0.10 -5.08
CA ASN A 98 13.75 -0.75 -4.94
C ASN A 98 13.58 -2.23 -4.63
N PRO A 99 14.55 -3.04 -5.09
CA PRO A 99 14.52 -4.50 -4.88
C PRO A 99 14.75 -4.87 -3.42
N ARG A 100 14.96 -3.86 -2.58
CA ARG A 100 15.20 -4.09 -1.15
C ARG A 100 14.18 -3.33 -0.31
N HIS A 101 14.02 -3.77 0.94
CA HIS A 101 13.07 -3.13 1.85
C HIS A 101 13.50 -1.70 2.16
N ILE A 102 12.71 -1.01 2.99
CA ILE A 102 13.01 0.36 3.36
C ILE A 102 13.48 0.44 4.81
N SER A 103 12.59 0.09 5.74
CA SER A 103 12.93 0.13 7.16
C SER A 103 13.19 1.56 7.62
N GLY A 104 12.36 2.48 7.14
CA GLY A 104 12.51 3.88 7.52
C GLY A 104 11.28 4.43 8.22
N PRO A 105 11.21 4.18 9.54
CA PRO A 105 10.08 4.65 10.36
C PRO A 105 10.08 6.17 10.53
N SER A 106 8.89 6.77 10.45
CA SER A 106 8.76 8.21 10.60
C SER A 106 8.25 8.57 11.98
N SER A 107 8.04 9.86 12.23
CA SER A 107 7.56 10.33 13.52
C SER A 107 6.47 9.42 14.05
N GLY A 108 6.26 9.46 15.37
CA GLY A 108 5.23 8.63 15.98
C GLY A 108 5.78 7.76 17.08
N GLY A 1 18.45 50.61 16.73
CA GLY A 1 18.59 49.54 15.77
C GLY A 1 17.93 48.26 16.23
N SER A 2 18.00 47.23 15.39
CA SER A 2 17.39 45.94 15.71
C SER A 2 18.46 44.88 15.92
N SER A 3 18.04 43.70 16.38
CA SER A 3 18.96 42.59 16.63
C SER A 3 18.20 41.28 16.77
N GLY A 4 18.92 40.17 16.63
CA GLY A 4 18.30 38.86 16.74
C GLY A 4 19.26 37.82 17.29
N SER A 5 19.22 36.62 16.72
CA SER A 5 20.08 35.53 17.15
C SER A 5 20.19 34.46 16.08
N SER A 6 21.39 33.92 15.90
CA SER A 6 21.62 32.88 14.91
C SER A 6 22.84 32.02 15.29
N GLY A 7 22.59 30.75 15.53
CA GLY A 7 23.66 29.84 15.89
C GLY A 7 23.18 28.41 16.06
N ASP A 8 23.64 27.53 15.17
CA ASP A 8 23.24 26.13 15.22
C ASP A 8 24.30 25.25 14.54
N LYS A 9 24.28 23.97 14.86
CA LYS A 9 25.22 23.02 14.28
C LYS A 9 24.51 21.99 13.42
N ILE A 10 24.84 21.95 12.14
CA ILE A 10 24.24 21.01 11.21
C ILE A 10 25.17 19.83 10.94
N GLU A 11 26.42 20.13 10.61
CA GLU A 11 27.40 19.09 10.32
C GLU A 11 27.74 18.30 11.59
N SER A 12 28.53 17.26 11.43
CA SER A 12 28.94 16.41 12.54
C SER A 12 27.77 15.54 13.01
N LYS A 13 27.01 15.02 12.06
CA LYS A 13 25.86 14.18 12.37
C LYS A 13 26.15 12.72 12.02
N LEU A 14 27.21 12.17 12.62
CA LEU A 14 27.59 10.79 12.38
C LEU A 14 26.95 9.86 13.40
N LEU A 15 26.04 9.02 12.94
CA LEU A 15 25.35 8.08 13.81
C LEU A 15 24.50 7.10 13.00
N ALA A 16 24.53 5.83 13.39
CA ALA A 16 23.76 4.79 12.71
C ALA A 16 22.65 4.26 13.60
N LYS A 17 21.49 4.90 13.53
CA LYS A 17 20.34 4.48 14.33
C LYS A 17 19.05 4.58 13.52
N LYS A 18 18.45 3.43 13.23
CA LYS A 18 17.21 3.38 12.47
C LYS A 18 16.29 2.27 12.99
N ALA A 19 15.10 2.67 13.43
CA ALA A 19 14.12 1.71 13.95
C ALA A 19 12.87 1.69 13.10
N GLU A 20 12.65 0.56 12.41
CA GLU A 20 11.48 0.41 11.55
C GLU A 20 10.39 -0.41 12.25
N VAL A 21 9.13 -0.08 11.96
CA VAL A 21 8.01 -0.78 12.54
C VAL A 21 7.52 -1.91 11.64
N ASN A 22 6.81 -2.88 12.22
CA ASN A 22 6.29 -4.00 11.45
C ASN A 22 5.68 -3.53 10.13
N THR A 23 5.77 -4.38 9.12
CA THR A 23 5.24 -4.05 7.80
C THR A 23 4.16 -5.03 7.38
N ILE A 24 3.31 -4.62 6.44
CA ILE A 24 2.23 -5.48 5.96
C ILE A 24 2.60 -6.13 4.63
N PRO A 25 2.55 -7.47 4.58
CA PRO A 25 2.87 -8.24 3.38
C PRO A 25 1.83 -8.07 2.29
N GLY A 26 0.83 -7.23 2.56
CA GLY A 26 -0.22 -6.99 1.58
C GLY A 26 -1.60 -6.97 2.21
N PHE A 27 -2.36 -5.92 1.94
CA PHE A 27 -3.70 -5.78 2.47
C PHE A 27 -4.75 -5.86 1.36
N ASP A 28 -5.57 -6.90 1.41
CA ASP A 28 -6.61 -7.09 0.41
C ASP A 28 -7.93 -6.48 0.87
N GLY A 29 -8.17 -6.53 2.18
CA GLY A 29 -9.39 -5.98 2.73
C GLY A 29 -9.86 -4.76 1.98
N VAL A 30 -10.91 -4.91 1.17
CA VAL A 30 -11.46 -3.81 0.39
C VAL A 30 -11.80 -2.62 1.29
N VAL A 31 -11.44 -1.43 0.85
CA VAL A 31 -11.71 -0.21 1.61
C VAL A 31 -13.18 0.16 1.53
N LYS A 32 -13.70 0.76 2.60
CA LYS A 32 -15.09 1.17 2.65
C LYS A 32 -15.23 2.65 2.30
N ASP A 33 -14.30 3.46 2.78
CA ASP A 33 -14.32 4.90 2.52
C ASP A 33 -12.90 5.46 2.51
N ALA A 34 -12.78 6.74 2.13
CA ALA A 34 -11.49 7.39 2.07
C ALA A 34 -10.79 7.36 3.43
N GLU A 35 -11.52 7.71 4.48
CA GLU A 35 -10.97 7.71 5.83
C GLU A 35 -10.32 6.37 6.15
N GLU A 36 -11.08 5.30 5.99
CA GLU A 36 -10.57 3.95 6.28
C GLU A 36 -9.36 3.64 5.41
N ALA A 37 -9.31 4.22 4.22
CA ALA A 37 -8.20 4.01 3.30
C ALA A 37 -6.92 4.64 3.84
N VAL A 38 -7.07 5.74 4.56
CA VAL A 38 -5.93 6.45 5.12
C VAL A 38 -5.34 5.68 6.30
N ARG A 39 -6.20 5.25 7.21
CA ARG A 39 -5.75 4.50 8.38
C ARG A 39 -5.01 3.23 7.96
N ILE A 40 -5.68 2.41 7.15
CA ILE A 40 -5.08 1.16 6.68
C ILE A 40 -3.74 1.42 5.99
N ALA A 41 -3.75 2.31 4.99
CA ALA A 41 -2.54 2.65 4.26
C ALA A 41 -1.40 3.02 5.21
N ARG A 42 -1.71 3.84 6.21
CA ARG A 42 -0.71 4.26 7.19
C ARG A 42 -0.07 3.05 7.86
N GLU A 43 -0.85 1.98 8.03
CA GLU A 43 -0.35 0.77 8.67
C GLU A 43 0.59 0.02 7.74
N ILE A 44 0.24 -0.04 6.45
CA ILE A 44 1.06 -0.72 5.46
C ILE A 44 2.43 -0.10 5.35
N GLY A 45 2.48 1.23 5.42
CA GLY A 45 3.74 1.94 5.33
C GLY A 45 4.01 2.47 3.94
N TYR A 46 3.62 3.72 3.71
CA TYR A 46 3.81 4.35 2.41
C TYR A 46 5.21 4.07 1.86
N PRO A 47 5.34 4.08 0.52
CA PRO A 47 4.21 4.36 -0.37
C PRO A 47 3.18 3.23 -0.39
N VAL A 48 1.96 3.55 -0.79
CA VAL A 48 0.90 2.56 -0.86
C VAL A 48 0.13 2.66 -2.18
N MET A 49 0.07 1.55 -2.90
CA MET A 49 -0.62 1.50 -4.18
C MET A 49 -2.12 1.28 -3.97
N ILE A 50 -2.93 2.08 -4.67
CA ILE A 50 -4.38 1.96 -4.56
C ILE A 50 -5.00 1.51 -5.89
N LYS A 51 -5.56 0.32 -5.90
CA LYS A 51 -6.19 -0.23 -7.09
C LYS A 51 -7.70 -0.40 -6.89
N ALA A 52 -8.41 -0.67 -7.98
CA ALA A 52 -9.85 -0.86 -7.92
C ALA A 52 -10.20 -2.33 -7.70
N SER A 53 -10.75 -2.63 -6.53
CA SER A 53 -11.12 -4.00 -6.19
C SER A 53 -11.91 -4.64 -7.32
N ALA A 54 -12.82 -3.87 -7.92
CA ALA A 54 -13.63 -4.35 -9.02
C ALA A 54 -12.79 -5.12 -10.03
N GLY A 55 -11.65 -4.55 -10.41
CA GLY A 55 -10.77 -5.19 -11.36
C GLY A 55 -9.32 -5.19 -10.91
N GLY A 56 -8.76 -4.00 -10.74
CA GLY A 56 -7.37 -3.90 -10.32
C GLY A 56 -6.41 -4.48 -11.33
N GLY A 57 -5.19 -4.79 -10.88
CA GLY A 57 -4.20 -5.36 -11.76
C GLY A 57 -3.03 -4.41 -12.00
N GLY A 58 -3.33 -3.12 -12.12
CA GLY A 58 -2.29 -2.13 -12.35
C GLY A 58 -2.29 -1.62 -13.77
N LYS A 59 -3.45 -1.17 -14.24
CA LYS A 59 -3.56 -0.64 -15.59
C LYS A 59 -3.83 0.86 -15.57
N GLY A 60 -4.85 1.27 -14.82
CA GLY A 60 -5.18 2.67 -14.72
C GLY A 60 -5.51 3.10 -13.31
N MET A 61 -4.69 2.67 -12.35
CA MET A 61 -4.90 3.02 -10.95
C MET A 61 -3.98 4.15 -10.52
N ARG A 62 -4.10 4.55 -9.26
CA ARG A 62 -3.27 5.63 -8.72
C ARG A 62 -2.55 5.17 -7.46
N ILE A 63 -1.44 5.83 -7.14
CA ILE A 63 -0.66 5.50 -5.96
C ILE A 63 -0.60 6.67 -4.99
N ALA A 64 -0.55 6.38 -3.70
CA ALA A 64 -0.48 7.42 -2.68
C ALA A 64 0.78 7.28 -1.84
N TRP A 65 1.31 8.40 -1.38
CA TRP A 65 2.52 8.41 -0.56
C TRP A 65 2.25 9.01 0.81
N ASP A 66 1.11 9.69 0.94
CA ASP A 66 0.74 10.30 2.21
C ASP A 66 -0.78 10.32 2.38
N ASP A 67 -1.24 10.67 3.58
CA ASP A 67 -2.66 10.72 3.87
C ASP A 67 -3.40 11.56 2.84
N GLU A 68 -2.90 12.77 2.61
CA GLU A 68 -3.52 13.68 1.64
C GLU A 68 -3.69 12.99 0.29
N GLU A 69 -2.65 12.26 -0.13
CA GLU A 69 -2.69 11.56 -1.40
C GLU A 69 -3.66 10.39 -1.37
N THR A 70 -3.70 9.71 -0.22
CA THR A 70 -4.59 8.57 -0.06
C THR A 70 -6.04 8.94 -0.37
N ARG A 71 -6.55 9.95 0.34
CA ARG A 71 -7.92 10.41 0.13
C ARG A 71 -8.13 10.84 -1.32
N ASP A 72 -7.35 11.82 -1.75
CA ASP A 72 -7.45 12.34 -3.11
C ASP A 72 -7.51 11.20 -4.12
N GLY A 73 -6.60 10.24 -3.97
CA GLY A 73 -6.56 9.11 -4.89
C GLY A 73 -7.75 8.17 -4.70
N PHE A 74 -8.17 8.01 -3.46
CA PHE A 74 -9.30 7.12 -3.15
C PHE A 74 -10.58 7.65 -3.78
N ARG A 75 -10.80 8.96 -3.65
CA ARG A 75 -11.99 9.60 -4.20
C ARG A 75 -12.04 9.43 -5.72
N LEU A 76 -10.89 9.62 -6.37
CA LEU A 76 -10.80 9.50 -7.82
C LEU A 76 -10.88 8.03 -8.24
N SER A 77 -9.92 7.23 -7.78
CA SER A 77 -9.88 5.81 -8.11
C SER A 77 -11.26 5.17 -7.94
N SER A 78 -12.01 5.68 -6.98
CA SER A 78 -13.35 5.16 -6.70
C SER A 78 -14.29 5.44 -7.87
N GLN A 79 -14.34 6.69 -8.29
CA GLN A 79 -15.21 7.08 -9.40
C GLN A 79 -14.92 6.25 -10.64
N GLU A 80 -13.66 5.86 -10.80
CA GLU A 80 -13.25 5.06 -11.95
C GLU A 80 -13.94 3.70 -11.93
N ALA A 81 -13.63 2.90 -10.91
CA ALA A 81 -14.21 1.58 -10.77
C ALA A 81 -15.73 1.62 -10.94
N ALA A 82 -16.36 2.63 -10.34
CA ALA A 82 -17.80 2.79 -10.43
C ALA A 82 -18.28 2.69 -11.88
N SER A 83 -17.44 3.15 -12.81
CA SER A 83 -17.78 3.11 -14.22
C SER A 83 -17.19 1.87 -14.90
N SER A 84 -15.92 1.59 -14.60
CA SER A 84 -15.24 0.44 -15.18
C SER A 84 -16.12 -0.80 -15.09
N PHE A 85 -16.39 -1.24 -13.87
CA PHE A 85 -17.22 -2.43 -13.65
C PHE A 85 -18.61 -2.04 -13.17
N GLY A 86 -18.65 -1.12 -12.20
CA GLY A 86 -19.93 -0.68 -11.66
C GLY A 86 -19.84 -0.30 -10.20
N ASP A 87 -18.95 -0.97 -9.47
CA ASP A 87 -18.75 -0.70 -8.05
C ASP A 87 -17.60 0.25 -7.82
N ASP A 88 -17.61 0.94 -6.68
CA ASP A 88 -16.56 1.88 -6.34
C ASP A 88 -15.57 1.28 -5.35
N ARG A 89 -15.45 -0.05 -5.38
CA ARG A 89 -14.54 -0.75 -4.49
C ARG A 89 -13.08 -0.43 -4.82
N LEU A 90 -12.24 -0.42 -3.79
CA LEU A 90 -10.82 -0.13 -3.98
C LEU A 90 -9.96 -1.09 -3.18
N LEU A 91 -8.65 -0.98 -3.33
CA LEU A 91 -7.71 -1.84 -2.63
C LEU A 91 -6.44 -1.08 -2.26
N ILE A 92 -5.68 -1.63 -1.31
CA ILE A 92 -4.44 -1.00 -0.88
C ILE A 92 -3.35 -2.04 -0.63
N GLU A 93 -2.26 -1.93 -1.36
CA GLU A 93 -1.14 -2.86 -1.22
C GLU A 93 0.19 -2.13 -1.18
N LYS A 94 1.10 -2.59 -0.33
CA LYS A 94 2.41 -1.98 -0.20
C LYS A 94 3.07 -1.80 -1.57
N PHE A 95 3.52 -0.58 -1.84
CA PHE A 95 4.16 -0.27 -3.11
C PHE A 95 5.68 -0.39 -3.00
N ILE A 96 6.22 -1.45 -3.59
CA ILE A 96 7.66 -1.69 -3.55
C ILE A 96 8.24 -1.76 -4.96
N ASP A 97 8.80 -0.65 -5.41
CA ASP A 97 9.40 -0.58 -6.75
C ASP A 97 10.83 -1.12 -6.74
N ASN A 98 11.06 -2.13 -5.92
CA ASN A 98 12.38 -2.74 -5.80
C ASN A 98 12.29 -4.17 -5.25
N PRO A 99 13.32 -4.98 -5.52
CA PRO A 99 13.38 -6.36 -5.05
C PRO A 99 13.57 -6.46 -3.54
N ARG A 100 13.73 -5.31 -2.90
CA ARG A 100 13.93 -5.27 -1.45
C ARG A 100 12.94 -6.20 -0.75
N HIS A 101 13.38 -6.77 0.37
CA HIS A 101 12.53 -7.68 1.14
C HIS A 101 12.85 -7.57 2.63
N ILE A 102 11.82 -7.75 3.45
CA ILE A 102 11.98 -7.67 4.90
C ILE A 102 11.97 -9.06 5.53
N SER A 103 12.64 -9.20 6.67
CA SER A 103 12.71 -10.47 7.37
C SER A 103 12.32 -10.31 8.85
N GLY A 104 11.99 -11.42 9.49
CA GLY A 104 11.61 -11.38 10.89
C GLY A 104 10.11 -11.55 11.09
N PRO A 105 9.66 -12.81 11.10
CA PRO A 105 8.24 -13.13 11.27
C PRO A 105 7.75 -12.85 12.68
N SER A 106 8.68 -12.81 13.63
CA SER A 106 8.35 -12.56 15.03
C SER A 106 7.40 -11.37 15.15
N SER A 107 6.59 -11.38 16.20
CA SER A 107 5.63 -10.30 16.43
C SER A 107 5.29 -10.18 17.91
N GLY A 108 5.19 -8.94 18.39
CA GLY A 108 4.87 -8.72 19.80
C GLY A 108 4.15 -7.41 20.02
N GLY A 1 -23.47 26.73 1.69
CA GLY A 1 -22.18 27.20 1.21
C GLY A 1 -21.18 26.08 1.09
N SER A 2 -20.09 26.34 0.37
CA SER A 2 -19.04 25.34 0.17
C SER A 2 -17.82 25.96 -0.49
N SER A 3 -16.68 25.28 -0.36
CA SER A 3 -15.43 25.77 -0.94
C SER A 3 -14.33 24.72 -0.82
N GLY A 4 -13.24 24.93 -1.55
CA GLY A 4 -12.13 23.99 -1.51
C GLY A 4 -10.80 24.66 -1.80
N SER A 5 -9.76 23.85 -1.98
CA SER A 5 -8.42 24.37 -2.25
C SER A 5 -7.47 23.24 -2.64
N SER A 6 -6.49 23.56 -3.46
CA SER A 6 -5.51 22.57 -3.91
C SER A 6 -4.25 23.25 -4.43
N GLY A 7 -3.16 22.48 -4.53
CA GLY A 7 -1.91 23.03 -5.01
C GLY A 7 -1.18 23.84 -3.95
N ASP A 8 -0.19 23.24 -3.32
CA ASP A 8 0.58 23.91 -2.28
C ASP A 8 2.01 23.37 -2.23
N LYS A 9 2.88 24.10 -1.54
CA LYS A 9 4.27 23.69 -1.40
C LYS A 9 4.73 23.78 0.05
N ILE A 10 5.29 22.69 0.56
CA ILE A 10 5.77 22.64 1.93
C ILE A 10 6.70 21.45 2.15
N GLU A 11 7.76 21.67 2.92
CA GLU A 11 8.72 20.61 3.22
C GLU A 11 8.03 19.40 3.84
N SER A 12 7.89 18.34 3.06
CA SER A 12 7.25 17.12 3.54
C SER A 12 8.07 15.89 3.17
N LYS A 13 7.55 14.71 3.51
CA LYS A 13 8.23 13.46 3.21
C LYS A 13 9.68 13.50 3.68
N LEU A 14 9.87 13.81 4.96
CA LEU A 14 11.21 13.88 5.54
C LEU A 14 11.36 12.92 6.71
N LEU A 15 10.31 12.13 6.95
CA LEU A 15 10.32 11.18 8.04
C LEU A 15 10.68 9.77 7.54
N ALA A 16 11.81 9.26 7.99
CA ALA A 16 12.26 7.93 7.58
C ALA A 16 12.59 7.07 8.79
N LYS A 17 11.61 6.26 9.21
CA LYS A 17 11.80 5.37 10.35
C LYS A 17 10.66 4.36 10.45
N LYS A 18 11.02 3.09 10.57
CA LYS A 18 10.03 2.02 10.69
C LYS A 18 10.68 0.71 11.08
N ALA A 19 10.44 0.27 12.31
CA ALA A 19 11.00 -0.98 12.81
C ALA A 19 9.93 -1.81 13.51
N GLU A 20 9.30 -2.70 12.77
CA GLU A 20 8.26 -3.56 13.32
C GLU A 20 8.41 -5.00 12.81
N VAL A 21 8.13 -5.96 13.68
CA VAL A 21 8.23 -7.37 13.32
C VAL A 21 6.94 -7.87 12.69
N ASN A 22 5.81 -7.48 13.27
CA ASN A 22 4.51 -7.89 12.77
C ASN A 22 4.00 -6.92 11.71
N THR A 23 3.77 -7.43 10.50
CA THR A 23 3.28 -6.59 9.41
C THR A 23 2.52 -7.44 8.38
N ILE A 24 1.94 -6.76 7.39
CA ILE A 24 1.20 -7.45 6.34
C ILE A 24 1.80 -7.16 4.97
N PRO A 25 2.06 -8.24 4.21
CA PRO A 25 2.63 -8.13 2.86
C PRO A 25 1.66 -7.55 1.85
N GLY A 26 0.43 -7.30 2.31
CA GLY A 26 -0.59 -6.74 1.43
C GLY A 26 -1.89 -6.45 2.16
N PHE A 27 -2.99 -6.42 1.42
CA PHE A 27 -4.30 -6.16 2.00
C PHE A 27 -5.40 -6.34 0.96
N ASP A 28 -6.40 -7.14 1.31
CA ASP A 28 -7.52 -7.40 0.41
C ASP A 28 -8.78 -6.66 0.87
N GLY A 29 -9.03 -6.72 2.17
CA GLY A 29 -10.19 -6.05 2.72
C GLY A 29 -10.52 -4.75 2.01
N VAL A 30 -11.48 -4.80 1.09
CA VAL A 30 -11.88 -3.63 0.33
C VAL A 30 -12.12 -2.44 1.25
N VAL A 31 -11.73 -1.25 0.80
CA VAL A 31 -11.90 -0.04 1.58
C VAL A 31 -13.37 0.37 1.66
N LYS A 32 -13.71 1.13 2.68
CA LYS A 32 -15.08 1.58 2.87
C LYS A 32 -15.23 3.05 2.48
N ASP A 33 -14.29 3.87 2.92
CA ASP A 33 -14.31 5.30 2.62
C ASP A 33 -12.90 5.88 2.62
N ALA A 34 -12.72 6.99 1.91
CA ALA A 34 -11.42 7.64 1.83
C ALA A 34 -10.70 7.60 3.17
N GLU A 35 -11.41 7.97 4.23
CA GLU A 35 -10.84 7.98 5.57
C GLU A 35 -10.24 6.61 5.92
N GLU A 36 -11.04 5.56 5.72
CA GLU A 36 -10.58 4.20 6.01
C GLU A 36 -9.36 3.85 5.18
N ALA A 37 -9.31 4.37 3.95
CA ALA A 37 -8.19 4.11 3.06
C ALA A 37 -6.89 4.67 3.62
N VAL A 38 -6.99 5.82 4.30
CA VAL A 38 -5.82 6.46 4.89
C VAL A 38 -5.27 5.64 6.04
N ARG A 39 -6.16 5.20 6.92
CA ARG A 39 -5.75 4.40 8.08
C ARG A 39 -5.02 3.13 7.63
N ILE A 40 -5.69 2.33 6.82
CA ILE A 40 -5.11 1.09 6.31
C ILE A 40 -3.72 1.33 5.73
N ALA A 41 -3.63 2.29 4.81
CA ALA A 41 -2.35 2.61 4.18
C ALA A 41 -1.25 2.77 5.22
N ARG A 42 -1.45 3.69 6.17
CA ARG A 42 -0.47 3.94 7.21
C ARG A 42 0.03 2.63 7.81
N GLU A 43 -0.89 1.74 8.12
CA GLU A 43 -0.54 0.44 8.69
C GLU A 43 0.44 -0.30 7.80
N ILE A 44 0.16 -0.29 6.49
CA ILE A 44 1.02 -0.97 5.53
C ILE A 44 2.38 -0.29 5.42
N GLY A 45 2.35 1.05 5.42
CA GLY A 45 3.59 1.80 5.32
C GLY A 45 3.80 2.41 3.94
N TYR A 46 3.62 3.71 3.84
CA TYR A 46 3.77 4.40 2.56
C TYR A 46 5.18 4.20 2.00
N PRO A 47 5.29 4.26 0.66
CA PRO A 47 4.15 4.52 -0.21
C PRO A 47 3.17 3.37 -0.26
N VAL A 48 1.93 3.66 -0.65
CA VAL A 48 0.90 2.62 -0.74
C VAL A 48 0.16 2.71 -2.08
N MET A 49 0.09 1.60 -2.78
CA MET A 49 -0.59 1.55 -4.07
C MET A 49 -2.07 1.22 -3.89
N ILE A 50 -2.91 1.87 -4.67
CA ILE A 50 -4.36 1.66 -4.59
C ILE A 50 -4.91 1.19 -5.93
N LYS A 51 -5.75 0.16 -5.89
CA LYS A 51 -6.36 -0.39 -7.10
C LYS A 51 -7.85 -0.60 -6.91
N ALA A 52 -8.60 -0.60 -8.02
CA ALA A 52 -10.04 -0.80 -7.97
C ALA A 52 -10.38 -2.28 -7.80
N SER A 53 -10.91 -2.63 -6.64
CA SER A 53 -11.28 -4.02 -6.35
C SER A 53 -12.05 -4.62 -7.51
N ALA A 54 -12.89 -3.80 -8.14
CA ALA A 54 -13.69 -4.26 -9.27
C ALA A 54 -12.80 -4.68 -10.44
N GLY A 55 -11.68 -3.99 -10.60
CA GLY A 55 -10.75 -4.30 -11.67
C GLY A 55 -9.38 -3.71 -11.46
N GLY A 56 -8.72 -4.12 -10.38
CA GLY A 56 -7.40 -3.61 -10.08
C GLY A 56 -6.40 -3.89 -11.19
N GLY A 57 -5.44 -2.98 -11.37
CA GLY A 57 -4.45 -3.16 -12.41
C GLY A 57 -3.24 -2.24 -12.21
N GLY A 58 -2.15 -2.81 -11.71
CA GLY A 58 -0.95 -2.02 -11.47
C GLY A 58 -0.76 -0.95 -12.53
N LYS A 59 -1.02 -1.30 -13.78
CA LYS A 59 -0.87 -0.36 -14.89
C LYS A 59 -2.15 0.42 -15.13
N GLY A 60 -2.21 1.65 -14.64
CA GLY A 60 -3.39 2.47 -14.81
C GLY A 60 -3.86 3.10 -13.52
N MET A 61 -3.90 2.30 -12.45
CA MET A 61 -4.33 2.79 -11.14
C MET A 61 -3.45 3.93 -10.67
N ARG A 62 -3.68 4.39 -9.45
CA ARG A 62 -2.90 5.48 -8.87
C ARG A 62 -2.25 5.06 -7.56
N ILE A 63 -1.16 5.72 -7.20
CA ILE A 63 -0.45 5.41 -5.97
C ILE A 63 -0.40 6.63 -5.04
N ALA A 64 -0.43 6.37 -3.73
CA ALA A 64 -0.40 7.43 -2.74
C ALA A 64 0.84 7.31 -1.85
N TRP A 65 1.37 8.44 -1.42
CA TRP A 65 2.55 8.46 -0.56
C TRP A 65 2.21 9.02 0.82
N ASP A 66 1.13 9.80 0.89
CA ASP A 66 0.70 10.40 2.15
C ASP A 66 -0.82 10.37 2.27
N ASP A 67 -1.31 10.61 3.47
CA ASP A 67 -2.75 10.61 3.72
C ASP A 67 -3.49 11.40 2.64
N GLU A 68 -3.10 12.65 2.44
CA GLU A 68 -3.72 13.51 1.44
C GLU A 68 -3.80 12.79 0.09
N GLU A 69 -2.70 12.13 -0.28
CA GLU A 69 -2.64 11.42 -1.55
C GLU A 69 -3.64 10.25 -1.56
N THR A 70 -3.71 9.53 -0.45
CA THR A 70 -4.62 8.39 -0.34
C THR A 70 -6.06 8.81 -0.60
N ARG A 71 -6.49 9.89 0.05
CA ARG A 71 -7.84 10.39 -0.10
C ARG A 71 -8.08 10.87 -1.54
N ASP A 72 -7.16 11.68 -2.05
CA ASP A 72 -7.26 12.20 -3.40
C ASP A 72 -7.38 11.06 -4.41
N GLY A 73 -6.54 10.03 -4.25
CA GLY A 73 -6.56 8.90 -5.16
C GLY A 73 -7.75 8.00 -4.92
N PHE A 74 -8.18 7.91 -3.67
CA PHE A 74 -9.31 7.07 -3.30
C PHE A 74 -10.60 7.55 -3.98
N ARG A 75 -10.75 8.87 -4.06
CA ARG A 75 -11.92 9.47 -4.67
C ARG A 75 -12.01 9.10 -6.16
N LEU A 76 -10.90 9.30 -6.86
CA LEU A 76 -10.85 8.99 -8.29
C LEU A 76 -10.90 7.49 -8.53
N SER A 77 -9.97 6.78 -7.90
CA SER A 77 -9.90 5.32 -8.04
C SER A 77 -11.26 4.68 -7.76
N SER A 78 -12.05 5.34 -6.92
CA SER A 78 -13.37 4.83 -6.57
C SER A 78 -14.39 5.16 -7.64
N GLN A 79 -14.63 6.46 -7.84
CA GLN A 79 -15.58 6.92 -8.85
C GLN A 79 -15.40 6.15 -10.16
N GLU A 80 -14.18 5.71 -10.41
CA GLU A 80 -13.87 4.96 -11.63
C GLU A 80 -14.52 3.58 -11.60
N ALA A 81 -14.06 2.74 -10.70
CA ALA A 81 -14.59 1.39 -10.56
C ALA A 81 -16.12 1.40 -10.57
N ALA A 82 -16.70 2.40 -9.92
CA ALA A 82 -18.15 2.53 -9.84
C ALA A 82 -18.78 2.40 -11.23
N SER A 83 -18.43 3.32 -12.12
CA SER A 83 -18.97 3.30 -13.48
C SER A 83 -18.34 2.18 -14.30
N SER A 84 -17.00 2.12 -14.27
CA SER A 84 -16.27 1.10 -15.01
C SER A 84 -17.02 -0.23 -15.01
N PHE A 85 -17.00 -0.91 -13.86
CA PHE A 85 -17.68 -2.19 -13.72
C PHE A 85 -19.07 -2.01 -13.12
N GLY A 86 -19.13 -1.32 -11.99
CA GLY A 86 -20.41 -1.08 -11.33
C GLY A 86 -20.25 -0.79 -9.86
N ASP A 87 -19.23 -1.38 -9.24
CA ASP A 87 -18.97 -1.16 -7.82
C ASP A 87 -17.82 -0.19 -7.61
N ASP A 88 -17.73 0.38 -6.41
CA ASP A 88 -16.68 1.33 -6.08
C ASP A 88 -15.67 0.72 -5.11
N ARG A 89 -15.68 -0.60 -5.02
CA ARG A 89 -14.77 -1.31 -4.13
C ARG A 89 -13.32 -1.07 -4.53
N LEU A 90 -12.54 -0.48 -3.63
CA LEU A 90 -11.14 -0.20 -3.89
C LEU A 90 -10.24 -1.17 -3.14
N LEU A 91 -8.94 -1.08 -3.39
CA LEU A 91 -7.97 -1.95 -2.74
C LEU A 91 -6.70 -1.18 -2.39
N ILE A 92 -5.90 -1.75 -1.49
CA ILE A 92 -4.65 -1.13 -1.06
C ILE A 92 -3.55 -2.15 -0.88
N GLU A 93 -2.37 -1.85 -1.42
CA GLU A 93 -1.24 -2.76 -1.32
C GLU A 93 0.06 -1.99 -1.09
N LYS A 94 1.09 -2.69 -0.62
CA LYS A 94 2.39 -2.06 -0.35
C LYS A 94 3.15 -1.82 -1.64
N PHE A 95 3.65 -0.61 -1.81
CA PHE A 95 4.41 -0.24 -3.00
C PHE A 95 5.90 -0.17 -2.70
N ILE A 96 6.68 -0.99 -3.40
CA ILE A 96 8.12 -1.00 -3.20
C ILE A 96 8.86 -0.93 -4.54
N ASP A 97 9.52 0.20 -4.77
CA ASP A 97 10.28 0.40 -6.00
C ASP A 97 11.58 -0.39 -5.99
N ASN A 98 12.41 -0.12 -4.99
CA ASN A 98 13.69 -0.81 -4.86
C ASN A 98 13.48 -2.30 -4.57
N PRO A 99 14.47 -3.12 -4.95
CA PRO A 99 14.42 -4.57 -4.73
C PRO A 99 14.55 -4.94 -3.26
N ARG A 100 14.77 -3.94 -2.42
CA ARG A 100 14.92 -4.16 -0.99
C ARG A 100 16.14 -5.03 -0.69
N HIS A 101 17.27 -4.66 -1.30
CA HIS A 101 18.51 -5.40 -1.10
C HIS A 101 18.96 -5.34 0.37
N ILE A 102 18.85 -4.16 0.96
CA ILE A 102 19.25 -3.97 2.35
C ILE A 102 18.26 -4.63 3.29
N SER A 103 18.71 -5.70 3.96
CA SER A 103 17.86 -6.43 4.89
C SER A 103 18.52 -6.53 6.26
N GLY A 104 17.96 -5.82 7.24
CA GLY A 104 18.51 -5.85 8.58
C GLY A 104 17.82 -6.86 9.48
N PRO A 105 18.58 -7.46 10.39
CA PRO A 105 18.05 -8.46 11.34
C PRO A 105 17.11 -7.84 12.36
N SER A 106 15.90 -8.39 12.46
CA SER A 106 14.91 -7.90 13.40
C SER A 106 15.21 -8.39 14.82
N SER A 107 14.79 -7.60 15.81
CA SER A 107 15.02 -7.95 17.21
C SER A 107 14.25 -7.01 18.14
N GLY A 108 13.30 -7.57 18.87
CA GLY A 108 12.50 -6.77 19.79
C GLY A 108 11.68 -7.61 20.73
N GLY A 1 -13.39 33.17 28.45
CA GLY A 1 -13.36 32.68 27.09
C GLY A 1 -12.05 32.99 26.39
N SER A 2 -11.70 32.17 25.39
CA SER A 2 -10.46 32.36 24.65
C SER A 2 -10.44 31.48 23.40
N SER A 3 -9.51 31.77 22.50
CA SER A 3 -9.39 31.02 21.26
C SER A 3 -8.13 31.45 20.49
N GLY A 4 -7.82 30.70 19.43
CA GLY A 4 -6.65 31.02 18.62
C GLY A 4 -6.59 30.19 17.35
N SER A 5 -5.63 30.51 16.49
CA SER A 5 -5.46 29.80 15.23
C SER A 5 -4.01 29.84 14.77
N SER A 6 -3.52 28.71 14.27
CA SER A 6 -2.15 28.62 13.79
C SER A 6 -1.88 27.26 13.16
N GLY A 7 -1.04 27.25 12.13
CA GLY A 7 -0.71 26.02 11.45
C GLY A 7 0.56 26.12 10.64
N ASP A 8 1.29 25.00 10.55
CA ASP A 8 2.54 24.98 9.81
C ASP A 8 2.96 23.54 9.51
N LYS A 9 3.65 23.35 8.39
CA LYS A 9 4.11 22.02 7.98
C LYS A 9 5.22 22.12 6.95
N ILE A 10 6.42 21.72 7.33
CA ILE A 10 7.57 21.76 6.43
C ILE A 10 8.59 20.68 6.78
N GLU A 11 8.88 19.82 5.81
CA GLU A 11 9.84 18.75 6.01
C GLU A 11 10.34 18.20 4.68
N SER A 12 11.63 17.91 4.60
CA SER A 12 12.23 17.39 3.38
C SER A 12 13.43 16.50 3.70
N LYS A 13 13.27 15.20 3.51
CA LYS A 13 14.34 14.25 3.78
C LYS A 13 14.75 13.52 2.50
N LEU A 14 16.04 13.60 2.17
CA LEU A 14 16.56 12.96 0.96
C LEU A 14 17.54 11.86 1.33
N LEU A 15 17.01 10.68 1.69
CA LEU A 15 17.84 9.54 2.06
C LEU A 15 17.09 8.24 1.84
N ALA A 16 17.84 7.14 1.76
CA ALA A 16 17.26 5.82 1.55
C ALA A 16 17.64 4.86 2.67
N LYS A 17 16.75 4.72 3.66
CA LYS A 17 17.00 3.84 4.79
C LYS A 17 15.73 3.64 5.62
N LYS A 18 15.37 2.38 5.84
CA LYS A 18 14.18 2.05 6.63
C LYS A 18 14.44 0.86 7.54
N ALA A 19 13.52 0.63 8.48
CA ALA A 19 13.65 -0.47 9.42
C ALA A 19 12.55 -1.51 9.19
N GLU A 20 12.81 -2.74 9.62
CA GLU A 20 11.83 -3.82 9.47
C GLU A 20 10.57 -3.53 10.27
N VAL A 21 9.43 -3.93 9.73
CA VAL A 21 8.14 -3.71 10.39
C VAL A 21 7.51 -5.04 10.80
N ASN A 22 6.64 -4.99 11.81
CA ASN A 22 5.97 -6.19 12.29
C ASN A 22 4.49 -6.16 11.92
N THR A 23 4.19 -5.68 10.72
CA THR A 23 2.81 -5.60 10.24
C THR A 23 2.59 -6.52 9.04
N ILE A 24 1.40 -6.45 8.47
CA ILE A 24 1.07 -7.27 7.31
C ILE A 24 1.76 -6.75 6.05
N PRO A 25 2.41 -7.67 5.32
CA PRO A 25 3.12 -7.32 4.08
C PRO A 25 2.16 -6.96 2.95
N GLY A 26 0.87 -6.88 3.26
CA GLY A 26 -0.12 -6.53 2.27
C GLY A 26 -1.45 -6.15 2.88
N PHE A 27 -2.50 -6.16 2.06
CA PHE A 27 -3.83 -5.81 2.53
C PHE A 27 -4.88 -6.05 1.44
N ASP A 28 -5.97 -6.71 1.80
CA ASP A 28 -7.03 -7.00 0.86
C ASP A 28 -8.32 -6.28 1.25
N GLY A 29 -8.54 -6.14 2.56
CA GLY A 29 -9.73 -5.47 3.04
C GLY A 29 -10.17 -4.33 2.14
N VAL A 30 -11.19 -4.58 1.34
CA VAL A 30 -11.71 -3.57 0.42
C VAL A 30 -12.09 -2.30 1.17
N VAL A 31 -11.60 -1.15 0.68
CA VAL A 31 -11.89 0.13 1.30
C VAL A 31 -13.35 0.54 1.08
N LYS A 32 -13.85 1.40 1.94
CA LYS A 32 -15.23 1.87 1.85
C LYS A 32 -15.30 3.39 1.89
N ASP A 33 -14.41 3.99 2.69
CA ASP A 33 -14.37 5.44 2.81
C ASP A 33 -12.93 5.94 2.87
N ALA A 34 -12.68 7.10 2.29
CA ALA A 34 -11.35 7.69 2.28
C ALA A 34 -10.69 7.56 3.64
N GLU A 35 -11.45 7.81 4.70
CA GLU A 35 -10.95 7.72 6.06
C GLU A 35 -10.37 6.34 6.34
N GLU A 36 -11.07 5.31 5.84
CA GLU A 36 -10.63 3.93 6.04
C GLU A 36 -9.39 3.62 5.21
N ALA A 37 -9.30 4.25 4.03
CA ALA A 37 -8.16 4.05 3.15
C ALA A 37 -6.87 4.56 3.76
N VAL A 38 -6.98 5.68 4.48
CA VAL A 38 -5.82 6.29 5.12
C VAL A 38 -5.31 5.40 6.26
N ARG A 39 -6.21 5.00 7.15
CA ARG A 39 -5.84 4.16 8.28
C ARG A 39 -5.11 2.91 7.80
N ILE A 40 -5.73 2.17 6.88
CA ILE A 40 -5.14 0.95 6.35
C ILE A 40 -3.77 1.23 5.74
N ALA A 41 -3.69 2.28 4.93
CA ALA A 41 -2.43 2.65 4.29
C ALA A 41 -1.33 2.90 5.32
N ARG A 42 -1.56 3.87 6.20
CA ARG A 42 -0.60 4.21 7.24
C ARG A 42 -0.01 2.95 7.87
N GLU A 43 -0.84 1.92 8.01
CA GLU A 43 -0.41 0.66 8.59
C GLU A 43 0.57 -0.06 7.66
N ILE A 44 0.18 -0.22 6.41
CA ILE A 44 1.01 -0.89 5.42
C ILE A 44 2.36 -0.18 5.27
N GLY A 45 2.32 1.15 5.31
CA GLY A 45 3.54 1.92 5.17
C GLY A 45 3.71 2.52 3.79
N TYR A 46 3.65 3.84 3.71
CA TYR A 46 3.78 4.54 2.43
C TYR A 46 5.19 4.36 1.86
N PRO A 47 5.30 4.45 0.53
CA PRO A 47 4.15 4.70 -0.35
C PRO A 47 3.20 3.51 -0.40
N VAL A 48 1.93 3.78 -0.72
CA VAL A 48 0.92 2.74 -0.82
C VAL A 48 0.15 2.84 -2.12
N MET A 49 0.10 1.74 -2.86
CA MET A 49 -0.62 1.70 -4.13
C MET A 49 -2.11 1.43 -3.91
N ILE A 50 -2.94 2.02 -4.76
CA ILE A 50 -4.38 1.84 -4.66
C ILE A 50 -4.97 1.40 -5.99
N LYS A 51 -5.61 0.23 -5.99
CA LYS A 51 -6.23 -0.30 -7.19
C LYS A 51 -7.75 -0.37 -7.05
N ALA A 52 -8.43 -0.77 -8.12
CA ALA A 52 -9.88 -0.87 -8.11
C ALA A 52 -10.33 -2.32 -7.97
N SER A 53 -10.66 -2.72 -6.75
CA SER A 53 -11.10 -4.08 -6.48
C SER A 53 -11.95 -4.62 -7.62
N ALA A 54 -12.64 -3.72 -8.31
CA ALA A 54 -13.49 -4.10 -9.43
C ALA A 54 -12.72 -4.05 -10.74
N GLY A 55 -11.48 -4.54 -10.72
CA GLY A 55 -10.66 -4.55 -11.91
C GLY A 55 -9.28 -3.97 -11.67
N GLY A 56 -8.65 -4.39 -10.58
CA GLY A 56 -7.32 -3.89 -10.24
C GLY A 56 -6.33 -4.12 -11.37
N GLY A 57 -5.45 -5.09 -11.20
CA GLY A 57 -4.46 -5.40 -12.20
C GLY A 57 -3.21 -4.54 -12.06
N GLY A 58 -3.41 -3.27 -11.75
CA GLY A 58 -2.29 -2.35 -11.59
C GLY A 58 -1.73 -1.88 -12.92
N LYS A 59 -2.62 -1.43 -13.80
CA LYS A 59 -2.22 -0.94 -15.12
C LYS A 59 -2.39 0.57 -15.21
N GLY A 60 -3.53 1.06 -14.73
CA GLY A 60 -3.80 2.49 -14.78
C GLY A 60 -4.31 3.02 -13.44
N MET A 61 -4.06 2.27 -12.38
CA MET A 61 -4.50 2.68 -11.05
C MET A 61 -3.73 3.89 -10.56
N ARG A 62 -3.99 4.31 -9.32
CA ARG A 62 -3.31 5.45 -8.74
C ARG A 62 -2.53 5.05 -7.49
N ILE A 63 -1.49 5.81 -7.17
CA ILE A 63 -0.65 5.53 -6.01
C ILE A 63 -0.53 6.76 -5.12
N ALA A 64 -0.54 6.53 -3.81
CA ALA A 64 -0.43 7.62 -2.84
C ALA A 64 0.84 7.49 -2.02
N TRP A 65 1.31 8.61 -1.47
CA TRP A 65 2.52 8.62 -0.66
C TRP A 65 2.24 9.17 0.73
N ASP A 66 1.14 9.90 0.86
CA ASP A 66 0.76 10.48 2.15
C ASP A 66 -0.76 10.46 2.32
N ASP A 67 -1.21 10.62 3.55
CA ASP A 67 -2.64 10.62 3.85
C ASP A 67 -3.41 11.46 2.83
N GLU A 68 -2.95 12.68 2.61
CA GLU A 68 -3.58 13.58 1.66
C GLU A 68 -3.76 12.91 0.31
N GLU A 69 -2.70 12.25 -0.17
CA GLU A 69 -2.74 11.57 -1.46
C GLU A 69 -3.70 10.38 -1.41
N THR A 70 -3.68 9.64 -0.30
CA THR A 70 -4.54 8.48 -0.13
C THR A 70 -6.00 8.84 -0.42
N ARG A 71 -6.49 9.87 0.27
CA ARG A 71 -7.87 10.30 0.09
C ARG A 71 -8.12 10.77 -1.34
N ASP A 72 -7.35 11.77 -1.78
CA ASP A 72 -7.48 12.31 -3.12
C ASP A 72 -7.57 11.18 -4.15
N GLY A 73 -6.78 10.14 -3.95
CA GLY A 73 -6.79 9.01 -4.87
C GLY A 73 -7.98 8.09 -4.64
N PHE A 74 -8.34 7.89 -3.38
CA PHE A 74 -9.46 7.03 -3.03
C PHE A 74 -10.76 7.54 -3.65
N ARG A 75 -10.85 8.86 -3.81
CA ARG A 75 -12.04 9.48 -4.39
C ARG A 75 -12.09 9.24 -5.89
N LEU A 76 -10.95 9.41 -6.56
CA LEU A 76 -10.88 9.21 -8.00
C LEU A 76 -11.00 7.73 -8.35
N SER A 77 -10.01 6.95 -7.92
CA SER A 77 -10.01 5.51 -8.20
C SER A 77 -11.36 4.90 -7.88
N SER A 78 -12.13 5.56 -7.03
CA SER A 78 -13.45 5.07 -6.64
C SER A 78 -14.48 5.36 -7.73
N GLN A 79 -14.47 6.59 -8.21
CA GLN A 79 -15.41 7.00 -9.26
C GLN A 79 -15.22 6.16 -10.52
N GLU A 80 -13.97 5.73 -10.75
CA GLU A 80 -13.66 4.92 -11.92
C GLU A 80 -14.28 3.54 -11.80
N ALA A 81 -13.82 2.76 -10.82
CA ALA A 81 -14.32 1.42 -10.59
C ALA A 81 -15.84 1.41 -10.49
N ALA A 82 -16.38 2.45 -9.85
CA ALA A 82 -17.83 2.57 -9.68
C ALA A 82 -18.54 2.66 -11.03
N SER A 83 -17.79 3.08 -12.05
CA SER A 83 -18.36 3.23 -13.38
C SER A 83 -17.81 2.16 -14.32
N SER A 84 -16.51 2.23 -14.59
CA SER A 84 -15.86 1.27 -15.48
C SER A 84 -16.48 -0.11 -15.32
N PHE A 85 -16.78 -0.49 -14.09
CA PHE A 85 -17.38 -1.79 -13.81
C PHE A 85 -18.73 -1.62 -13.10
N GLY A 86 -18.74 -0.84 -12.03
CA GLY A 86 -19.96 -0.62 -11.29
C GLY A 86 -19.72 -0.48 -9.80
N ASP A 87 -18.83 -1.31 -9.27
CA ASP A 87 -18.50 -1.27 -7.85
C ASP A 87 -17.36 -0.30 -7.57
N ASP A 88 -17.41 0.35 -6.42
CA ASP A 88 -16.38 1.31 -6.04
C ASP A 88 -15.35 0.66 -5.12
N ARG A 89 -15.45 -0.66 -4.96
CA ARG A 89 -14.52 -1.41 -4.11
C ARG A 89 -13.08 -1.12 -4.49
N LEU A 90 -12.33 -0.52 -3.57
CA LEU A 90 -10.93 -0.20 -3.81
C LEU A 90 -10.01 -1.10 -3.00
N LEU A 91 -8.74 -1.17 -3.40
CA LEU A 91 -7.77 -1.99 -2.70
C LEU A 91 -6.49 -1.20 -2.42
N ILE A 92 -5.69 -1.69 -1.48
CA ILE A 92 -4.44 -1.03 -1.12
C ILE A 92 -3.35 -2.05 -0.80
N GLU A 93 -2.18 -1.87 -1.42
CA GLU A 93 -1.06 -2.78 -1.20
C GLU A 93 0.24 -2.00 -1.05
N LYS A 94 1.22 -2.61 -0.39
CA LYS A 94 2.52 -1.99 -0.17
C LYS A 94 3.23 -1.74 -1.49
N PHE A 95 3.79 -0.55 -1.65
CA PHE A 95 4.50 -0.19 -2.87
C PHE A 95 5.99 -0.08 -2.61
N ILE A 96 6.77 -0.92 -3.29
CA ILE A 96 8.22 -0.92 -3.13
C ILE A 96 8.93 -0.88 -4.49
N ASP A 97 9.73 0.16 -4.70
CA ASP A 97 10.46 0.30 -5.95
C ASP A 97 11.93 -0.09 -5.78
N ASN A 98 12.49 0.28 -4.63
CA ASN A 98 13.89 -0.03 -4.34
C ASN A 98 14.02 -1.37 -3.62
N PRO A 99 15.04 -2.15 -3.99
CA PRO A 99 15.29 -3.46 -3.40
C PRO A 99 15.76 -3.36 -1.95
N ARG A 100 15.92 -4.51 -1.30
CA ARG A 100 16.35 -4.56 0.09
C ARG A 100 17.02 -5.89 0.41
N HIS A 101 17.62 -5.98 1.59
CA HIS A 101 18.29 -7.21 2.02
C HIS A 101 17.65 -7.75 3.30
N ILE A 102 17.61 -9.08 3.41
CA ILE A 102 17.04 -9.73 4.58
C ILE A 102 17.90 -9.48 5.82
N SER A 103 17.23 -9.19 6.95
CA SER A 103 17.93 -8.94 8.19
C SER A 103 17.20 -9.58 9.37
N GLY A 104 17.79 -9.47 10.56
CA GLY A 104 17.18 -10.04 11.74
C GLY A 104 17.00 -9.03 12.85
N PRO A 105 15.89 -8.26 12.79
CA PRO A 105 15.57 -7.23 13.78
C PRO A 105 15.20 -7.83 15.13
N SER A 106 15.26 -9.16 15.22
CA SER A 106 14.92 -9.85 16.46
C SER A 106 16.06 -9.76 17.46
N SER A 107 15.73 -9.37 18.69
CA SER A 107 16.73 -9.23 19.75
C SER A 107 16.08 -9.36 21.13
N GLY A 108 16.90 -9.69 22.13
CA GLY A 108 16.39 -9.84 23.47
C GLY A 108 15.67 -8.60 23.97
N GLY A 1 50.03 -14.21 -24.29
CA GLY A 1 49.05 -13.21 -24.67
C GLY A 1 48.85 -12.16 -23.60
N SER A 2 48.00 -11.17 -23.89
CA SER A 2 47.72 -10.10 -22.93
C SER A 2 46.30 -10.22 -22.37
N SER A 3 46.13 -9.77 -21.13
CA SER A 3 44.82 -9.83 -20.48
C SER A 3 44.69 -8.74 -19.42
N GLY A 4 43.49 -8.58 -18.89
CA GLY A 4 43.26 -7.57 -17.87
C GLY A 4 42.12 -6.64 -18.22
N SER A 5 40.90 -7.05 -17.90
CA SER A 5 39.72 -6.23 -18.19
C SER A 5 39.41 -5.28 -17.04
N SER A 6 40.04 -4.12 -17.07
CA SER A 6 39.85 -3.11 -16.04
C SER A 6 39.15 -1.88 -16.60
N GLY A 7 38.21 -1.33 -15.82
CA GLY A 7 37.49 -0.15 -16.25
C GLY A 7 36.44 0.29 -15.26
N ASP A 8 36.55 1.51 -14.76
CA ASP A 8 35.61 2.05 -13.79
C ASP A 8 35.36 3.53 -14.03
N LYS A 9 34.29 4.05 -13.45
CA LYS A 9 33.94 5.45 -13.59
C LYS A 9 33.67 6.10 -12.24
N ILE A 10 34.57 5.86 -11.29
CA ILE A 10 34.43 6.42 -9.95
C ILE A 10 32.98 6.37 -9.48
N GLU A 11 32.36 5.20 -9.63
CA GLU A 11 30.97 5.02 -9.21
C GLU A 11 30.89 4.58 -7.76
N SER A 12 30.08 5.28 -6.97
CA SER A 12 29.90 4.97 -5.56
C SER A 12 28.63 5.60 -5.01
N LYS A 13 27.98 4.89 -4.09
CA LYS A 13 26.74 5.38 -3.50
C LYS A 13 26.92 5.61 -2.00
N LEU A 14 27.08 6.88 -1.63
CA LEU A 14 27.27 7.24 -0.22
C LEU A 14 25.94 7.24 0.52
N LEU A 15 24.89 6.81 -0.16
CA LEU A 15 23.56 6.75 0.43
C LEU A 15 23.45 5.60 1.43
N ALA A 16 23.36 5.95 2.71
CA ALA A 16 23.25 4.95 3.77
C ALA A 16 21.90 5.02 4.46
N LYS A 17 21.26 3.87 4.65
CA LYS A 17 19.96 3.81 5.29
C LYS A 17 19.81 2.51 6.08
N LYS A 18 19.03 2.56 7.15
CA LYS A 18 18.80 1.39 7.99
C LYS A 18 17.38 1.38 8.53
N ALA A 19 16.63 0.32 8.20
CA ALA A 19 15.25 0.19 8.66
C ALA A 19 14.68 -1.18 8.29
N GLU A 20 14.27 -1.93 9.30
CA GLU A 20 13.72 -3.26 9.10
C GLU A 20 12.43 -3.44 9.89
N VAL A 21 11.31 -3.09 9.29
CA VAL A 21 10.01 -3.22 9.94
C VAL A 21 9.25 -4.44 9.43
N ASN A 22 8.43 -5.02 10.29
CA ASN A 22 7.64 -6.19 9.93
C ASN A 22 6.17 -5.84 9.80
N THR A 23 5.76 -5.44 8.60
CA THR A 23 4.37 -5.08 8.34
C THR A 23 3.75 -6.00 7.30
N ILE A 24 2.51 -5.70 6.92
CA ILE A 24 1.79 -6.50 5.93
C ILE A 24 2.35 -6.27 4.54
N PRO A 25 2.74 -7.36 3.86
CA PRO A 25 3.29 -7.30 2.51
C PRO A 25 2.25 -6.91 1.47
N GLY A 26 1.04 -6.63 1.94
CA GLY A 26 -0.04 -6.26 1.03
C GLY A 26 -1.41 -6.47 1.64
N PHE A 27 -2.33 -5.54 1.37
CA PHE A 27 -3.68 -5.63 1.89
C PHE A 27 -4.69 -5.88 0.78
N ASP A 28 -5.07 -7.14 0.61
CA ASP A 28 -6.02 -7.52 -0.43
C ASP A 28 -7.45 -7.32 0.05
N GLY A 29 -7.61 -6.53 1.10
CA GLY A 29 -8.93 -6.27 1.65
C GLY A 29 -9.71 -5.26 0.83
N VAL A 30 -10.70 -4.63 1.47
CA VAL A 30 -11.51 -3.63 0.79
C VAL A 30 -11.70 -2.38 1.66
N VAL A 31 -11.73 -1.23 1.02
CA VAL A 31 -11.91 0.03 1.73
C VAL A 31 -13.36 0.50 1.68
N LYS A 32 -13.81 1.11 2.76
CA LYS A 32 -15.18 1.61 2.84
C LYS A 32 -15.24 3.09 2.47
N ASP A 33 -14.36 3.89 3.06
CA ASP A 33 -14.31 5.32 2.78
C ASP A 33 -12.87 5.83 2.82
N ALA A 34 -12.63 6.95 2.15
CA ALA A 34 -11.30 7.55 2.10
C ALA A 34 -10.62 7.46 3.46
N GLU A 35 -11.33 7.85 4.51
CA GLU A 35 -10.79 7.80 5.87
C GLU A 35 -10.13 6.45 6.15
N GLU A 36 -10.90 5.39 5.97
CA GLU A 36 -10.40 4.04 6.21
C GLU A 36 -9.16 3.77 5.37
N ALA A 37 -9.17 4.23 4.13
CA ALA A 37 -8.05 4.04 3.22
C ALA A 37 -6.75 4.58 3.83
N VAL A 38 -6.86 5.70 4.53
CA VAL A 38 -5.70 6.33 5.15
C VAL A 38 -5.13 5.43 6.26
N ARG A 39 -6.00 5.04 7.18
CA ARG A 39 -5.59 4.18 8.30
C ARG A 39 -4.91 2.92 7.79
N ILE A 40 -5.58 2.21 6.88
CA ILE A 40 -5.04 0.99 6.31
C ILE A 40 -3.67 1.23 5.67
N ALA A 41 -3.58 2.30 4.89
CA ALA A 41 -2.33 2.64 4.22
C ALA A 41 -1.20 2.86 5.23
N ARG A 42 -1.47 3.70 6.22
CA ARG A 42 -0.48 3.99 7.26
C ARG A 42 0.08 2.70 7.84
N GLU A 43 -0.78 1.70 8.00
CA GLU A 43 -0.36 0.41 8.56
C GLU A 43 0.60 -0.31 7.62
N ILE A 44 0.30 -0.25 6.33
CA ILE A 44 1.14 -0.90 5.32
C ILE A 44 2.49 -0.19 5.20
N GLY A 45 2.48 1.12 5.34
CA GLY A 45 3.71 1.89 5.25
C GLY A 45 3.91 2.49 3.88
N TYR A 46 3.56 3.77 3.74
CA TYR A 46 3.71 4.46 2.46
C TYR A 46 5.10 4.23 1.87
N PRO A 47 5.20 4.32 0.54
CA PRO A 47 4.05 4.63 -0.33
C PRO A 47 3.05 3.48 -0.38
N VAL A 48 1.83 3.77 -0.83
CA VAL A 48 0.79 2.77 -0.94
C VAL A 48 0.05 2.87 -2.26
N MET A 49 0.04 1.77 -3.02
CA MET A 49 -0.63 1.75 -4.31
C MET A 49 -2.10 1.38 -4.15
N ILE A 50 -2.97 2.09 -4.85
CA ILE A 50 -4.41 1.84 -4.79
C ILE A 50 -4.95 1.39 -6.14
N LYS A 51 -5.75 0.34 -6.13
CA LYS A 51 -6.34 -0.19 -7.36
C LYS A 51 -7.83 -0.43 -7.19
N ALA A 52 -8.55 -0.47 -8.31
CA ALA A 52 -9.99 -0.68 -8.28
C ALA A 52 -10.32 -2.15 -8.03
N SER A 53 -11.02 -2.41 -6.93
CA SER A 53 -11.39 -3.78 -6.57
C SER A 53 -12.02 -4.50 -7.76
N ALA A 54 -12.98 -3.84 -8.41
CA ALA A 54 -13.66 -4.41 -9.56
C ALA A 54 -12.66 -4.98 -10.56
N GLY A 55 -11.59 -4.23 -10.80
CA GLY A 55 -10.57 -4.66 -11.75
C GLY A 55 -9.22 -4.05 -11.47
N GLY A 56 -8.61 -4.44 -10.37
CA GLY A 56 -7.30 -3.91 -10.01
C GLY A 56 -6.19 -4.46 -10.87
N GLY A 57 -5.12 -4.93 -10.23
CA GLY A 57 -4.00 -5.49 -10.97
C GLY A 57 -2.82 -4.54 -11.03
N GLY A 58 -2.85 -3.60 -11.96
CA GLY A 58 -1.77 -2.65 -12.10
C GLY A 58 -1.56 -2.20 -13.52
N LYS A 59 -2.58 -1.56 -14.09
CA LYS A 59 -2.52 -1.08 -15.47
C LYS A 59 -2.58 0.44 -15.52
N GLY A 60 -3.56 1.01 -14.81
CA GLY A 60 -3.71 2.45 -14.78
C GLY A 60 -4.34 2.94 -13.50
N MET A 61 -3.88 2.40 -12.38
CA MET A 61 -4.40 2.79 -11.07
C MET A 61 -3.65 4.01 -10.53
N ARG A 62 -3.99 4.40 -9.30
CA ARG A 62 -3.35 5.55 -8.67
C ARG A 62 -2.54 5.13 -7.44
N ILE A 63 -1.58 5.95 -7.06
CA ILE A 63 -0.75 5.66 -5.90
C ILE A 63 -0.66 6.86 -4.96
N ALA A 64 -0.67 6.59 -3.66
CA ALA A 64 -0.59 7.65 -2.67
C ALA A 64 0.69 7.53 -1.84
N TRP A 65 1.18 8.67 -1.34
CA TRP A 65 2.40 8.68 -0.55
C TRP A 65 2.11 9.22 0.86
N ASP A 66 0.98 9.90 1.01
CA ASP A 66 0.60 10.47 2.29
C ASP A 66 -0.92 10.50 2.44
N ASP A 67 -1.38 10.60 3.68
CA ASP A 67 -2.81 10.64 3.95
C ASP A 67 -3.54 11.52 2.94
N GLU A 68 -2.98 12.71 2.70
CA GLU A 68 -3.58 13.65 1.74
C GLU A 68 -3.81 12.99 0.40
N GLU A 69 -2.80 12.30 -0.11
CA GLU A 69 -2.89 11.62 -1.39
C GLU A 69 -3.86 10.45 -1.31
N THR A 70 -3.70 9.61 -0.29
CA THR A 70 -4.55 8.45 -0.10
C THR A 70 -6.01 8.78 -0.41
N ARG A 71 -6.47 9.93 0.11
CA ARG A 71 -7.84 10.36 -0.11
C ARG A 71 -8.04 10.83 -1.56
N ASP A 72 -7.11 11.66 -2.03
CA ASP A 72 -7.19 12.18 -3.40
C ASP A 72 -7.41 11.05 -4.40
N GLY A 73 -6.59 10.00 -4.30
CA GLY A 73 -6.72 8.88 -5.20
C GLY A 73 -7.95 8.03 -4.91
N PHE A 74 -8.31 7.94 -3.64
CA PHE A 74 -9.47 7.16 -3.23
C PHE A 74 -10.75 7.74 -3.81
N ARG A 75 -10.86 9.07 -3.80
CA ARG A 75 -12.03 9.74 -4.32
C ARG A 75 -12.21 9.44 -5.81
N LEU A 76 -11.12 9.49 -6.56
CA LEU A 76 -11.16 9.24 -7.99
C LEU A 76 -11.24 7.74 -8.26
N SER A 77 -10.23 6.99 -7.84
CA SER A 77 -10.20 5.56 -8.04
C SER A 77 -11.55 4.93 -7.72
N SER A 78 -12.31 5.58 -6.85
CA SER A 78 -13.62 5.09 -6.46
C SER A 78 -14.62 5.24 -7.60
N GLN A 79 -14.81 6.47 -8.06
CA GLN A 79 -15.74 6.75 -9.15
C GLN A 79 -15.36 5.96 -10.40
N GLU A 80 -14.06 5.81 -10.62
CA GLU A 80 -13.57 5.08 -11.79
C GLU A 80 -14.10 3.65 -11.80
N ALA A 81 -13.87 2.93 -10.71
CA ALA A 81 -14.34 1.55 -10.58
C ALA A 81 -15.83 1.45 -10.86
N ALA A 82 -16.58 2.46 -10.42
CA ALA A 82 -18.02 2.49 -10.62
C ALA A 82 -18.38 2.67 -12.10
N SER A 83 -17.91 3.76 -12.68
CA SER A 83 -18.18 4.04 -14.09
C SER A 83 -17.45 3.06 -15.00
N SER A 84 -16.54 2.29 -14.41
CA SER A 84 -15.77 1.30 -15.17
C SER A 84 -16.50 -0.04 -15.20
N PHE A 85 -16.72 -0.61 -14.02
CA PHE A 85 -17.41 -1.89 -13.91
C PHE A 85 -18.70 -1.75 -13.12
N GLY A 86 -18.64 -1.01 -12.02
CA GLY A 86 -19.82 -0.81 -11.19
C GLY A 86 -19.52 -0.93 -9.71
N ASP A 87 -18.45 -1.65 -9.39
CA ASP A 87 -18.06 -1.84 -7.99
C ASP A 87 -17.13 -0.73 -7.53
N ASP A 88 -17.70 0.28 -6.88
CA ASP A 88 -16.92 1.41 -6.38
C ASP A 88 -15.79 0.93 -5.48
N ARG A 89 -15.97 -0.25 -4.90
CA ARG A 89 -14.96 -0.81 -4.00
C ARG A 89 -13.55 -0.48 -4.49
N LEU A 90 -12.61 -0.41 -3.55
CA LEU A 90 -11.23 -0.09 -3.88
C LEU A 90 -10.28 -1.09 -3.21
N LEU A 91 -8.99 -0.99 -3.57
CA LEU A 91 -7.99 -1.88 -3.00
C LEU A 91 -6.72 -1.10 -2.65
N ILE A 92 -5.91 -1.67 -1.76
CA ILE A 92 -4.68 -1.03 -1.34
C ILE A 92 -3.56 -2.06 -1.16
N GLU A 93 -2.42 -1.80 -1.79
CA GLU A 93 -1.27 -2.70 -1.69
C GLU A 93 0.01 -1.93 -1.39
N LYS A 94 1.03 -2.64 -0.94
CA LYS A 94 2.31 -2.03 -0.61
C LYS A 94 3.09 -1.69 -1.87
N PHE A 95 3.54 -0.44 -1.97
CA PHE A 95 4.30 0.01 -3.13
C PHE A 95 5.80 0.04 -2.82
N ILE A 96 6.57 -0.79 -3.53
CA ILE A 96 8.01 -0.85 -3.32
C ILE A 96 8.75 -0.64 -4.65
N ASP A 97 9.40 0.50 -4.77
CA ASP A 97 10.15 0.83 -5.98
C ASP A 97 11.22 -0.23 -6.25
N ASN A 98 12.17 -0.34 -5.33
CA ASN A 98 13.25 -1.32 -5.46
C ASN A 98 12.81 -2.69 -4.97
N PRO A 99 13.28 -3.75 -5.64
CA PRO A 99 12.96 -5.13 -5.28
C PRO A 99 13.62 -5.56 -3.98
N ARG A 100 14.43 -4.68 -3.41
CA ARG A 100 15.12 -4.96 -2.17
C ARG A 100 14.21 -5.70 -1.19
N HIS A 101 14.74 -6.72 -0.54
CA HIS A 101 13.98 -7.51 0.42
C HIS A 101 14.89 -8.37 1.28
N ILE A 102 14.89 -8.10 2.59
CA ILE A 102 15.74 -8.85 3.51
C ILE A 102 14.93 -9.30 4.73
N SER A 103 14.90 -10.62 4.97
CA SER A 103 14.17 -11.17 6.10
C SER A 103 14.84 -10.79 7.41
N GLY A 104 14.07 -10.86 8.50
CA GLY A 104 14.60 -10.52 9.81
C GLY A 104 13.85 -9.37 10.45
N PRO A 105 12.73 -9.68 11.11
CA PRO A 105 11.90 -8.68 11.78
C PRO A 105 12.58 -8.11 13.03
N SER A 106 13.36 -7.06 12.83
CA SER A 106 14.06 -6.41 13.93
C SER A 106 13.14 -6.22 15.13
N SER A 107 13.59 -6.66 16.30
CA SER A 107 12.80 -6.53 17.52
C SER A 107 13.07 -5.20 18.21
N GLY A 108 11.99 -4.52 18.59
CA GLY A 108 12.12 -3.23 19.26
C GLY A 108 12.24 -3.36 20.76
N GLY A 1 68.00 9.79 -8.97
CA GLY A 1 67.11 8.65 -9.02
C GLY A 1 65.81 8.95 -9.74
N SER A 2 64.83 8.07 -9.59
CA SER A 2 63.53 8.25 -10.24
C SER A 2 62.42 8.39 -9.20
N SER A 3 61.22 8.71 -9.67
CA SER A 3 60.08 8.89 -8.79
C SER A 3 59.04 7.81 -9.04
N GLY A 4 58.56 7.71 -10.28
CA GLY A 4 57.57 6.71 -10.62
C GLY A 4 56.21 7.00 -9.99
N SER A 5 55.21 6.25 -10.41
CA SER A 5 53.85 6.43 -9.88
C SER A 5 52.95 5.27 -10.30
N SER A 6 51.78 5.19 -9.68
CA SER A 6 50.83 4.13 -9.98
C SER A 6 49.49 4.39 -9.27
N GLY A 7 48.41 3.91 -9.87
CA GLY A 7 47.10 4.09 -9.29
C GLY A 7 46.67 2.90 -8.44
N ASP A 8 45.49 3.01 -7.83
CA ASP A 8 44.97 1.94 -6.98
C ASP A 8 43.45 2.01 -6.91
N LYS A 9 42.82 0.84 -6.90
CA LYS A 9 41.36 0.75 -6.83
C LYS A 9 40.93 0.11 -5.52
N ILE A 10 39.93 0.73 -4.87
CA ILE A 10 39.42 0.21 -3.61
C ILE A 10 37.89 0.19 -3.61
N GLU A 11 37.31 -0.92 -3.16
CA GLU A 11 35.87 -1.06 -3.11
C GLU A 11 35.44 -1.90 -1.89
N SER A 12 34.22 -1.69 -1.44
CA SER A 12 33.70 -2.42 -0.28
C SER A 12 32.22 -2.12 -0.08
N LYS A 13 31.41 -3.18 -0.12
CA LYS A 13 29.96 -3.04 0.06
C LYS A 13 29.53 -3.61 1.41
N LEU A 14 28.83 -2.79 2.19
CA LEU A 14 28.35 -3.21 3.51
C LEU A 14 26.83 -3.08 3.60
N LEU A 15 26.18 -3.01 2.44
CA LEU A 15 24.73 -2.89 2.40
C LEU A 15 24.06 -4.16 2.90
N ALA A 16 23.87 -4.24 4.21
CA ALA A 16 23.23 -5.40 4.82
C ALA A 16 22.81 -5.12 6.26
N LYS A 17 21.53 -5.32 6.55
CA LYS A 17 21.01 -5.08 7.89
C LYS A 17 20.03 -6.17 8.29
N LYS A 18 19.79 -6.30 9.58
CA LYS A 18 18.87 -7.31 10.10
C LYS A 18 17.66 -6.65 10.76
N ALA A 19 16.69 -6.26 9.93
CA ALA A 19 15.48 -5.62 10.43
C ALA A 19 14.28 -5.96 9.55
N GLU A 20 13.14 -6.22 10.18
CA GLU A 20 11.92 -6.57 9.47
C GLU A 20 10.68 -6.19 10.28
N VAL A 21 9.61 -5.84 9.58
CA VAL A 21 8.36 -5.47 10.23
C VAL A 21 7.44 -6.67 10.40
N ASN A 22 6.58 -6.62 11.41
CA ASN A 22 5.65 -7.71 11.67
C ASN A 22 4.24 -7.33 11.23
N THR A 23 4.14 -6.52 10.18
CA THR A 23 2.85 -6.08 9.67
C THR A 23 2.42 -6.94 8.48
N ILE A 24 1.29 -6.59 7.89
CA ILE A 24 0.77 -7.32 6.73
C ILE A 24 1.55 -6.98 5.47
N PRO A 25 2.01 -8.02 4.77
CA PRO A 25 2.78 -7.86 3.53
C PRO A 25 1.92 -7.35 2.38
N GLY A 26 0.65 -7.08 2.67
CA GLY A 26 -0.25 -6.59 1.65
C GLY A 26 -1.71 -6.72 2.05
N PHE A 27 -2.44 -5.62 2.00
CA PHE A 27 -3.86 -5.62 2.35
C PHE A 27 -4.72 -5.98 1.15
N ASP A 28 -5.29 -7.18 1.17
CA ASP A 28 -6.15 -7.65 0.08
C ASP A 28 -7.62 -7.39 0.40
N GLY A 29 -7.87 -6.65 1.48
CA GLY A 29 -9.23 -6.36 1.87
C GLY A 29 -9.90 -5.38 0.92
N VAL A 30 -10.82 -4.58 1.46
CA VAL A 30 -11.54 -3.59 0.65
C VAL A 30 -11.85 -2.34 1.45
N VAL A 31 -11.56 -1.18 0.87
CA VAL A 31 -11.81 0.09 1.53
C VAL A 31 -13.27 0.51 1.41
N LYS A 32 -13.75 1.25 2.40
CA LYS A 32 -15.13 1.71 2.41
C LYS A 32 -15.22 3.22 2.15
N ASP A 33 -14.36 3.97 2.85
CA ASP A 33 -14.34 5.42 2.70
C ASP A 33 -12.91 5.94 2.69
N ALA A 34 -12.72 7.15 2.18
CA ALA A 34 -11.40 7.76 2.11
C ALA A 34 -10.67 7.63 3.44
N GLU A 35 -11.34 8.00 4.52
CA GLU A 35 -10.76 7.94 5.85
C GLU A 35 -10.23 6.54 6.14
N GLU A 36 -11.02 5.53 5.79
CA GLU A 36 -10.63 4.14 6.02
C GLU A 36 -9.39 3.79 5.22
N ALA A 37 -9.31 4.29 3.99
CA ALA A 37 -8.17 4.04 3.12
C ALA A 37 -6.87 4.54 3.75
N VAL A 38 -6.97 5.69 4.43
CA VAL A 38 -5.80 6.28 5.07
C VAL A 38 -5.26 5.39 6.18
N ARG A 39 -6.16 4.97 7.08
CA ARG A 39 -5.78 4.10 8.19
C ARG A 39 -5.07 2.85 7.68
N ILE A 40 -5.73 2.11 6.80
CA ILE A 40 -5.15 0.90 6.25
C ILE A 40 -3.79 1.17 5.62
N ALA A 41 -3.72 2.24 4.84
CA ALA A 41 -2.48 2.62 4.17
C ALA A 41 -1.35 2.84 5.19
N ARG A 42 -1.64 3.65 6.20
CA ARG A 42 -0.65 3.95 7.24
C ARG A 42 -0.08 2.66 7.83
N GLU A 43 -0.93 1.65 7.98
CA GLU A 43 -0.50 0.37 8.53
C GLU A 43 0.41 -0.36 7.56
N ILE A 44 0.14 -0.21 6.27
CA ILE A 44 0.93 -0.86 5.24
C ILE A 44 2.29 -0.17 5.07
N GLY A 45 2.32 1.13 5.36
CA GLY A 45 3.55 1.89 5.24
C GLY A 45 3.73 2.50 3.86
N TYR A 46 3.58 3.81 3.77
CA TYR A 46 3.73 4.51 2.49
C TYR A 46 5.14 4.35 1.94
N PRO A 47 5.26 4.45 0.60
CA PRO A 47 4.11 4.69 -0.28
C PRO A 47 3.18 3.49 -0.36
N VAL A 48 1.96 3.73 -0.81
CA VAL A 48 0.96 2.67 -0.93
C VAL A 48 0.24 2.75 -2.28
N MET A 49 0.22 1.63 -2.99
CA MET A 49 -0.45 1.58 -4.29
C MET A 49 -1.92 1.23 -4.13
N ILE A 50 -2.79 2.01 -4.77
CA ILE A 50 -4.23 1.79 -4.70
C ILE A 50 -4.79 1.37 -6.06
N LYS A 51 -5.66 0.37 -6.05
CA LYS A 51 -6.27 -0.13 -7.27
C LYS A 51 -7.77 -0.39 -7.07
N ALA A 52 -8.51 -0.42 -8.17
CA ALA A 52 -9.94 -0.67 -8.11
C ALA A 52 -10.23 -2.16 -7.99
N SER A 53 -10.66 -2.59 -6.80
CA SER A 53 -10.96 -3.99 -6.55
C SER A 53 -11.73 -4.60 -7.73
N ALA A 54 -12.72 -3.85 -8.23
CA ALA A 54 -13.51 -4.32 -9.35
C ALA A 54 -12.63 -4.91 -10.45
N GLY A 55 -11.50 -4.27 -10.70
CA GLY A 55 -10.58 -4.75 -11.72
C GLY A 55 -9.23 -4.08 -11.64
N GLY A 56 -8.57 -4.23 -10.50
CA GLY A 56 -7.25 -3.64 -10.32
C GLY A 56 -6.22 -4.21 -11.26
N GLY A 57 -5.12 -4.72 -10.70
CA GLY A 57 -4.07 -5.30 -11.50
C GLY A 57 -3.17 -4.25 -12.12
N GLY A 58 -2.77 -3.27 -11.33
CA GLY A 58 -1.91 -2.21 -11.83
C GLY A 58 -2.39 -1.64 -13.15
N LYS A 59 -3.71 -1.59 -13.33
CA LYS A 59 -4.30 -1.08 -14.57
C LYS A 59 -4.41 0.44 -14.52
N GLY A 60 -3.29 1.13 -14.70
CA GLY A 60 -3.28 2.57 -14.68
C GLY A 60 -3.88 3.13 -13.41
N MET A 61 -3.74 2.40 -12.31
CA MET A 61 -4.27 2.83 -11.02
C MET A 61 -3.50 4.04 -10.49
N ARG A 62 -3.85 4.47 -9.29
CA ARG A 62 -3.19 5.61 -8.67
C ARG A 62 -2.43 5.19 -7.41
N ILE A 63 -1.41 5.96 -7.06
CA ILE A 63 -0.61 5.67 -5.88
C ILE A 63 -0.57 6.86 -4.92
N ALA A 64 -0.56 6.57 -3.63
CA ALA A 64 -0.53 7.61 -2.61
C ALA A 64 0.73 7.50 -1.76
N TRP A 65 1.31 8.65 -1.43
CA TRP A 65 2.53 8.68 -0.61
C TRP A 65 2.23 9.26 0.77
N ASP A 66 1.11 9.96 0.89
CA ASP A 66 0.72 10.55 2.17
C ASP A 66 -0.80 10.51 2.34
N ASP A 67 -1.25 10.62 3.58
CA ASP A 67 -2.67 10.58 3.89
C ASP A 67 -3.46 11.44 2.90
N GLU A 68 -2.96 12.64 2.63
CA GLU A 68 -3.61 13.55 1.70
C GLU A 68 -3.79 12.90 0.33
N GLU A 69 -2.74 12.22 -0.14
CA GLU A 69 -2.77 11.56 -1.43
C GLU A 69 -3.73 10.37 -1.41
N THR A 70 -3.79 9.70 -0.27
CA THR A 70 -4.67 8.53 -0.12
C THR A 70 -6.12 8.92 -0.33
N ARG A 71 -6.55 9.99 0.34
CA ARG A 71 -7.93 10.47 0.23
C ARG A 71 -8.21 10.98 -1.19
N ASP A 72 -7.27 11.73 -1.73
CA ASP A 72 -7.41 12.29 -3.08
C ASP A 72 -7.37 11.19 -4.13
N GLY A 73 -6.59 10.13 -3.85
CA GLY A 73 -6.48 9.03 -4.78
C GLY A 73 -7.61 8.04 -4.64
N PHE A 74 -8.11 7.87 -3.42
CA PHE A 74 -9.20 6.94 -3.16
C PHE A 74 -10.49 7.40 -3.83
N ARG A 75 -10.69 8.72 -3.84
CA ARG A 75 -11.89 9.29 -4.45
C ARG A 75 -11.90 9.05 -5.96
N LEU A 76 -10.79 9.37 -6.61
CA LEU A 76 -10.68 9.19 -8.06
C LEU A 76 -10.82 7.72 -8.43
N SER A 77 -9.87 6.90 -7.99
CA SER A 77 -9.89 5.47 -8.28
C SER A 77 -11.27 4.88 -8.01
N SER A 78 -12.01 5.50 -7.09
CA SER A 78 -13.35 5.04 -6.74
C SER A 78 -14.35 5.36 -7.85
N GLN A 79 -14.49 6.64 -8.16
CA GLN A 79 -15.41 7.08 -9.21
C GLN A 79 -15.24 6.23 -10.46
N GLU A 80 -13.99 5.91 -10.79
CA GLU A 80 -13.70 5.10 -11.97
C GLU A 80 -14.40 3.74 -11.90
N ALA A 81 -13.93 2.90 -10.98
CA ALA A 81 -14.51 1.57 -10.81
C ALA A 81 -16.04 1.64 -10.79
N ALA A 82 -16.57 2.58 -10.03
CA ALA A 82 -18.01 2.76 -9.93
C ALA A 82 -18.70 2.42 -11.26
N SER A 83 -18.23 3.05 -12.33
CA SER A 83 -18.81 2.81 -13.65
C SER A 83 -17.98 1.79 -14.43
N SER A 84 -16.67 2.04 -14.52
CA SER A 84 -15.77 1.16 -15.23
C SER A 84 -16.22 -0.30 -15.11
N PHE A 85 -16.69 -0.66 -13.91
CA PHE A 85 -17.15 -2.02 -13.65
C PHE A 85 -18.57 -2.01 -13.09
N GLY A 86 -18.81 -1.15 -12.11
CA GLY A 86 -20.13 -1.07 -11.51
C GLY A 86 -20.07 -0.85 -10.01
N ASP A 87 -18.93 -1.18 -9.40
CA ASP A 87 -18.75 -1.02 -7.97
C ASP A 87 -17.61 -0.04 -7.67
N ASP A 88 -17.63 0.53 -6.48
CA ASP A 88 -16.60 1.48 -6.07
C ASP A 88 -15.59 0.82 -5.14
N ARG A 89 -15.45 -0.49 -5.25
CA ARG A 89 -14.52 -1.23 -4.40
C ARG A 89 -13.08 -0.95 -4.80
N LEU A 90 -12.29 -0.49 -3.84
CA LEU A 90 -10.89 -0.17 -4.07
C LEU A 90 -9.97 -1.14 -3.33
N LEU A 91 -8.67 -1.00 -3.56
CA LEU A 91 -7.70 -1.86 -2.90
C LEU A 91 -6.44 -1.07 -2.53
N ILE A 92 -5.67 -1.60 -1.59
CA ILE A 92 -4.43 -0.96 -1.15
C ILE A 92 -3.34 -1.98 -0.91
N GLU A 93 -2.26 -1.88 -1.71
CA GLU A 93 -1.14 -2.79 -1.57
C GLU A 93 0.17 -2.03 -1.41
N LYS A 94 1.13 -2.65 -0.73
CA LYS A 94 2.43 -2.02 -0.50
C LYS A 94 3.08 -1.62 -1.82
N PHE A 95 3.65 -0.42 -1.86
CA PHE A 95 4.31 0.07 -3.07
C PHE A 95 5.82 0.09 -2.88
N ILE A 96 6.52 -0.65 -3.73
CA ILE A 96 7.97 -0.72 -3.67
C ILE A 96 8.60 -0.30 -5.00
N ASP A 97 9.10 0.94 -5.04
CA ASP A 97 9.73 1.46 -6.25
C ASP A 97 11.12 0.88 -6.44
N ASN A 98 11.85 0.72 -5.33
CA ASN A 98 13.20 0.18 -5.37
C ASN A 98 13.17 -1.33 -5.64
N PRO A 99 14.23 -1.83 -6.29
CA PRO A 99 14.34 -3.26 -6.61
C PRO A 99 14.56 -4.12 -5.37
N ARG A 100 14.62 -3.48 -4.21
CA ARG A 100 14.83 -4.19 -2.95
C ARG A 100 13.65 -5.13 -2.67
N HIS A 101 13.97 -6.41 -2.48
CA HIS A 101 12.94 -7.41 -2.21
C HIS A 101 12.66 -7.49 -0.70
N ILE A 102 12.33 -6.35 -0.10
CA ILE A 102 12.04 -6.31 1.33
C ILE A 102 11.06 -7.41 1.72
N SER A 103 10.03 -7.61 0.90
CA SER A 103 9.02 -8.63 1.16
C SER A 103 9.27 -9.87 0.31
N GLY A 104 9.39 -11.02 0.97
CA GLY A 104 9.63 -12.26 0.25
C GLY A 104 8.67 -13.36 0.68
N PRO A 105 9.08 -14.62 0.47
CA PRO A 105 8.26 -15.78 0.82
C PRO A 105 8.14 -15.98 2.33
N SER A 106 7.19 -16.80 2.74
CA SER A 106 6.97 -17.07 4.15
C SER A 106 7.32 -18.51 4.50
N SER A 107 8.36 -18.68 5.31
CA SER A 107 8.81 -20.00 5.72
C SER A 107 9.04 -20.90 4.50
N GLY A 108 9.69 -20.35 3.48
CA GLY A 108 9.96 -21.10 2.28
C GLY A 108 11.41 -21.00 1.83
N GLY A 1 59.31 14.21 -4.52
CA GLY A 1 58.31 14.10 -5.55
C GLY A 1 57.08 14.94 -5.27
N SER A 2 56.45 15.44 -6.32
CA SER A 2 55.26 16.28 -6.17
C SER A 2 54.31 16.07 -7.35
N SER A 3 53.19 15.41 -7.09
CA SER A 3 52.20 15.14 -8.13
C SER A 3 51.00 16.06 -7.97
N GLY A 4 50.42 16.47 -9.10
CA GLY A 4 49.27 17.35 -9.07
C GLY A 4 47.97 16.60 -8.88
N SER A 5 46.85 17.31 -9.01
CA SER A 5 45.53 16.70 -8.84
C SER A 5 45.55 15.68 -7.71
N SER A 6 46.07 16.09 -6.56
CA SER A 6 46.15 15.21 -5.39
C SER A 6 44.80 15.16 -4.67
N GLY A 7 43.97 14.19 -5.05
CA GLY A 7 42.66 14.05 -4.43
C GLY A 7 42.17 12.62 -4.44
N ASP A 8 42.75 11.79 -3.57
CA ASP A 8 42.37 10.39 -3.48
C ASP A 8 41.87 10.04 -2.08
N LYS A 9 40.57 9.79 -1.96
CA LYS A 9 39.98 9.45 -0.67
C LYS A 9 39.48 8.01 -0.66
N ILE A 10 39.07 7.54 0.50
CA ILE A 10 38.57 6.18 0.65
C ILE A 10 37.74 5.77 -0.56
N GLU A 11 36.84 6.65 -0.98
CA GLU A 11 35.98 6.39 -2.12
C GLU A 11 35.21 5.09 -1.93
N SER A 12 34.65 4.90 -0.74
CA SER A 12 33.89 3.69 -0.42
C SER A 12 33.03 3.91 0.81
N LYS A 13 31.72 3.72 0.66
CA LYS A 13 30.79 3.89 1.76
C LYS A 13 29.61 2.93 1.63
N LEU A 14 29.19 2.36 2.74
CA LEU A 14 28.06 1.42 2.75
C LEU A 14 26.74 2.15 3.02
N LEU A 15 25.64 1.55 2.60
CA LEU A 15 24.32 2.13 2.79
C LEU A 15 23.76 1.76 4.16
N ALA A 16 23.64 2.76 5.03
CA ALA A 16 23.12 2.54 6.37
C ALA A 16 21.64 2.94 6.46
N LYS A 17 20.76 1.99 6.15
CA LYS A 17 19.33 2.24 6.19
C LYS A 17 18.63 1.27 7.13
N LYS A 18 17.73 1.79 7.95
CA LYS A 18 16.98 0.97 8.91
C LYS A 18 15.54 0.82 8.47
N ALA A 19 15.24 -0.31 7.83
CA ALA A 19 13.88 -0.59 7.37
C ALA A 19 13.51 -2.05 7.58
N GLU A 20 12.42 -2.28 8.31
CA GLU A 20 11.96 -3.63 8.59
C GLU A 20 10.44 -3.69 8.65
N VAL A 21 9.87 -4.76 8.11
CA VAL A 21 8.42 -4.93 8.10
C VAL A 21 8.01 -6.13 8.95
N ASN A 22 7.12 -5.90 9.92
CA ASN A 22 6.65 -6.96 10.80
C ASN A 22 5.19 -7.29 10.51
N THR A 23 4.37 -6.25 10.37
CA THR A 23 2.95 -6.44 10.10
C THR A 23 2.73 -7.05 8.73
N ILE A 24 1.47 -7.18 8.34
CA ILE A 24 1.12 -7.76 7.04
C ILE A 24 1.69 -6.92 5.90
N PRO A 25 2.47 -7.56 5.03
CA PRO A 25 3.10 -6.89 3.88
C PRO A 25 2.06 -6.51 2.81
N GLY A 26 0.80 -6.77 3.11
CA GLY A 26 -0.26 -6.44 2.16
C GLY A 26 -1.58 -6.14 2.85
N PHE A 27 -2.65 -6.07 2.07
CA PHE A 27 -3.97 -5.77 2.60
C PHE A 27 -5.03 -5.88 1.52
N ASP A 28 -5.92 -6.85 1.66
CA ASP A 28 -7.00 -7.05 0.69
C ASP A 28 -8.35 -6.65 1.28
N GLY A 29 -8.31 -5.89 2.36
CA GLY A 29 -9.53 -5.44 3.00
C GLY A 29 -10.14 -4.24 2.31
N VAL A 30 -11.01 -4.49 1.33
CA VAL A 30 -11.67 -3.42 0.60
C VAL A 30 -11.98 -2.24 1.50
N VAL A 31 -11.69 -1.04 1.02
CA VAL A 31 -11.94 0.18 1.79
C VAL A 31 -13.40 0.61 1.68
N LYS A 32 -13.85 1.42 2.64
CA LYS A 32 -15.23 1.90 2.65
C LYS A 32 -15.28 3.40 2.39
N ASP A 33 -14.31 4.13 2.93
CA ASP A 33 -14.25 5.56 2.75
C ASP A 33 -12.79 6.04 2.66
N ALA A 34 -12.62 7.33 2.40
CA ALA A 34 -11.28 7.91 2.30
C ALA A 34 -10.54 7.80 3.62
N GLU A 35 -11.21 8.17 4.71
CA GLU A 35 -10.60 8.12 6.03
C GLU A 35 -10.07 6.72 6.34
N GLU A 36 -10.91 5.71 6.12
CA GLU A 36 -10.54 4.33 6.37
C GLU A 36 -9.31 3.95 5.54
N ALA A 37 -9.25 4.45 4.31
CA ALA A 37 -8.14 4.16 3.42
C ALA A 37 -6.83 4.71 3.98
N VAL A 38 -6.92 5.84 4.67
CA VAL A 38 -5.74 6.48 5.26
C VAL A 38 -5.21 5.65 6.43
N ARG A 39 -6.10 5.24 7.31
CA ARG A 39 -5.72 4.44 8.47
C ARG A 39 -5.05 3.14 8.04
N ILE A 40 -5.57 2.54 6.97
CA ILE A 40 -5.04 1.29 6.46
C ILE A 40 -3.68 1.51 5.79
N ALA A 41 -3.62 2.48 4.90
CA ALA A 41 -2.37 2.79 4.20
C ALA A 41 -1.22 2.98 5.18
N ARG A 42 -1.44 3.80 6.19
CA ARG A 42 -0.42 4.07 7.20
C ARG A 42 0.12 2.77 7.78
N GLU A 43 -0.77 1.80 7.99
CA GLU A 43 -0.38 0.52 8.54
C GLU A 43 0.49 -0.26 7.56
N ILE A 44 0.15 -0.17 6.28
CA ILE A 44 0.90 -0.86 5.24
C ILE A 44 2.27 -0.22 5.04
N GLY A 45 2.34 1.09 5.25
CA GLY A 45 3.60 1.80 5.09
C GLY A 45 3.75 2.38 3.69
N TYR A 46 3.67 3.70 3.59
CA TYR A 46 3.81 4.37 2.30
C TYR A 46 5.18 4.13 1.69
N PRO A 47 5.26 4.20 0.35
CA PRO A 47 4.11 4.48 -0.49
C PRO A 47 3.10 3.33 -0.51
N VAL A 48 1.85 3.65 -0.80
CA VAL A 48 0.80 2.64 -0.85
C VAL A 48 -0.02 2.76 -2.13
N MET A 49 -0.11 1.66 -2.88
CA MET A 49 -0.85 1.64 -4.12
C MET A 49 -2.33 1.38 -3.86
N ILE A 50 -3.19 1.93 -4.73
CA ILE A 50 -4.63 1.76 -4.59
C ILE A 50 -5.26 1.31 -5.91
N LYS A 51 -5.83 0.11 -5.91
CA LYS A 51 -6.46 -0.44 -7.10
C LYS A 51 -7.97 -0.58 -6.90
N ALA A 52 -8.68 -0.89 -7.97
CA ALA A 52 -10.13 -1.06 -7.91
C ALA A 52 -10.50 -2.53 -7.79
N SER A 53 -10.85 -2.96 -6.58
CA SER A 53 -11.22 -4.34 -6.33
C SER A 53 -12.05 -4.91 -7.49
N ALA A 54 -12.94 -4.07 -8.03
CA ALA A 54 -13.79 -4.49 -9.14
C ALA A 54 -12.96 -5.14 -10.25
N GLY A 55 -11.91 -4.44 -10.69
CA GLY A 55 -11.06 -4.97 -11.74
C GLY A 55 -9.67 -4.38 -11.71
N GLY A 56 -8.93 -4.66 -10.65
CA GLY A 56 -7.58 -4.14 -10.53
C GLY A 56 -6.82 -4.18 -11.84
N GLY A 57 -5.78 -3.35 -11.95
CA GLY A 57 -4.99 -3.33 -13.16
C GLY A 57 -3.50 -3.40 -12.88
N GLY A 58 -2.97 -2.38 -12.23
CA GLY A 58 -1.55 -2.35 -11.92
C GLY A 58 -0.78 -1.40 -12.80
N LYS A 59 -1.24 -1.21 -14.02
CA LYS A 59 -0.60 -0.31 -14.96
C LYS A 59 -1.52 0.85 -15.35
N GLY A 60 -2.32 1.29 -14.39
CA GLY A 60 -3.24 2.38 -14.64
C GLY A 60 -3.80 2.98 -13.36
N MET A 61 -3.96 2.15 -12.35
CA MET A 61 -4.49 2.61 -11.06
C MET A 61 -3.69 3.79 -10.54
N ARG A 62 -4.05 4.27 -9.35
CA ARG A 62 -3.37 5.41 -8.74
C ARG A 62 -2.65 4.98 -7.47
N ILE A 63 -1.60 5.71 -7.11
CA ILE A 63 -0.82 5.41 -5.92
C ILE A 63 -0.74 6.63 -5.00
N ALA A 64 -0.75 6.38 -3.70
CA ALA A 64 -0.67 7.45 -2.71
C ALA A 64 0.60 7.33 -1.87
N TRP A 65 1.21 8.47 -1.58
CA TRP A 65 2.43 8.50 -0.77
C TRP A 65 2.16 9.04 0.62
N ASP A 66 1.01 9.69 0.80
CA ASP A 66 0.63 10.25 2.08
C ASP A 66 -0.89 10.35 2.21
N ASP A 67 -1.37 10.43 3.45
CA ASP A 67 -2.80 10.52 3.70
C ASP A 67 -3.48 11.40 2.65
N GLU A 68 -2.98 12.63 2.50
CA GLU A 68 -3.55 13.56 1.53
C GLU A 68 -3.74 12.89 0.18
N GLU A 69 -2.72 12.16 -0.27
CA GLU A 69 -2.77 11.48 -1.55
C GLU A 69 -3.74 10.29 -1.50
N THR A 70 -3.72 9.57 -0.38
CA THR A 70 -4.60 8.42 -0.20
C THR A 70 -6.06 8.79 -0.44
N ARG A 71 -6.53 9.80 0.29
CA ARG A 71 -7.91 10.25 0.15
C ARG A 71 -8.18 10.78 -1.26
N ASP A 72 -7.31 11.66 -1.73
CA ASP A 72 -7.44 12.24 -3.06
C ASP A 72 -7.49 11.14 -4.12
N GLY A 73 -6.72 10.07 -3.90
CA GLY A 73 -6.70 8.97 -4.85
C GLY A 73 -7.86 8.01 -4.66
N PHE A 74 -8.34 7.89 -3.42
CA PHE A 74 -9.45 7.00 -3.13
C PHE A 74 -10.74 7.51 -3.76
N ARG A 75 -10.84 8.82 -3.90
CA ARG A 75 -12.03 9.44 -4.49
C ARG A 75 -12.06 9.23 -6.00
N LEU A 76 -10.89 9.40 -6.63
CA LEU A 76 -10.79 9.23 -8.07
C LEU A 76 -10.80 7.75 -8.46
N SER A 77 -10.13 6.93 -7.64
CA SER A 77 -10.07 5.50 -7.90
C SER A 77 -11.43 4.84 -7.66
N SER A 78 -12.23 5.46 -6.81
CA SER A 78 -13.56 4.94 -6.48
C SER A 78 -14.55 5.26 -7.59
N GLN A 79 -14.58 6.52 -8.01
CA GLN A 79 -15.49 6.95 -9.06
C GLN A 79 -15.25 6.17 -10.35
N GLU A 80 -14.00 5.77 -10.56
CA GLU A 80 -13.65 5.01 -11.76
C GLU A 80 -14.31 3.64 -11.74
N ALA A 81 -13.87 2.78 -10.83
CA ALA A 81 -14.43 1.43 -10.71
C ALA A 81 -15.95 1.47 -10.69
N ALA A 82 -16.51 2.41 -9.93
CA ALA A 82 -17.96 2.55 -9.82
C ALA A 82 -18.61 2.43 -11.19
N SER A 83 -17.95 2.95 -12.22
CA SER A 83 -18.47 2.91 -13.57
C SER A 83 -17.69 1.92 -14.43
N SER A 84 -16.39 2.16 -14.56
CA SER A 84 -15.53 1.29 -15.36
C SER A 84 -15.97 -0.16 -15.25
N PHE A 85 -16.49 -0.53 -14.08
CA PHE A 85 -16.95 -1.90 -13.84
C PHE A 85 -18.37 -1.90 -13.29
N GLY A 86 -18.63 -1.01 -12.32
CA GLY A 86 -19.94 -0.93 -11.72
C GLY A 86 -19.88 -0.71 -10.22
N ASP A 87 -18.90 -1.34 -9.58
CA ASP A 87 -18.73 -1.20 -8.13
C ASP A 87 -17.62 -0.21 -7.80
N ASP A 88 -17.67 0.35 -6.59
CA ASP A 88 -16.68 1.32 -6.16
C ASP A 88 -15.66 0.66 -5.24
N ARG A 89 -15.63 -0.67 -5.23
CA ARG A 89 -14.71 -1.42 -4.39
C ARG A 89 -13.26 -1.05 -4.71
N LEU A 90 -12.50 -0.72 -3.68
CA LEU A 90 -11.10 -0.34 -3.85
C LEU A 90 -10.18 -1.30 -3.09
N LEU A 91 -8.89 -1.18 -3.33
CA LEU A 91 -7.90 -2.03 -2.66
C LEU A 91 -6.64 -1.24 -2.30
N ILE A 92 -5.87 -1.77 -1.36
CA ILE A 92 -4.65 -1.11 -0.93
C ILE A 92 -3.53 -2.13 -0.69
N GLU A 93 -2.42 -1.98 -1.41
CA GLU A 93 -1.29 -2.88 -1.27
C GLU A 93 0.01 -2.10 -1.08
N LYS A 94 1.00 -2.76 -0.50
CA LYS A 94 2.30 -2.13 -0.27
C LYS A 94 3.05 -1.93 -1.58
N PHE A 95 3.57 -0.72 -1.78
CA PHE A 95 4.32 -0.40 -2.99
C PHE A 95 5.81 -0.27 -2.70
N ILE A 96 6.61 -1.11 -3.34
CA ILE A 96 8.06 -1.08 -3.16
C ILE A 96 8.79 -1.16 -4.49
N ASP A 97 9.54 -0.11 -4.80
CA ASP A 97 10.30 -0.07 -6.05
C ASP A 97 11.41 -1.10 -6.05
N ASN A 98 12.38 -0.93 -5.15
CA ASN A 98 13.50 -1.85 -5.04
C ASN A 98 13.12 -3.10 -4.25
N PRO A 99 13.61 -4.26 -4.70
CA PRO A 99 13.33 -5.54 -4.03
C PRO A 99 14.01 -5.66 -2.68
N ARG A 100 13.57 -6.63 -1.89
CA ARG A 100 14.14 -6.85 -0.56
C ARG A 100 14.48 -8.32 -0.36
N HIS A 101 15.72 -8.58 0.06
CA HIS A 101 16.17 -9.95 0.31
C HIS A 101 16.12 -10.29 1.79
N ILE A 102 16.72 -9.43 2.61
CA ILE A 102 16.74 -9.64 4.05
C ILE A 102 15.42 -10.21 4.54
N SER A 103 14.33 -9.60 4.11
CA SER A 103 12.99 -10.04 4.51
C SER A 103 12.51 -11.19 3.62
N GLY A 104 11.30 -11.65 3.88
CA GLY A 104 10.74 -12.75 3.09
C GLY A 104 9.70 -13.54 3.86
N PRO A 105 8.76 -14.16 3.12
CA PRO A 105 7.69 -14.95 3.71
C PRO A 105 8.20 -16.25 4.33
N SER A 106 8.37 -16.26 5.65
CA SER A 106 8.85 -17.44 6.35
C SER A 106 8.00 -17.73 7.58
N SER A 107 8.21 -18.89 8.18
CA SER A 107 7.46 -19.30 9.36
C SER A 107 7.75 -18.38 10.54
N GLY A 108 9.02 -18.04 10.71
CA GLY A 108 9.41 -17.16 11.80
C GLY A 108 10.92 -17.14 12.02
N GLY A 1 8.42 54.99 21.82
CA GLY A 1 9.27 53.90 21.38
C GLY A 1 10.35 53.56 22.39
N SER A 2 10.51 52.27 22.67
CA SER A 2 11.51 51.82 23.63
C SER A 2 11.79 50.33 23.47
N SER A 3 12.94 49.89 23.97
CA SER A 3 13.32 48.48 23.87
C SER A 3 12.53 47.63 24.86
N GLY A 4 12.70 46.32 24.76
CA GLY A 4 11.99 45.41 25.65
C GLY A 4 11.41 44.22 24.91
N SER A 5 11.71 43.02 25.38
CA SER A 5 11.22 41.79 24.75
C SER A 5 11.49 40.59 25.65
N SER A 6 10.57 39.63 25.64
CA SER A 6 10.71 38.42 26.44
C SER A 6 11.76 37.49 25.85
N GLY A 7 12.39 36.70 26.71
CA GLY A 7 13.41 35.78 26.25
C GLY A 7 13.17 34.36 26.71
N ASP A 8 12.40 33.60 25.93
CA ASP A 8 12.08 32.23 26.26
C ASP A 8 11.91 31.39 25.00
N LYS A 9 12.36 30.14 25.05
CA LYS A 9 12.25 29.24 23.91
C LYS A 9 11.71 27.87 24.35
N ILE A 10 11.13 27.15 23.40
CA ILE A 10 10.57 25.83 23.69
C ILE A 10 11.49 24.73 23.18
N GLU A 11 12.42 24.30 24.02
CA GLU A 11 13.35 23.24 23.66
C GLU A 11 13.43 22.18 24.75
N SER A 12 13.14 20.94 24.37
CA SER A 12 13.18 19.83 25.32
C SER A 12 13.30 18.49 24.59
N LYS A 13 13.97 17.53 25.22
CA LYS A 13 14.16 16.21 24.63
C LYS A 13 12.90 15.37 24.78
N LEU A 14 12.10 15.31 23.72
CA LEU A 14 10.87 14.54 23.72
C LEU A 14 11.01 13.28 22.89
N LEU A 15 10.44 12.18 23.37
CA LEU A 15 10.50 10.90 22.66
C LEU A 15 9.60 10.92 21.43
N ALA A 16 8.33 11.25 21.64
CA ALA A 16 7.37 11.32 20.54
C ALA A 16 7.51 10.12 19.61
N LYS A 17 7.51 8.91 20.18
CA LYS A 17 7.65 7.70 19.40
C LYS A 17 6.56 6.69 19.75
N LYS A 18 5.97 6.09 18.73
CA LYS A 18 4.91 5.11 18.93
C LYS A 18 5.43 3.69 18.71
N ALA A 19 5.73 3.00 19.80
CA ALA A 19 6.23 1.63 19.71
C ALA A 19 5.11 0.64 19.43
N GLU A 20 5.02 0.19 18.19
CA GLU A 20 3.99 -0.76 17.79
C GLU A 20 4.52 -1.76 16.78
N VAL A 21 4.00 -2.98 16.82
CA VAL A 21 4.43 -4.03 15.90
C VAL A 21 3.23 -4.71 15.23
N ASN A 22 2.28 -3.89 14.77
CA ASN A 22 1.08 -4.40 14.12
C ASN A 22 0.98 -3.87 12.69
N THR A 23 2.05 -4.03 11.92
CA THR A 23 2.07 -3.57 10.53
C THR A 23 2.09 -4.74 9.57
N ILE A 24 1.22 -4.68 8.55
CA ILE A 24 1.14 -5.73 7.55
C ILE A 24 1.73 -5.28 6.23
N PRO A 25 2.61 -6.10 5.66
CA PRO A 25 3.27 -5.81 4.38
C PRO A 25 2.31 -5.88 3.20
N GLY A 26 1.07 -6.27 3.49
CA GLY A 26 0.06 -6.37 2.44
C GLY A 26 -1.35 -6.22 2.97
N PHE A 27 -2.30 -6.05 2.06
CA PHE A 27 -3.70 -5.89 2.45
C PHE A 27 -4.62 -6.05 1.24
N ASP A 28 -5.81 -6.58 1.48
CA ASP A 28 -6.79 -6.79 0.42
C ASP A 28 -8.16 -6.28 0.83
N GLY A 29 -8.49 -6.43 2.11
CA GLY A 29 -9.77 -5.97 2.60
C GLY A 29 -10.22 -4.68 1.96
N VAL A 30 -11.03 -4.79 0.91
CA VAL A 30 -11.52 -3.61 0.20
C VAL A 30 -11.83 -2.48 1.17
N VAL A 31 -11.55 -1.25 0.75
CA VAL A 31 -11.81 -0.07 1.57
C VAL A 31 -13.28 0.30 1.56
N LYS A 32 -13.72 0.99 2.61
CA LYS A 32 -15.11 1.42 2.72
C LYS A 32 -15.26 2.89 2.37
N ASP A 33 -14.28 3.69 2.74
CA ASP A 33 -14.30 5.12 2.47
C ASP A 33 -12.89 5.71 2.47
N ALA A 34 -12.74 6.90 1.92
CA ALA A 34 -11.44 7.57 1.87
C ALA A 34 -10.77 7.54 3.23
N GLU A 35 -11.50 7.98 4.26
CA GLU A 35 -10.97 8.02 5.61
C GLU A 35 -10.38 6.66 6.01
N GLU A 36 -11.11 5.60 5.69
CA GLU A 36 -10.67 4.25 6.01
C GLU A 36 -9.42 3.89 5.23
N ALA A 37 -9.32 4.39 4.01
CA ALA A 37 -8.18 4.13 3.15
C ALA A 37 -6.91 4.77 3.71
N VAL A 38 -7.08 5.91 4.39
CA VAL A 38 -5.95 6.61 4.98
C VAL A 38 -5.35 5.84 6.15
N ARG A 39 -6.23 5.35 7.03
CA ARG A 39 -5.79 4.60 8.19
C ARG A 39 -5.08 3.30 7.77
N ILE A 40 -5.77 2.50 6.97
CA ILE A 40 -5.21 1.24 6.49
C ILE A 40 -3.82 1.44 5.90
N ALA A 41 -3.68 2.48 5.09
CA ALA A 41 -2.39 2.79 4.46
C ALA A 41 -1.31 3.01 5.51
N ARG A 42 -1.56 3.94 6.43
CA ARG A 42 -0.61 4.24 7.49
C ARG A 42 -0.15 2.97 8.19
N GLU A 43 -1.00 1.95 8.19
CA GLU A 43 -0.68 0.69 8.82
C GLU A 43 0.21 -0.17 7.91
N ILE A 44 0.04 0.00 6.61
CA ILE A 44 0.82 -0.75 5.64
C ILE A 44 2.22 -0.16 5.47
N GLY A 45 2.31 1.17 5.61
CA GLY A 45 3.58 1.84 5.47
C GLY A 45 3.78 2.43 4.09
N TYR A 46 3.59 3.74 3.97
CA TYR A 46 3.76 4.41 2.68
C TYR A 46 5.14 4.17 2.10
N PRO A 47 5.25 4.23 0.77
CA PRO A 47 4.11 4.51 -0.10
C PRO A 47 3.10 3.37 -0.14
N VAL A 48 1.87 3.67 -0.53
CA VAL A 48 0.82 2.66 -0.61
C VAL A 48 0.11 2.70 -1.97
N MET A 49 0.13 1.57 -2.65
CA MET A 49 -0.50 1.47 -3.97
C MET A 49 -1.99 1.16 -3.82
N ILE A 50 -2.83 1.95 -4.49
CA ILE A 50 -4.28 1.75 -4.44
C ILE A 50 -4.82 1.37 -5.82
N LYS A 51 -5.76 0.43 -5.82
CA LYS A 51 -6.37 -0.03 -7.06
C LYS A 51 -7.86 -0.31 -6.87
N ALA A 52 -8.56 -0.57 -7.96
CA ALA A 52 -9.99 -0.86 -7.91
C ALA A 52 -10.24 -2.35 -7.72
N SER A 53 -10.68 -2.72 -6.51
CA SER A 53 -10.96 -4.12 -6.20
C SER A 53 -11.72 -4.78 -7.33
N ALA A 54 -12.54 -4.00 -8.03
CA ALA A 54 -13.33 -4.52 -9.14
C ALA A 54 -12.44 -4.92 -10.31
N GLY A 55 -11.46 -4.06 -10.62
CA GLY A 55 -10.56 -4.33 -11.72
C GLY A 55 -9.23 -3.62 -11.57
N GLY A 56 -8.32 -4.23 -10.79
CA GLY A 56 -7.02 -3.64 -10.57
C GLY A 56 -6.05 -3.92 -11.70
N GLY A 57 -5.03 -4.71 -11.41
CA GLY A 57 -4.04 -5.06 -12.42
C GLY A 57 -2.82 -4.15 -12.37
N GLY A 58 -3.07 -2.84 -12.47
CA GLY A 58 -1.96 -1.90 -12.44
C GLY A 58 -2.03 -0.90 -13.59
N LYS A 59 -3.18 -0.86 -14.27
CA LYS A 59 -3.36 0.06 -15.39
C LYS A 59 -4.58 0.95 -15.17
N GLY A 60 -4.33 2.21 -14.83
CA GLY A 60 -5.42 3.15 -14.60
C GLY A 60 -5.53 3.55 -13.15
N MET A 61 -5.22 2.63 -12.25
CA MET A 61 -5.29 2.90 -10.82
C MET A 61 -4.37 4.06 -10.44
N ARG A 62 -4.26 4.32 -9.14
CA ARG A 62 -3.41 5.40 -8.65
C ARG A 62 -2.70 5.00 -7.37
N ILE A 63 -1.61 5.69 -7.06
CA ILE A 63 -0.84 5.40 -5.85
C ILE A 63 -0.70 6.64 -4.98
N ALA A 64 -0.48 6.43 -3.69
CA ALA A 64 -0.32 7.53 -2.75
C ALA A 64 0.93 7.34 -1.89
N TRP A 65 1.49 8.45 -1.41
CA TRP A 65 2.69 8.41 -0.58
C TRP A 65 2.42 9.04 0.78
N ASP A 66 1.25 9.66 0.93
CA ASP A 66 0.88 10.29 2.19
C ASP A 66 -0.62 10.19 2.43
N ASP A 67 -1.07 10.66 3.59
CA ASP A 67 -2.49 10.63 3.94
C ASP A 67 -3.31 11.41 2.92
N GLU A 68 -2.88 12.62 2.63
CA GLU A 68 -3.59 13.47 1.67
C GLU A 68 -3.70 12.79 0.32
N GLU A 69 -2.60 12.19 -0.13
CA GLU A 69 -2.58 11.50 -1.41
C GLU A 69 -3.55 10.33 -1.42
N THR A 70 -3.57 9.57 -0.33
CA THR A 70 -4.45 8.41 -0.21
C THR A 70 -5.89 8.78 -0.58
N ARG A 71 -6.40 9.83 0.05
CA ARG A 71 -7.76 10.28 -0.21
C ARG A 71 -7.93 10.68 -1.68
N ASP A 72 -7.17 11.68 -2.10
CA ASP A 72 -7.24 12.15 -3.48
C ASP A 72 -7.22 10.98 -4.47
N GLY A 73 -6.42 9.96 -4.13
CA GLY A 73 -6.32 8.79 -5.00
C GLY A 73 -7.46 7.81 -4.78
N PHE A 74 -8.04 7.83 -3.58
CA PHE A 74 -9.13 6.93 -3.25
C PHE A 74 -10.43 7.39 -3.92
N ARG A 75 -10.60 8.70 -4.01
CA ARG A 75 -11.80 9.28 -4.63
C ARG A 75 -11.82 9.02 -6.13
N LEU A 76 -10.66 9.18 -6.76
CA LEU A 76 -10.55 8.96 -8.20
C LEU A 76 -10.61 7.47 -8.53
N SER A 77 -9.75 6.69 -7.90
CA SER A 77 -9.71 5.25 -8.13
C SER A 77 -11.08 4.63 -7.89
N SER A 78 -11.83 5.19 -6.94
CA SER A 78 -13.15 4.68 -6.61
C SER A 78 -14.14 4.99 -7.74
N GLN A 79 -14.20 6.25 -8.15
CA GLN A 79 -15.10 6.66 -9.22
C GLN A 79 -14.86 5.85 -10.48
N GLU A 80 -13.60 5.50 -10.72
CA GLU A 80 -13.24 4.72 -11.90
C GLU A 80 -13.86 3.32 -11.84
N ALA A 81 -13.85 2.73 -10.66
CA ALA A 81 -14.41 1.39 -10.47
C ALA A 81 -15.93 1.43 -10.50
N ALA A 82 -16.49 2.56 -10.08
CA ALA A 82 -17.94 2.73 -10.05
C ALA A 82 -18.50 2.82 -11.47
N SER A 83 -17.74 3.44 -12.35
CA SER A 83 -18.18 3.61 -13.74
C SER A 83 -17.59 2.50 -14.63
N SER A 84 -16.45 1.98 -14.22
CA SER A 84 -15.79 0.92 -14.98
C SER A 84 -16.62 -0.36 -14.97
N PHE A 85 -16.70 -0.98 -13.79
CA PHE A 85 -17.47 -2.21 -13.64
C PHE A 85 -18.85 -1.93 -13.06
N GLY A 86 -18.90 -1.02 -12.09
CA GLY A 86 -20.17 -0.68 -11.46
C GLY A 86 -20.02 -0.41 -9.98
N ASP A 87 -19.13 -1.16 -9.33
CA ASP A 87 -18.91 -1.00 -7.89
C ASP A 87 -17.73 -0.07 -7.63
N ASP A 88 -17.72 0.56 -6.46
CA ASP A 88 -16.65 1.48 -6.09
C ASP A 88 -15.64 0.80 -5.16
N ARG A 89 -15.46 -0.51 -5.34
CA ARG A 89 -14.54 -1.28 -4.52
C ARG A 89 -13.10 -0.91 -4.86
N LEU A 90 -12.31 -0.63 -3.82
CA LEU A 90 -10.90 -0.28 -4.01
C LEU A 90 -9.99 -1.29 -3.32
N LEU A 91 -8.69 -1.06 -3.43
CA LEU A 91 -7.71 -1.96 -2.81
C LEU A 91 -6.48 -1.17 -2.35
N ILE A 92 -5.70 -1.77 -1.46
CA ILE A 92 -4.50 -1.14 -0.94
C ILE A 92 -3.39 -2.16 -0.71
N GLU A 93 -2.24 -1.93 -1.34
CA GLU A 93 -1.10 -2.84 -1.20
C GLU A 93 0.18 -2.06 -0.93
N LYS A 94 1.14 -2.71 -0.29
CA LYS A 94 2.42 -2.09 0.02
C LYS A 94 3.23 -1.82 -1.24
N PHE A 95 3.68 -0.58 -1.41
CA PHE A 95 4.46 -0.21 -2.58
C PHE A 95 5.94 -0.12 -2.23
N ILE A 96 6.73 -1.03 -2.78
CA ILE A 96 8.16 -1.06 -2.54
C ILE A 96 8.95 -1.04 -3.85
N ASP A 97 9.75 0.01 -4.03
CA ASP A 97 10.55 0.15 -5.24
C ASP A 97 11.96 -0.35 -5.01
N ASN A 98 12.58 0.08 -3.91
CA ASN A 98 13.93 -0.33 -3.57
C ASN A 98 13.93 -1.41 -2.50
N PRO A 99 15.01 -2.21 -2.45
CA PRO A 99 15.15 -3.29 -1.49
C PRO A 99 15.34 -2.78 -0.07
N ARG A 100 15.28 -3.68 0.90
CA ARG A 100 15.45 -3.32 2.30
C ARG A 100 16.88 -3.59 2.76
N HIS A 101 17.32 -4.84 2.61
CA HIS A 101 18.67 -5.23 3.02
C HIS A 101 19.04 -4.58 4.34
N ILE A 102 18.12 -4.57 5.29
CA ILE A 102 18.35 -3.98 6.59
C ILE A 102 17.75 -4.84 7.70
N SER A 103 18.32 -4.72 8.89
CA SER A 103 17.84 -5.48 10.04
C SER A 103 18.48 -4.98 11.34
N GLY A 104 18.15 -5.65 12.45
CA GLY A 104 18.69 -5.25 13.73
C GLY A 104 20.19 -5.49 13.83
N PRO A 105 20.58 -6.78 13.76
CA PRO A 105 21.99 -7.17 13.84
C PRO A 105 22.79 -6.75 12.60
N SER A 106 22.20 -6.97 11.43
CA SER A 106 22.84 -6.61 10.18
C SER A 106 22.76 -5.12 9.92
N SER A 107 23.82 -4.40 10.27
CA SER A 107 23.86 -2.95 10.08
C SER A 107 23.67 -2.59 8.61
N GLY A 108 23.43 -1.31 8.34
CA GLY A 108 23.24 -0.85 6.99
C GLY A 108 24.21 -1.50 6.01
#